data_1FIP
# 
_entry.id   1FIP 
# 
_audit_conform.dict_name       mmcif_pdbx.dic 
_audit_conform.dict_version    5.385 
_audit_conform.dict_location   http://mmcif.pdb.org/dictionaries/ascii/mmcif_pdbx.dic 
# 
loop_
_database_2.database_id 
_database_2.database_code 
_database_2.pdbx_database_accession 
_database_2.pdbx_DOI 
PDB   1FIP         pdb_00001fip 10.2210/pdb1fip/pdb 
WWPDB D_1000173302 ?            ?                   
# 
loop_
_pdbx_audit_revision_history.ordinal 
_pdbx_audit_revision_history.data_content_type 
_pdbx_audit_revision_history.major_revision 
_pdbx_audit_revision_history.minor_revision 
_pdbx_audit_revision_history.revision_date 
1 'Structure model' 1 0 1995-02-14 
2 'Structure model' 1 1 2008-03-24 
3 'Structure model' 1 2 2011-07-13 
4 'Structure model' 1 3 2015-08-05 
5 'Structure model' 1 4 2024-02-07 
# 
_pdbx_audit_revision_details.ordinal             1 
_pdbx_audit_revision_details.revision_ordinal    1 
_pdbx_audit_revision_details.data_content_type   'Structure model' 
_pdbx_audit_revision_details.provider            repository 
_pdbx_audit_revision_details.type                'Initial release' 
_pdbx_audit_revision_details.description         ? 
_pdbx_audit_revision_details.details             ? 
# 
loop_
_pdbx_audit_revision_group.ordinal 
_pdbx_audit_revision_group.revision_ordinal 
_pdbx_audit_revision_group.data_content_type 
_pdbx_audit_revision_group.group 
1 2 'Structure model' 'Version format compliance' 
2 3 'Structure model' 'Version format compliance' 
3 4 'Structure model' 'Structure summary'         
4 5 'Structure model' 'Data collection'           
5 5 'Structure model' 'Database references'       
6 5 'Structure model' Other                       
7 5 'Structure model' 'Structure summary'         
# 
loop_
_pdbx_audit_revision_category.ordinal 
_pdbx_audit_revision_category.revision_ordinal 
_pdbx_audit_revision_category.data_content_type 
_pdbx_audit_revision_category.category 
1 5 'Structure model' chem_comp_atom       
2 5 'Structure model' chem_comp_bond       
3 5 'Structure model' database_2           
4 5 'Structure model' pdbx_database_status 
5 5 'Structure model' struct_keywords      
6 5 'Structure model' struct_ref_seq_dif   
# 
loop_
_pdbx_audit_revision_item.ordinal 
_pdbx_audit_revision_item.revision_ordinal 
_pdbx_audit_revision_item.data_content_type 
_pdbx_audit_revision_item.item 
1 5 'Structure model' '_database_2.pdbx_DOI'                
2 5 'Structure model' '_database_2.pdbx_database_accession' 
3 5 'Structure model' '_pdbx_database_status.process_site'  
4 5 'Structure model' '_struct_keywords.text'               
5 5 'Structure model' '_struct_ref_seq_dif.details'         
# 
_pdbx_database_status.status_code                     REL 
_pdbx_database_status.entry_id                        1FIP 
_pdbx_database_status.recvd_initial_deposition_date   1994-09-26 
_pdbx_database_status.deposit_site                    ? 
_pdbx_database_status.process_site                    BNL 
_pdbx_database_status.status_code_sf                  REL 
_pdbx_database_status.status_code_mr                  ? 
_pdbx_database_status.SG_entry                        ? 
_pdbx_database_status.status_code_cs                  ? 
_pdbx_database_status.methods_development_category    ? 
_pdbx_database_status.pdb_format_compatible           Y 
_pdbx_database_status.status_code_nmr_data            ? 
# 
loop_
_audit_author.name 
_audit_author.pdbx_ordinal 
'Yuan, H.S.'    1 
'Wang, S.S.'    2 
'Yang, W.-Z.'   3 
'Finkel, S.E.'  4 
'Johnson, R.C.' 5 
# 
_citation.id                        primary 
_citation.title                     
;The structure of Fis mutant Pro61Ala illustrates that the kink within the long alpha-helix is not due to the presence of the proline residue.
;
_citation.journal_abbrev            J.Biol.Chem. 
_citation.journal_volume            269 
_citation.page_first                28947 
_citation.page_last                 28954 
_citation.year                      1994 
_citation.journal_id_ASTM           JBCHA3 
_citation.country                   US 
_citation.journal_id_ISSN           0021-9258 
_citation.journal_id_CSD            0071 
_citation.book_publisher            ? 
_citation.pdbx_database_id_PubMed   7961857 
_citation.pdbx_database_id_DOI      ? 
# 
loop_
_citation_author.citation_id 
_citation_author.name 
_citation_author.ordinal 
_citation_author.identifier_ORCID 
primary 'Yuan, H.S.'    1 ? 
primary 'Wang, S.S.'    2 ? 
primary 'Yang, W.Z.'    3 ? 
primary 'Finkel, S.E.'  4 ? 
primary 'Johnson, R.C.' 5 ? 
# 
loop_
_entity.id 
_entity.type 
_entity.src_method 
_entity.pdbx_description 
_entity.formula_weight 
_entity.pdbx_number_of_molecules 
_entity.pdbx_ec 
_entity.pdbx_mutation 
_entity.pdbx_fragment 
_entity.details 
1 polymer man 'FACTOR FOR INVERSION STIMULATION (FIS)'                                11226.881 2  ? P61A ? ? 
2 polymer man 'UNKNOWN PEPTIDE, POSSIBLY PART OF THE UNOBSERVED RESIDUES IN ENTITY 1' 358.434   2  ? ?    ? ? 
3 water   nat water                                                                   18.015    74 ? ?    ? ? 
# 
loop_
_entity_poly.entity_id 
_entity_poly.type 
_entity_poly.nstd_linkage 
_entity_poly.nstd_monomer 
_entity_poly.pdbx_seq_one_letter_code 
_entity_poly.pdbx_seq_one_letter_code_can 
_entity_poly.pdbx_strand_id 
_entity_poly.pdbx_target_identifier 
1 'polypeptide(L)' no no 
;MFEQRVNSDVLTVSTVNSQDQVTQKPLRDSVKQALKNYFAQLNGQDVNDLYELVLAEVEQALLDMVMQYTRGNQTRAALM
MGINRGTLRKKLKKYGMN
;
;MFEQRVNSDVLTVSTVNSQDQVTQKPLRDSVKQALKNYFAQLNGQDVNDLYELVLAEVEQALLDMVMQYTRGNQTRAALM
MGINRGTLRKKLKKYGMN
;
A,B ? 
2 'polypeptide(L)' no no '(UNK)(UNK)(UNK)(UNK)'                                                                                
XXXX                                                                                                  C,D ? 
# 
_pdbx_entity_nonpoly.entity_id   3 
_pdbx_entity_nonpoly.name        water 
_pdbx_entity_nonpoly.comp_id     HOH 
# 
loop_
_entity_poly_seq.entity_id 
_entity_poly_seq.num 
_entity_poly_seq.mon_id 
_entity_poly_seq.hetero 
1 1  MET n 
1 2  PHE n 
1 3  GLU n 
1 4  GLN n 
1 5  ARG n 
1 6  VAL n 
1 7  ASN n 
1 8  SER n 
1 9  ASP n 
1 10 VAL n 
1 11 LEU n 
1 12 THR n 
1 13 VAL n 
1 14 SER n 
1 15 THR n 
1 16 VAL n 
1 17 ASN n 
1 18 SER n 
1 19 GLN n 
1 20 ASP n 
1 21 GLN n 
1 22 VAL n 
1 23 THR n 
1 24 GLN n 
1 25 LYS n 
1 26 PRO n 
1 27 LEU n 
1 28 ARG n 
1 29 ASP n 
1 30 SER n 
1 31 VAL n 
1 32 LYS n 
1 33 GLN n 
1 34 ALA n 
1 35 LEU n 
1 36 LYS n 
1 37 ASN n 
1 38 TYR n 
1 39 PHE n 
1 40 ALA n 
1 41 GLN n 
1 42 LEU n 
1 43 ASN n 
1 44 GLY n 
1 45 GLN n 
1 46 ASP n 
1 47 VAL n 
1 48 ASN n 
1 49 ASP n 
1 50 LEU n 
1 51 TYR n 
1 52 GLU n 
1 53 LEU n 
1 54 VAL n 
1 55 LEU n 
1 56 ALA n 
1 57 GLU n 
1 58 VAL n 
1 59 GLU n 
1 60 GLN n 
1 61 ALA n 
1 62 LEU n 
1 63 LEU n 
1 64 ASP n 
1 65 MET n 
1 66 VAL n 
1 67 MET n 
1 68 GLN n 
1 69 TYR n 
1 70 THR n 
1 71 ARG n 
1 72 GLY n 
1 73 ASN n 
1 74 GLN n 
1 75 THR n 
1 76 ARG n 
1 77 ALA n 
1 78 ALA n 
1 79 LEU n 
1 80 MET n 
1 81 MET n 
1 82 GLY n 
1 83 ILE n 
1 84 ASN n 
1 85 ARG n 
1 86 GLY n 
1 87 THR n 
1 88 LEU n 
1 89 ARG n 
1 90 LYS n 
1 91 LYS n 
1 92 LEU n 
1 93 LYS n 
1 94 LYS n 
1 95 TYR n 
1 96 GLY n 
1 97 MET n 
1 98 ASN n 
2 1  UNK n 
2 2  UNK n 
2 3  UNK n 
2 4  UNK n 
# 
_entity_src_gen.entity_id                          1 
_entity_src_gen.pdbx_src_id                        1 
_entity_src_gen.pdbx_alt_source_flag               sample 
_entity_src_gen.pdbx_seq_type                      ? 
_entity_src_gen.pdbx_beg_seq_num                   ? 
_entity_src_gen.pdbx_end_seq_num                   ? 
_entity_src_gen.gene_src_common_name               ? 
_entity_src_gen.gene_src_genus                     Escherichia 
_entity_src_gen.pdbx_gene_src_gene                 FIS 
_entity_src_gen.gene_src_species                   ? 
_entity_src_gen.gene_src_strain                    ? 
_entity_src_gen.gene_src_tissue                    ? 
_entity_src_gen.gene_src_tissue_fraction           ? 
_entity_src_gen.gene_src_details                   ? 
_entity_src_gen.pdbx_gene_src_fragment             ? 
_entity_src_gen.pdbx_gene_src_scientific_name      'Escherichia coli' 
_entity_src_gen.pdbx_gene_src_ncbi_taxonomy_id     562 
_entity_src_gen.pdbx_gene_src_variant              ? 
_entity_src_gen.pdbx_gene_src_cell_line            ? 
_entity_src_gen.pdbx_gene_src_atcc                 ? 
_entity_src_gen.pdbx_gene_src_organ                ? 
_entity_src_gen.pdbx_gene_src_organelle            ? 
_entity_src_gen.pdbx_gene_src_cell                 ? 
_entity_src_gen.pdbx_gene_src_cellular_location    ? 
_entity_src_gen.host_org_common_name               ? 
_entity_src_gen.pdbx_host_org_scientific_name      ? 
_entity_src_gen.pdbx_host_org_ncbi_taxonomy_id     ? 
_entity_src_gen.host_org_genus                     ? 
_entity_src_gen.pdbx_host_org_gene                 FIS 
_entity_src_gen.pdbx_host_org_organ                ? 
_entity_src_gen.host_org_species                   ? 
_entity_src_gen.pdbx_host_org_tissue               ? 
_entity_src_gen.pdbx_host_org_tissue_fraction      ? 
_entity_src_gen.pdbx_host_org_strain               ? 
_entity_src_gen.pdbx_host_org_variant              ? 
_entity_src_gen.pdbx_host_org_cell_line            ? 
_entity_src_gen.pdbx_host_org_atcc                 ? 
_entity_src_gen.pdbx_host_org_culture_collection   ? 
_entity_src_gen.pdbx_host_org_cell                 ? 
_entity_src_gen.pdbx_host_org_organelle            ? 
_entity_src_gen.pdbx_host_org_cellular_location    ? 
_entity_src_gen.pdbx_host_org_vector_type          ? 
_entity_src_gen.pdbx_host_org_vector               ? 
_entity_src_gen.host_org_details                   ? 
_entity_src_gen.expression_system_id               ? 
_entity_src_gen.plasmid_name                       ? 
_entity_src_gen.plasmid_details                    ? 
_entity_src_gen.pdbx_description                   ? 
# 
loop_
_chem_comp.id 
_chem_comp.type 
_chem_comp.mon_nstd_flag 
_chem_comp.name 
_chem_comp.pdbx_synonyms 
_chem_comp.formula 
_chem_comp.formula_weight 
ALA 'L-peptide linking' y ALANINE         ? 'C3 H7 N O2'     89.093  
ARG 'L-peptide linking' y ARGININE        ? 'C6 H15 N4 O2 1' 175.209 
ASN 'L-peptide linking' y ASPARAGINE      ? 'C4 H8 N2 O3'    132.118 
ASP 'L-peptide linking' y 'ASPARTIC ACID' ? 'C4 H7 N O4'     133.103 
GLN 'L-peptide linking' y GLUTAMINE       ? 'C5 H10 N2 O3'   146.144 
GLU 'L-peptide linking' y 'GLUTAMIC ACID' ? 'C5 H9 N O4'     147.129 
GLY 'peptide linking'   y GLYCINE         ? 'C2 H5 N O2'     75.067  
HOH non-polymer         . WATER           ? 'H2 O'           18.015  
ILE 'L-peptide linking' y ISOLEUCINE      ? 'C6 H13 N O2'    131.173 
LEU 'L-peptide linking' y LEUCINE         ? 'C6 H13 N O2'    131.173 
LYS 'L-peptide linking' y LYSINE          ? 'C6 H15 N2 O2 1' 147.195 
MET 'L-peptide linking' y METHIONINE      ? 'C5 H11 N O2 S'  149.211 
PHE 'L-peptide linking' y PHENYLALANINE   ? 'C9 H11 N O2'    165.189 
PRO 'L-peptide linking' y PROLINE         ? 'C5 H9 N O2'     115.130 
SER 'L-peptide linking' y SERINE          ? 'C3 H7 N O3'     105.093 
THR 'L-peptide linking' y THREONINE       ? 'C4 H9 N O3'     119.119 
TYR 'L-peptide linking' y TYROSINE        ? 'C9 H11 N O3'    181.189 
UNK 'L-peptide linking' . UNKNOWN         ? 'C4 H9 N O2'     103.120 
VAL 'L-peptide linking' y VALINE          ? 'C5 H11 N O2'    117.146 
# 
loop_
_pdbx_poly_seq_scheme.asym_id 
_pdbx_poly_seq_scheme.entity_id 
_pdbx_poly_seq_scheme.seq_id 
_pdbx_poly_seq_scheme.mon_id 
_pdbx_poly_seq_scheme.ndb_seq_num 
_pdbx_poly_seq_scheme.pdb_seq_num 
_pdbx_poly_seq_scheme.auth_seq_num 
_pdbx_poly_seq_scheme.pdb_mon_id 
_pdbx_poly_seq_scheme.auth_mon_id 
_pdbx_poly_seq_scheme.pdb_strand_id 
_pdbx_poly_seq_scheme.pdb_ins_code 
_pdbx_poly_seq_scheme.hetero 
A 1 1  MET 1  1  ?  ?   ?   A . n 
A 1 2  PHE 2  2  ?  ?   ?   A . n 
A 1 3  GLU 3  3  ?  ?   ?   A . n 
A 1 4  GLN 4  4  ?  ?   ?   A . n 
A 1 5  ARG 5  5  ?  ?   ?   A . n 
A 1 6  VAL 6  6  ?  ?   ?   A . n 
A 1 7  ASN 7  7  ?  ?   ?   A . n 
A 1 8  SER 8  8  ?  ?   ?   A . n 
A 1 9  ASP 9  9  ?  ?   ?   A . n 
A 1 10 VAL 10 10 ?  ?   ?   A . n 
A 1 11 LEU 11 11 ?  ?   ?   A . n 
A 1 12 THR 12 12 ?  ?   ?   A . n 
A 1 13 VAL 13 13 ?  ?   ?   A . n 
A 1 14 SER 14 14 ?  ?   ?   A . n 
A 1 15 THR 15 15 ?  ?   ?   A . n 
A 1 16 VAL 16 16 ?  ?   ?   A . n 
A 1 17 ASN 17 17 ?  ?   ?   A . n 
A 1 18 SER 18 18 ?  ?   ?   A . n 
A 1 19 GLN 19 19 ?  ?   ?   A . n 
A 1 20 ASP 20 20 ?  ?   ?   A . n 
A 1 21 GLN 21 21 ?  ?   ?   A . n 
A 1 22 VAL 22 22 ?  ?   ?   A . n 
A 1 23 THR 23 23 ?  ?   ?   A . n 
A 1 24 GLN 24 24 ?  ?   ?   A . n 
A 1 25 LYS 25 25 ?  ?   ?   A . n 
A 1 26 PRO 26 26 26 PRO PRO A . n 
A 1 27 LEU 27 27 27 LEU LEU A . n 
A 1 28 ARG 28 28 28 ARG ARG A . n 
A 1 29 ASP 29 29 29 ASP ASP A . n 
A 1 30 SER 30 30 30 SER SER A . n 
A 1 31 VAL 31 31 31 VAL VAL A . n 
A 1 32 LYS 32 32 32 LYS LYS A . n 
A 1 33 GLN 33 33 33 GLN GLN A . n 
A 1 34 ALA 34 34 34 ALA ALA A . n 
A 1 35 LEU 35 35 35 LEU LEU A . n 
A 1 36 LYS 36 36 36 LYS LYS A . n 
A 1 37 ASN 37 37 37 ASN ASN A . n 
A 1 38 TYR 38 38 38 TYR TYR A . n 
A 1 39 PHE 39 39 39 PHE PHE A . n 
A 1 40 ALA 40 40 40 ALA ALA A . n 
A 1 41 GLN 41 41 41 GLN GLN A . n 
A 1 42 LEU 42 42 42 LEU LEU A . n 
A 1 43 ASN 43 43 43 ASN ASN A . n 
A 1 44 GLY 44 44 44 GLY GLY A . n 
A 1 45 GLN 45 45 45 GLN GLN A . n 
A 1 46 ASP 46 46 46 ASP ASP A . n 
A 1 47 VAL 47 47 47 VAL VAL A . n 
A 1 48 ASN 48 48 48 ASN ASN A . n 
A 1 49 ASP 49 49 49 ASP ASP A . n 
A 1 50 LEU 50 50 50 LEU LEU A . n 
A 1 51 TYR 51 51 51 TYR TYR A . n 
A 1 52 GLU 52 52 52 GLU GLU A . n 
A 1 53 LEU 53 53 53 LEU LEU A . n 
A 1 54 VAL 54 54 54 VAL VAL A . n 
A 1 55 LEU 55 55 55 LEU LEU A . n 
A 1 56 ALA 56 56 56 ALA ALA A . n 
A 1 57 GLU 57 57 57 GLU GLU A . n 
A 1 58 VAL 58 58 58 VAL VAL A . n 
A 1 59 GLU 59 59 59 GLU GLU A . n 
A 1 60 GLN 60 60 60 GLN GLN A . n 
A 1 61 ALA 61 61 61 ALA ALA A . n 
A 1 62 LEU 62 62 62 LEU LEU A . n 
A 1 63 LEU 63 63 63 LEU LEU A . n 
A 1 64 ASP 64 64 64 ASP ASP A . n 
A 1 65 MET 65 65 65 MET MET A . n 
A 1 66 VAL 66 66 66 VAL VAL A . n 
A 1 67 MET 67 67 67 MET MET A . n 
A 1 68 GLN 68 68 68 GLN GLN A . n 
A 1 69 TYR 69 69 69 TYR TYR A . n 
A 1 70 THR 70 70 70 THR THR A . n 
A 1 71 ARG 71 71 71 ARG ARG A . n 
A 1 72 GLY 72 72 72 GLY GLY A . n 
A 1 73 ASN 73 73 73 ASN ASN A . n 
A 1 74 GLN 74 74 74 GLN GLN A . n 
A 1 75 THR 75 75 75 THR THR A . n 
A 1 76 ARG 76 76 76 ARG ARG A . n 
A 1 77 ALA 77 77 77 ALA ALA A . n 
A 1 78 ALA 78 78 78 ALA ALA A . n 
A 1 79 LEU 79 79 79 LEU LEU A . n 
A 1 80 MET 80 80 80 MET MET A . n 
A 1 81 MET 81 81 81 MET MET A . n 
A 1 82 GLY 82 82 82 GLY GLY A . n 
A 1 83 ILE 83 83 83 ILE ILE A . n 
A 1 84 ASN 84 84 84 ASN ASN A . n 
A 1 85 ARG 85 85 85 ARG ARG A . n 
A 1 86 GLY 86 86 86 GLY GLY A . n 
A 1 87 THR 87 87 87 THR THR A . n 
A 1 88 LEU 88 88 88 LEU LEU A . n 
A 1 89 ARG 89 89 89 ARG ARG A . n 
A 1 90 LYS 90 90 90 LYS LYS A . n 
A 1 91 LYS 91 91 91 LYS LYS A . n 
A 1 92 LEU 92 92 92 LEU LEU A . n 
A 1 93 LYS 93 93 93 LYS LYS A . n 
A 1 94 LYS 94 94 94 LYS LYS A . n 
A 1 95 TYR 95 95 95 TYR TYR A . n 
A 1 96 GLY 96 96 96 GLY GLY A . n 
A 1 97 MET 97 97 97 MET MET A . n 
A 1 98 ASN 98 98 98 ASN ASN A . n 
B 1 1  MET 1  1  ?  ?   ?   B . n 
B 1 2  PHE 2  2  ?  ?   ?   B . n 
B 1 3  GLU 3  3  ?  ?   ?   B . n 
B 1 4  GLN 4  4  ?  ?   ?   B . n 
B 1 5  ARG 5  5  ?  ?   ?   B . n 
B 1 6  VAL 6  6  ?  ?   ?   B . n 
B 1 7  ASN 7  7  ?  ?   ?   B . n 
B 1 8  SER 8  8  ?  ?   ?   B . n 
B 1 9  ASP 9  9  ?  ?   ?   B . n 
B 1 10 VAL 10 10 ?  ?   ?   B . n 
B 1 11 LEU 11 11 ?  ?   ?   B . n 
B 1 12 THR 12 12 ?  ?   ?   B . n 
B 1 13 VAL 13 13 ?  ?   ?   B . n 
B 1 14 SER 14 14 ?  ?   ?   B . n 
B 1 15 THR 15 15 ?  ?   ?   B . n 
B 1 16 VAL 16 16 ?  ?   ?   B . n 
B 1 17 ASN 17 17 ?  ?   ?   B . n 
B 1 18 SER 18 18 ?  ?   ?   B . n 
B 1 19 GLN 19 19 ?  ?   ?   B . n 
B 1 20 ASP 20 20 ?  ?   ?   B . n 
B 1 21 GLN 21 21 ?  ?   ?   B . n 
B 1 22 VAL 22 22 ?  ?   ?   B . n 
B 1 23 THR 23 23 ?  ?   ?   B . n 
B 1 24 GLN 24 24 ?  ?   ?   B . n 
B 1 25 LYS 25 25 ?  ?   ?   B . n 
B 1 26 PRO 26 26 26 PRO PRO B . n 
B 1 27 LEU 27 27 27 LEU LEU B . n 
B 1 28 ARG 28 28 28 ARG ARG B . n 
B 1 29 ASP 29 29 29 ASP ASP B . n 
B 1 30 SER 30 30 30 SER SER B . n 
B 1 31 VAL 31 31 31 VAL VAL B . n 
B 1 32 LYS 32 32 32 LYS LYS B . n 
B 1 33 GLN 33 33 33 GLN GLN B . n 
B 1 34 ALA 34 34 34 ALA ALA B . n 
B 1 35 LEU 35 35 35 LEU LEU B . n 
B 1 36 LYS 36 36 36 LYS LYS B . n 
B 1 37 ASN 37 37 37 ASN ASN B . n 
B 1 38 TYR 38 38 38 TYR TYR B . n 
B 1 39 PHE 39 39 39 PHE PHE B . n 
B 1 40 ALA 40 40 40 ALA ALA B . n 
B 1 41 GLN 41 41 41 GLN GLN B . n 
B 1 42 LEU 42 42 42 LEU LEU B . n 
B 1 43 ASN 43 43 43 ASN ASN B . n 
B 1 44 GLY 44 44 44 GLY GLY B . n 
B 1 45 GLN 45 45 45 GLN GLN B . n 
B 1 46 ASP 46 46 46 ASP ASP B . n 
B 1 47 VAL 47 47 47 VAL VAL B . n 
B 1 48 ASN 48 48 48 ASN ASN B . n 
B 1 49 ASP 49 49 49 ASP ASP B . n 
B 1 50 LEU 50 50 50 LEU LEU B . n 
B 1 51 TYR 51 51 51 TYR TYR B . n 
B 1 52 GLU 52 52 52 GLU GLU B . n 
B 1 53 LEU 53 53 53 LEU LEU B . n 
B 1 54 VAL 54 54 54 VAL VAL B . n 
B 1 55 LEU 55 55 55 LEU LEU B . n 
B 1 56 ALA 56 56 56 ALA ALA B . n 
B 1 57 GLU 57 57 57 GLU GLU B . n 
B 1 58 VAL 58 58 58 VAL VAL B . n 
B 1 59 GLU 59 59 59 GLU GLU B . n 
B 1 60 GLN 60 60 60 GLN GLN B . n 
B 1 61 ALA 61 61 61 ALA ALA B . n 
B 1 62 LEU 62 62 62 LEU LEU B . n 
B 1 63 LEU 63 63 63 LEU LEU B . n 
B 1 64 ASP 64 64 64 ASP ASP B . n 
B 1 65 MET 65 65 65 MET MET B . n 
B 1 66 VAL 66 66 66 VAL VAL B . n 
B 1 67 MET 67 67 67 MET MET B . n 
B 1 68 GLN 68 68 68 GLN GLN B . n 
B 1 69 TYR 69 69 69 TYR TYR B . n 
B 1 70 THR 70 70 70 THR THR B . n 
B 1 71 ARG 71 71 71 ARG ARG B . n 
B 1 72 GLY 72 72 72 GLY GLY B . n 
B 1 73 ASN 73 73 73 ASN ASN B . n 
B 1 74 GLN 74 74 74 GLN GLN B . n 
B 1 75 THR 75 75 75 THR THR B . n 
B 1 76 ARG 76 76 76 ARG ARG B . n 
B 1 77 ALA 77 77 77 ALA ALA B . n 
B 1 78 ALA 78 78 78 ALA ALA B . n 
B 1 79 LEU 79 79 79 LEU LEU B . n 
B 1 80 MET 80 80 80 MET MET B . n 
B 1 81 MET 81 81 81 MET MET B . n 
B 1 82 GLY 82 82 82 GLY GLY B . n 
B 1 83 ILE 83 83 83 ILE ILE B . n 
B 1 84 ASN 84 84 84 ASN ASN B . n 
B 1 85 ARG 85 85 85 ARG ARG B . n 
B 1 86 GLY 86 86 86 GLY GLY B . n 
B 1 87 THR 87 87 87 THR THR B . n 
B 1 88 LEU 88 88 88 LEU LEU B . n 
B 1 89 ARG 89 89 89 ARG ARG B . n 
B 1 90 LYS 90 90 90 LYS LYS B . n 
B 1 91 LYS 91 91 91 LYS LYS B . n 
B 1 92 LEU 92 92 92 LEU LEU B . n 
B 1 93 LYS 93 93 93 LYS LYS B . n 
B 1 94 LYS 94 94 94 LYS LYS B . n 
B 1 95 TYR 95 95 95 TYR TYR B . n 
B 1 96 GLY 96 96 96 GLY GLY B . n 
B 1 97 MET 97 97 97 MET MET B . n 
B 1 98 ASN 98 98 98 ASN ASN B . n 
C 2 1  UNK 1  20 20 UNK UNK C . n 
C 2 2  UNK 2  21 21 UNK UNK C . n 
C 2 3  UNK 3  22 22 UNK UNK C . n 
C 2 4  UNK 4  23 23 UNK UNK C . n 
D 2 1  UNK 1  20 20 UNK UNK D . n 
D 2 2  UNK 2  21 21 UNK UNK D . n 
D 2 3  UNK 3  22 22 UNK UNK D . n 
D 2 4  UNK 4  23 23 UNK UNK D . n 
# 
loop_
_pdbx_nonpoly_scheme.asym_id 
_pdbx_nonpoly_scheme.entity_id 
_pdbx_nonpoly_scheme.mon_id 
_pdbx_nonpoly_scheme.ndb_seq_num 
_pdbx_nonpoly_scheme.pdb_seq_num 
_pdbx_nonpoly_scheme.auth_seq_num 
_pdbx_nonpoly_scheme.pdb_mon_id 
_pdbx_nonpoly_scheme.auth_mon_id 
_pdbx_nonpoly_scheme.pdb_strand_id 
_pdbx_nonpoly_scheme.pdb_ins_code 
E 3 HOH 1  99  1  HOH HOH A . 
E 3 HOH 2  100 2  HOH HOH A . 
E 3 HOH 3  101 3  HOH HOH A . 
E 3 HOH 4  102 4  HOH HOH A . 
E 3 HOH 5  103 6  HOH HOH A . 
E 3 HOH 6  104 7  HOH HOH A . 
E 3 HOH 7  105 9  HOH HOH A . 
E 3 HOH 8  106 11 HOH HOH A . 
E 3 HOH 9  107 12 HOH HOH A . 
E 3 HOH 10 108 13 HOH HOH A . 
E 3 HOH 11 109 14 HOH HOH A . 
E 3 HOH 12 110 17 HOH HOH A . 
E 3 HOH 13 111 21 HOH HOH A . 
E 3 HOH 14 112 26 HOH HOH A . 
E 3 HOH 15 113 29 HOH HOH A . 
E 3 HOH 16 114 31 HOH HOH A . 
E 3 HOH 17 115 32 HOH HOH A . 
E 3 HOH 18 116 35 HOH HOH A . 
E 3 HOH 19 117 36 HOH HOH A . 
E 3 HOH 20 118 37 HOH HOH A . 
E 3 HOH 21 119 42 HOH HOH A . 
E 3 HOH 22 120 44 HOH HOH A . 
E 3 HOH 23 121 45 HOH HOH A . 
E 3 HOH 24 122 47 HOH HOH A . 
E 3 HOH 25 123 53 HOH HOH A . 
E 3 HOH 26 124 56 HOH HOH A . 
E 3 HOH 27 125 58 HOH HOH A . 
E 3 HOH 28 126 60 HOH HOH A . 
E 3 HOH 29 127 62 HOH HOH A . 
E 3 HOH 30 128 63 HOH HOH A . 
E 3 HOH 31 129 67 HOH HOH A . 
E 3 HOH 32 130 68 HOH HOH A . 
E 3 HOH 33 131 70 HOH HOH A . 
E 3 HOH 34 132 71 HOH HOH A . 
E 3 HOH 35 133 72 HOH HOH A . 
F 3 HOH 1  99  5  HOH HOH B . 
F 3 HOH 2  100 8  HOH HOH B . 
F 3 HOH 3  101 10 HOH HOH B . 
F 3 HOH 4  102 15 HOH HOH B . 
F 3 HOH 5  103 16 HOH HOH B . 
F 3 HOH 6  104 18 HOH HOH B . 
F 3 HOH 7  105 19 HOH HOH B . 
F 3 HOH 8  106 20 HOH HOH B . 
F 3 HOH 9  107 22 HOH HOH B . 
F 3 HOH 10 108 23 HOH HOH B . 
F 3 HOH 11 109 24 HOH HOH B . 
F 3 HOH 12 110 25 HOH HOH B . 
F 3 HOH 13 111 27 HOH HOH B . 
F 3 HOH 14 112 28 HOH HOH B . 
F 3 HOH 15 113 30 HOH HOH B . 
F 3 HOH 16 114 33 HOH HOH B . 
F 3 HOH 17 115 34 HOH HOH B . 
F 3 HOH 18 116 38 HOH HOH B . 
F 3 HOH 19 117 39 HOH HOH B . 
F 3 HOH 20 118 40 HOH HOH B . 
F 3 HOH 21 119 41 HOH HOH B . 
F 3 HOH 22 120 43 HOH HOH B . 
F 3 HOH 23 121 46 HOH HOH B . 
F 3 HOH 24 122 48 HOH HOH B . 
F 3 HOH 25 123 49 HOH HOH B . 
F 3 HOH 26 124 50 HOH HOH B . 
F 3 HOH 27 125 51 HOH HOH B . 
F 3 HOH 28 126 52 HOH HOH B . 
F 3 HOH 29 127 54 HOH HOH B . 
F 3 HOH 30 128 55 HOH HOH B . 
F 3 HOH 31 129 57 HOH HOH B . 
F 3 HOH 32 130 59 HOH HOH B . 
F 3 HOH 33 131 61 HOH HOH B . 
F 3 HOH 34 132 64 HOH HOH B . 
F 3 HOH 35 133 65 HOH HOH B . 
F 3 HOH 36 134 66 HOH HOH B . 
F 3 HOH 37 135 69 HOH HOH B . 
F 3 HOH 38 136 73 HOH HOH B . 
F 3 HOH 39 137 74 HOH HOH B . 
# 
loop_
_software.name 
_software.classification 
_software.version 
_software.citation_id 
_software.pdbx_ordinal 
X-PLOR 'model building' . ? 1 
X-PLOR refinement       . ? 2 
X-PLOR phasing          . ? 3 
# 
_cell.entry_id           1FIP 
_cell.length_a           79.080 
_cell.length_b           51.120 
_cell.length_c           47.290 
_cell.angle_alpha        90.00 
_cell.angle_beta         90.00 
_cell.angle_gamma        90.00 
_cell.Z_PDB              8 
_cell.pdbx_unique_axis   ? 
_cell.length_a_esd       ? 
_cell.length_b_esd       ? 
_cell.length_c_esd       ? 
_cell.angle_alpha_esd    ? 
_cell.angle_beta_esd     ? 
_cell.angle_gamma_esd    ? 
# 
_symmetry.entry_id                         1FIP 
_symmetry.space_group_name_H-M             'P 21 21 21' 
_symmetry.pdbx_full_space_group_name_H-M   ? 
_symmetry.cell_setting                     ? 
_symmetry.Int_Tables_number                19 
_symmetry.space_group_name_Hall            ? 
# 
_exptl.entry_id          1FIP 
_exptl.method            'X-RAY DIFFRACTION' 
_exptl.crystals_number   ? 
# 
_exptl_crystal.id                    1 
_exptl_crystal.density_meas          ? 
_exptl_crystal.density_Matthews      2.06 
_exptl_crystal.density_percent_sol   40.36 
_exptl_crystal.description           ? 
_exptl_crystal.F_000                 ? 
_exptl_crystal.preparation           ? 
# 
_diffrn.id                     1 
_diffrn.ambient_temp           ? 
_diffrn.ambient_temp_details   ? 
_diffrn.crystal_id             1 
# 
_diffrn_radiation.diffrn_id                        1 
_diffrn_radiation.wavelength_id                    1 
_diffrn_radiation.pdbx_monochromatic_or_laue_m_l   ? 
_diffrn_radiation.monochromator                    ? 
_diffrn_radiation.pdbx_diffrn_protocol             ? 
_diffrn_radiation.pdbx_scattering_type             x-ray 
# 
_diffrn_radiation_wavelength.id           1 
_diffrn_radiation_wavelength.wavelength   . 
_diffrn_radiation_wavelength.wt           1.0 
# 
_reflns.entry_id                     1FIP 
_reflns.observed_criterion_sigma_I   2. 
_reflns.observed_criterion_sigma_F   ? 
_reflns.d_resolution_low             ? 
_reflns.d_resolution_high            ? 
_reflns.number_obs                   14501 
_reflns.number_all                   ? 
_reflns.percent_possible_obs         92.5 
_reflns.pdbx_Rmerge_I_obs            ? 
_reflns.pdbx_Rsym_value              ? 
_reflns.pdbx_netI_over_sigmaI        ? 
_reflns.B_iso_Wilson_estimate        ? 
_reflns.pdbx_redundancy              ? 
_reflns.R_free_details               ? 
_reflns.limit_h_max                  ? 
_reflns.limit_h_min                  ? 
_reflns.limit_k_max                  ? 
_reflns.limit_k_min                  ? 
_reflns.limit_l_max                  ? 
_reflns.limit_l_min                  ? 
_reflns.observed_criterion_F_max     ? 
_reflns.observed_criterion_F_min     ? 
_reflns.pdbx_chi_squared             ? 
_reflns.pdbx_scaling_rejects         ? 
_reflns.pdbx_ordinal                 1 
_reflns.pdbx_diffrn_id               1 
# 
_refine.entry_id                                 1FIP 
_refine.ls_number_reflns_obs                     13428 
_refine.ls_number_reflns_all                     ? 
_refine.pdbx_ls_sigma_I                          ? 
_refine.pdbx_ls_sigma_F                          2. 
_refine.pdbx_data_cutoff_high_absF               ? 
_refine.pdbx_data_cutoff_low_absF                ? 
_refine.pdbx_data_cutoff_high_rms_absF           ? 
_refine.ls_d_res_low                             8.0 
_refine.ls_d_res_high                            1.9 
_refine.ls_percent_reflns_obs                    85.7 
_refine.ls_R_factor_obs                          0.1990000 
_refine.ls_R_factor_all                          ? 
_refine.ls_R_factor_R_work                       0.1990000 
_refine.ls_R_factor_R_free                       ? 
_refine.ls_R_factor_R_free_error                 ? 
_refine.ls_R_factor_R_free_error_details         ? 
_refine.ls_percent_reflns_R_free                 ? 
_refine.ls_number_reflns_R_free                  ? 
_refine.ls_number_parameters                     ? 
_refine.ls_number_restraints                     ? 
_refine.occupancy_min                            ? 
_refine.occupancy_max                            ? 
_refine.B_iso_mean                               ? 
_refine.aniso_B[1][1]                            ? 
_refine.aniso_B[2][2]                            ? 
_refine.aniso_B[3][3]                            ? 
_refine.aniso_B[1][2]                            ? 
_refine.aniso_B[1][3]                            ? 
_refine.aniso_B[2][3]                            ? 
_refine.solvent_model_details                    ? 
_refine.solvent_model_param_ksol                 ? 
_refine.solvent_model_param_bsol                 ? 
_refine.pdbx_ls_cross_valid_method               ? 
_refine.details                                  
;THE EXTENDED REGIONS, RESIDUES A 43 - A 46, B 43 - B 46,
ARE ILL-DEFINED AND THE ATOMS HAVE HIGH TEMPERATURE
FACTORS.
;
_refine.pdbx_starting_model                      ? 
_refine.pdbx_method_to_determine_struct          ? 
_refine.pdbx_isotropic_thermal_model             ? 
_refine.pdbx_stereochemistry_target_values       ? 
_refine.pdbx_stereochem_target_val_spec_case     ? 
_refine.pdbx_R_Free_selection_details            ? 
_refine.pdbx_overall_ESU_R                       ? 
_refine.pdbx_overall_ESU_R_Free                  ? 
_refine.overall_SU_ML                            ? 
_refine.overall_SU_B                             ? 
_refine.pdbx_refine_id                           'X-RAY DIFFRACTION' 
_refine.ls_redundancy_reflns_obs                 ? 
_refine.pdbx_overall_phase_error                 ? 
_refine.B_iso_min                                ? 
_refine.B_iso_max                                ? 
_refine.correlation_coeff_Fo_to_Fc               ? 
_refine.correlation_coeff_Fo_to_Fc_free          ? 
_refine.pdbx_solvent_vdw_probe_radii             ? 
_refine.pdbx_solvent_ion_probe_radii             ? 
_refine.pdbx_solvent_shrinkage_radii             ? 
_refine.overall_SU_R_Cruickshank_DPI             ? 
_refine.overall_SU_R_free                        ? 
_refine.ls_wR_factor_R_free                      ? 
_refine.ls_wR_factor_R_work                      ? 
_refine.overall_FOM_free_R_set                   ? 
_refine.overall_FOM_work_R_set                   ? 
_refine.pdbx_diffrn_id                           1 
_refine.pdbx_TLS_residual_ADP_flag               ? 
_refine.pdbx_overall_SU_R_free_Cruickshank_DPI   ? 
_refine.pdbx_overall_SU_R_Blow_DPI               ? 
_refine.pdbx_overall_SU_R_free_Blow_DPI          ? 
# 
_refine_analyze.entry_id                        1FIP 
_refine_analyze.Luzzati_coordinate_error_obs    0.25 
_refine_analyze.Luzzati_sigma_a_obs             ? 
_refine_analyze.Luzzati_d_res_low_obs           ? 
_refine_analyze.Luzzati_coordinate_error_free   ? 
_refine_analyze.Luzzati_sigma_a_free            ? 
_refine_analyze.Luzzati_d_res_low_free          ? 
_refine_analyze.number_disordered_residues      ? 
_refine_analyze.occupancy_sum_hydrogen          ? 
_refine_analyze.occupancy_sum_non_hydrogen      ? 
_refine_analyze.pdbx_refine_id                  'X-RAY DIFFRACTION' 
_refine_analyze.pdbx_Luzzati_d_res_high_obs     ? 
# 
_refine_hist.pdbx_refine_id                   'X-RAY DIFFRACTION' 
_refine_hist.cycle_id                         LAST 
_refine_hist.pdbx_number_atoms_protein        1212 
_refine_hist.pdbx_number_atoms_nucleic_acid   0 
_refine_hist.pdbx_number_atoms_ligand         0 
_refine_hist.number_atoms_solvent             74 
_refine_hist.number_atoms_total               1286 
_refine_hist.d_res_high                       1.9 
_refine_hist.d_res_low                        8.0 
# 
loop_
_refine_ls_restr.type 
_refine_ls_restr.dev_ideal 
_refine_ls_restr.dev_ideal_target 
_refine_ls_restr.weight 
_refine_ls_restr.number 
_refine_ls_restr.pdbx_refine_id 
_refine_ls_restr.pdbx_restraint_function 
x_bond_d                0.016 ? ? ? 'X-RAY DIFFRACTION' ? 
x_bond_d_na             ?     ? ? ? 'X-RAY DIFFRACTION' ? 
x_bond_d_prot           ?     ? ? ? 'X-RAY DIFFRACTION' ? 
x_angle_d               ?     ? ? ? 'X-RAY DIFFRACTION' ? 
x_angle_d_na            ?     ? ? ? 'X-RAY DIFFRACTION' ? 
x_angle_d_prot          ?     ? ? ? 'X-RAY DIFFRACTION' ? 
x_angle_deg             ?     ? ? ? 'X-RAY DIFFRACTION' ? 
x_angle_deg_na          ?     ? ? ? 'X-RAY DIFFRACTION' ? 
x_angle_deg_prot        ?     ? ? ? 'X-RAY DIFFRACTION' ? 
x_dihedral_angle_d      22.19 ? ? ? 'X-RAY DIFFRACTION' ? 
x_dihedral_angle_d_na   ?     ? ? ? 'X-RAY DIFFRACTION' ? 
x_dihedral_angle_d_prot ?     ? ? ? 'X-RAY DIFFRACTION' ? 
x_improper_angle_d      1.54  ? ? ? 'X-RAY DIFFRACTION' ? 
x_improper_angle_d_na   ?     ? ? ? 'X-RAY DIFFRACTION' ? 
x_improper_angle_d_prot ?     ? ? ? 'X-RAY DIFFRACTION' ? 
x_mcbond_it             ?     ? ? ? 'X-RAY DIFFRACTION' ? 
x_mcangle_it            ?     ? ? ? 'X-RAY DIFFRACTION' ? 
x_scbond_it             ?     ? ? ? 'X-RAY DIFFRACTION' ? 
x_scangle_it            ?     ? ? ? 'X-RAY DIFFRACTION' ? 
# 
_struct.entry_id                  1FIP 
_struct.title                     
;THE STRUCTURE OF FIS MUTANT PRO61ALA ILLUSTRATES THAT THE KINK WITHIN THE LONG ALPHA-HELIX IS NOT DUE TO THE PRESENCE OF THE PROLINE RESIDUE
;
_struct.pdbx_model_details        ? 
_struct.pdbx_CASP_flag            ? 
_struct.pdbx_model_type_details   ? 
# 
_struct_keywords.entry_id        1FIP 
_struct_keywords.pdbx_keywords   'DNA BINDING PROTEIN' 
_struct_keywords.text            'DNA-BINDING PROTEIN, DNA BINDING PROTEIN' 
# 
loop_
_struct_asym.id 
_struct_asym.pdbx_blank_PDB_chainid_flag 
_struct_asym.pdbx_modified 
_struct_asym.entity_id 
_struct_asym.details 
A N N 1 ? 
B N N 1 ? 
C N N 2 ? 
D N N 2 ? 
E N N 3 ? 
F N N 3 ? 
# 
loop_
_struct_ref.id 
_struct_ref.db_name 
_struct_ref.db_code 
_struct_ref.entity_id 
_struct_ref.pdbx_db_accession 
_struct_ref.pdbx_align_begin 
_struct_ref.pdbx_seq_one_letter_code 
_struct_ref.pdbx_db_isoform 
1 UNP FIS_ECOLI 1 P11028 1 
;MFEQRVNSDVLTVSTVNSQDQVTQKPLRDSVKQALKNYFAQLNGQDVNDLYELVLAEVEQPLLDMVMQYTRGNQTRAALM
MGINRGTLRKKLKKYGMN
;
? 
2 PDB 1FIP      2 1FIP   ? ?                                                                                                     ? 
# 
loop_
_struct_ref_seq.align_id 
_struct_ref_seq.ref_id 
_struct_ref_seq.pdbx_PDB_id_code 
_struct_ref_seq.pdbx_strand_id 
_struct_ref_seq.seq_align_beg 
_struct_ref_seq.pdbx_seq_align_beg_ins_code 
_struct_ref_seq.seq_align_end 
_struct_ref_seq.pdbx_seq_align_end_ins_code 
_struct_ref_seq.pdbx_db_accession 
_struct_ref_seq.db_align_beg 
_struct_ref_seq.pdbx_db_align_beg_ins_code 
_struct_ref_seq.db_align_end 
_struct_ref_seq.pdbx_db_align_end_ins_code 
_struct_ref_seq.pdbx_auth_seq_align_beg 
_struct_ref_seq.pdbx_auth_seq_align_end 
1 1 1FIP A 1 ? 98 ? P11028 1  ? 98 ? 1  98 
2 1 1FIP B 1 ? 98 ? P11028 1  ? 98 ? 1  98 
3 2 1FIP C 1 ? 4  ? 1FIP   20 ? 23 ? 20 23 
4 2 1FIP D 1 ? 4  ? 1FIP   20 ? 23 ? 20 23 
# 
loop_
_struct_ref_seq_dif.align_id 
_struct_ref_seq_dif.pdbx_pdb_id_code 
_struct_ref_seq_dif.mon_id 
_struct_ref_seq_dif.pdbx_pdb_strand_id 
_struct_ref_seq_dif.seq_num 
_struct_ref_seq_dif.pdbx_pdb_ins_code 
_struct_ref_seq_dif.pdbx_seq_db_name 
_struct_ref_seq_dif.pdbx_seq_db_accession_code 
_struct_ref_seq_dif.db_mon_id 
_struct_ref_seq_dif.pdbx_seq_db_seq_num 
_struct_ref_seq_dif.details 
_struct_ref_seq_dif.pdbx_auth_seq_num 
_struct_ref_seq_dif.pdbx_ordinal 
1 1FIP ALA A 61 ? UNP P11028 PRO 61 'engineered mutation' 61 1 
2 1FIP ALA B 61 ? UNP P11028 PRO 61 'engineered mutation' 61 2 
# 
_pdbx_struct_assembly.id                   1 
_pdbx_struct_assembly.details              author_and_software_defined_assembly 
_pdbx_struct_assembly.method_details       PISA 
_pdbx_struct_assembly.oligomeric_details   tetrameric 
_pdbx_struct_assembly.oligomeric_count     4 
# 
loop_
_pdbx_struct_assembly_prop.biol_id 
_pdbx_struct_assembly_prop.type 
_pdbx_struct_assembly_prop.value 
_pdbx_struct_assembly_prop.details 
1 'ABSA (A^2)' 4520 ? 
1 MORE         -38  ? 
1 'SSA (A^2)'  8040 ? 
# 
_pdbx_struct_assembly_gen.assembly_id       1 
_pdbx_struct_assembly_gen.oper_expression   1 
_pdbx_struct_assembly_gen.asym_id_list      A,B,C,D,E,F 
# 
_pdbx_struct_oper_list.id                   1 
_pdbx_struct_oper_list.type                 'identity operation' 
_pdbx_struct_oper_list.name                 1_555 
_pdbx_struct_oper_list.symmetry_operation   x,y,z 
_pdbx_struct_oper_list.matrix[1][1]         1.0000000000 
_pdbx_struct_oper_list.matrix[1][2]         0.0000000000 
_pdbx_struct_oper_list.matrix[1][3]         0.0000000000 
_pdbx_struct_oper_list.vector[1]            0.0000000000 
_pdbx_struct_oper_list.matrix[2][1]         0.0000000000 
_pdbx_struct_oper_list.matrix[2][2]         1.0000000000 
_pdbx_struct_oper_list.matrix[2][3]         0.0000000000 
_pdbx_struct_oper_list.vector[2]            0.0000000000 
_pdbx_struct_oper_list.matrix[3][1]         0.0000000000 
_pdbx_struct_oper_list.matrix[3][2]         0.0000000000 
_pdbx_struct_oper_list.matrix[3][3]         1.0000000000 
_pdbx_struct_oper_list.vector[3]            0.0000000000 
# 
_struct_biol.id        1 
_struct_biol.details   ? 
# 
loop_
_struct_conf.conf_type_id 
_struct_conf.id 
_struct_conf.pdbx_PDB_helix_id 
_struct_conf.beg_label_comp_id 
_struct_conf.beg_label_asym_id 
_struct_conf.beg_label_seq_id 
_struct_conf.pdbx_beg_PDB_ins_code 
_struct_conf.end_label_comp_id 
_struct_conf.end_label_asym_id 
_struct_conf.end_label_seq_id 
_struct_conf.pdbx_end_PDB_ins_code 
_struct_conf.beg_auth_comp_id 
_struct_conf.beg_auth_asym_id 
_struct_conf.beg_auth_seq_id 
_struct_conf.end_auth_comp_id 
_struct_conf.end_auth_asym_id 
_struct_conf.end_auth_seq_id 
_struct_conf.pdbx_PDB_helix_class 
_struct_conf.details 
_struct_conf.pdbx_PDB_helix_length 
HELX_P HELX_P1 1 PRO A 26 ? ALA A 40 ? PRO A 26 ALA A 40 1 ? 15 
HELX_P HELX_P2 2 ASP A 49 ? THR A 70 ? ASP A 49 THR A 70 1 ? 22 
HELX_P HELX_P3 3 ASN A 73 ? GLY A 82 ? ASN A 73 GLY A 82 1 ? 10 
HELX_P HELX_P4 4 ASN A 84 ? TYR A 95 ? ASN A 84 TYR A 95 1 ? 12 
HELX_P HELX_P5 5 PRO B 26 ? LEU B 42 ? PRO B 26 LEU B 42 1 ? 17 
HELX_P HELX_P6 6 ASP B 49 ? THR B 70 ? ASP B 49 THR B 70 1 ? 22 
HELX_P HELX_P7 7 ASN B 73 ? GLY B 82 ? ASN B 73 GLY B 82 1 ? 10 
HELX_P HELX_P8 8 ASN B 84 ? TYR B 95 ? ASN B 84 TYR B 95 1 ? 12 
# 
_struct_conf_type.id          HELX_P 
_struct_conf_type.criteria    ? 
_struct_conf_type.reference   ? 
# 
loop_
_pdbx_validate_rmsd_angle.id 
_pdbx_validate_rmsd_angle.PDB_model_num 
_pdbx_validate_rmsd_angle.auth_atom_id_1 
_pdbx_validate_rmsd_angle.auth_asym_id_1 
_pdbx_validate_rmsd_angle.auth_comp_id_1 
_pdbx_validate_rmsd_angle.auth_seq_id_1 
_pdbx_validate_rmsd_angle.PDB_ins_code_1 
_pdbx_validate_rmsd_angle.label_alt_id_1 
_pdbx_validate_rmsd_angle.auth_atom_id_2 
_pdbx_validate_rmsd_angle.auth_asym_id_2 
_pdbx_validate_rmsd_angle.auth_comp_id_2 
_pdbx_validate_rmsd_angle.auth_seq_id_2 
_pdbx_validate_rmsd_angle.PDB_ins_code_2 
_pdbx_validate_rmsd_angle.label_alt_id_2 
_pdbx_validate_rmsd_angle.auth_atom_id_3 
_pdbx_validate_rmsd_angle.auth_asym_id_3 
_pdbx_validate_rmsd_angle.auth_comp_id_3 
_pdbx_validate_rmsd_angle.auth_seq_id_3 
_pdbx_validate_rmsd_angle.PDB_ins_code_3 
_pdbx_validate_rmsd_angle.label_alt_id_3 
_pdbx_validate_rmsd_angle.angle_value 
_pdbx_validate_rmsd_angle.angle_target_value 
_pdbx_validate_rmsd_angle.angle_deviation 
_pdbx_validate_rmsd_angle.angle_standard_deviation 
_pdbx_validate_rmsd_angle.linker_flag 
1  1 CA  A PRO 26 ? ? N  A PRO 26 ? ? CD  A PRO 26 ? ? 102.43 111.50 -9.07  1.40 N 
2  1 N   A PRO 26 ? ? CA A PRO 26 ? ? CB  A PRO 26 ? ? 112.62 103.30 9.32   1.20 N 
3  1 CB  A GLN 45 ? ? CA A GLN 45 ? ? C   A GLN 45 ? ? 97.39  110.40 -13.01 2.00 N 
4  1 CA  A GLN 45 ? ? CB A GLN 45 ? ? CG  A GLN 45 ? ? 133.05 113.40 19.65  2.20 N 
5  1 CB  A ASP 49 ? ? CG A ASP 49 ? ? OD1 A ASP 49 ? ? 123.78 118.30 5.48   0.90 N 
6  1 CA  B PRO 26 ? ? N  B PRO 26 ? ? CD  B PRO 26 ? ? 102.98 111.50 -8.52  1.40 N 
7  1 N   B PRO 26 ? ? CA B PRO 26 ? ? CB  B PRO 26 ? ? 111.30 103.30 8.00   1.20 N 
8  1 NE  B ARG 28 ? ? CZ B ARG 28 ? ? NH2 B ARG 28 ? ? 117.26 120.30 -3.04  0.50 N 
9  1 CG1 B VAL 31 ? ? CB B VAL 31 ? ? CG2 B VAL 31 ? ? 101.21 110.90 -9.69  1.60 N 
10 1 CG1 B VAL 66 ? ? CB B VAL 66 ? ? CG2 B VAL 66 ? ? 100.03 110.90 -10.87 1.60 N 
11 1 NE  B ARG 71 ? ? CZ B ARG 71 ? ? NH2 B ARG 71 ? ? 115.20 120.30 -5.10  0.50 N 
12 1 NE  B ARG 76 ? ? CZ B ARG 76 ? ? NH1 B ARG 76 ? ? 123.92 120.30 3.62   0.50 N 
13 1 NE  B ARG 76 ? ? CZ B ARG 76 ? ? NH2 B ARG 76 ? ? 115.23 120.30 -5.07  0.50 N 
14 1 NE  B ARG 85 ? ? CZ B ARG 85 ? ? NH2 B ARG 85 ? ? 116.98 120.30 -3.32  0.50 N 
15 1 NE  B ARG 89 ? ? CZ B ARG 89 ? ? NH2 B ARG 89 ? ? 114.85 120.30 -5.45  0.50 N 
# 
loop_
_pdbx_validate_torsion.id 
_pdbx_validate_torsion.PDB_model_num 
_pdbx_validate_torsion.auth_comp_id 
_pdbx_validate_torsion.auth_asym_id 
_pdbx_validate_torsion.auth_seq_id 
_pdbx_validate_torsion.PDB_ins_code 
_pdbx_validate_torsion.label_alt_id 
_pdbx_validate_torsion.phi 
_pdbx_validate_torsion.psi 
1 1 ASN B 48 ? ? -140.51 16.09   
2 1 ASP B 49 ? ? -147.52 25.64   
3 1 UNK C 22 ? ? -23.76  -102.13 
4 1 UNK D 22 ? ? -8.98   -77.21  
# 
loop_
_pdbx_unobs_or_zero_occ_residues.id 
_pdbx_unobs_or_zero_occ_residues.PDB_model_num 
_pdbx_unobs_or_zero_occ_residues.polymer_flag 
_pdbx_unobs_or_zero_occ_residues.occupancy_flag 
_pdbx_unobs_or_zero_occ_residues.auth_asym_id 
_pdbx_unobs_or_zero_occ_residues.auth_comp_id 
_pdbx_unobs_or_zero_occ_residues.auth_seq_id 
_pdbx_unobs_or_zero_occ_residues.PDB_ins_code 
_pdbx_unobs_or_zero_occ_residues.label_asym_id 
_pdbx_unobs_or_zero_occ_residues.label_comp_id 
_pdbx_unobs_or_zero_occ_residues.label_seq_id 
1  1 Y 1 A MET 1  ? A MET 1  
2  1 Y 1 A PHE 2  ? A PHE 2  
3  1 Y 1 A GLU 3  ? A GLU 3  
4  1 Y 1 A GLN 4  ? A GLN 4  
5  1 Y 1 A ARG 5  ? A ARG 5  
6  1 Y 1 A VAL 6  ? A VAL 6  
7  1 Y 1 A ASN 7  ? A ASN 7  
8  1 Y 1 A SER 8  ? A SER 8  
9  1 Y 1 A ASP 9  ? A ASP 9  
10 1 Y 1 A VAL 10 ? A VAL 10 
11 1 Y 1 A LEU 11 ? A LEU 11 
12 1 Y 1 A THR 12 ? A THR 12 
13 1 Y 1 A VAL 13 ? A VAL 13 
14 1 Y 1 A SER 14 ? A SER 14 
15 1 Y 1 A THR 15 ? A THR 15 
16 1 Y 1 A VAL 16 ? A VAL 16 
17 1 Y 1 A ASN 17 ? A ASN 17 
18 1 Y 1 A SER 18 ? A SER 18 
19 1 Y 1 A GLN 19 ? A GLN 19 
20 1 Y 1 A ASP 20 ? A ASP 20 
21 1 Y 1 A GLN 21 ? A GLN 21 
22 1 Y 1 A VAL 22 ? A VAL 22 
23 1 Y 1 A THR 23 ? A THR 23 
24 1 Y 1 A GLN 24 ? A GLN 24 
25 1 Y 1 A LYS 25 ? A LYS 25 
26 1 Y 1 B MET 1  ? B MET 1  
27 1 Y 1 B PHE 2  ? B PHE 2  
28 1 Y 1 B GLU 3  ? B GLU 3  
29 1 Y 1 B GLN 4  ? B GLN 4  
30 1 Y 1 B ARG 5  ? B ARG 5  
31 1 Y 1 B VAL 6  ? B VAL 6  
32 1 Y 1 B ASN 7  ? B ASN 7  
33 1 Y 1 B SER 8  ? B SER 8  
34 1 Y 1 B ASP 9  ? B ASP 9  
35 1 Y 1 B VAL 10 ? B VAL 10 
36 1 Y 1 B LEU 11 ? B LEU 11 
37 1 Y 1 B THR 12 ? B THR 12 
38 1 Y 1 B VAL 13 ? B VAL 13 
39 1 Y 1 B SER 14 ? B SER 14 
40 1 Y 1 B THR 15 ? B THR 15 
41 1 Y 1 B VAL 16 ? B VAL 16 
42 1 Y 1 B ASN 17 ? B ASN 17 
43 1 Y 1 B SER 18 ? B SER 18 
44 1 Y 1 B GLN 19 ? B GLN 19 
45 1 Y 1 B ASP 20 ? B ASP 20 
46 1 Y 1 B GLN 21 ? B GLN 21 
47 1 Y 1 B VAL 22 ? B VAL 22 
48 1 Y 1 B THR 23 ? B THR 23 
49 1 Y 1 B GLN 24 ? B GLN 24 
50 1 Y 1 B LYS 25 ? B LYS 25 
# 
loop_
_chem_comp_atom.comp_id 
_chem_comp_atom.atom_id 
_chem_comp_atom.type_symbol 
_chem_comp_atom.pdbx_aromatic_flag 
_chem_comp_atom.pdbx_stereo_config 
_chem_comp_atom.pdbx_ordinal 
ALA N    N N N 1   
ALA CA   C N S 2   
ALA C    C N N 3   
ALA O    O N N 4   
ALA CB   C N N 5   
ALA OXT  O N N 6   
ALA H    H N N 7   
ALA H2   H N N 8   
ALA HA   H N N 9   
ALA HB1  H N N 10  
ALA HB2  H N N 11  
ALA HB3  H N N 12  
ALA HXT  H N N 13  
ARG N    N N N 14  
ARG CA   C N S 15  
ARG C    C N N 16  
ARG O    O N N 17  
ARG CB   C N N 18  
ARG CG   C N N 19  
ARG CD   C N N 20  
ARG NE   N N N 21  
ARG CZ   C N N 22  
ARG NH1  N N N 23  
ARG NH2  N N N 24  
ARG OXT  O N N 25  
ARG H    H N N 26  
ARG H2   H N N 27  
ARG HA   H N N 28  
ARG HB2  H N N 29  
ARG HB3  H N N 30  
ARG HG2  H N N 31  
ARG HG3  H N N 32  
ARG HD2  H N N 33  
ARG HD3  H N N 34  
ARG HE   H N N 35  
ARG HH11 H N N 36  
ARG HH12 H N N 37  
ARG HH21 H N N 38  
ARG HH22 H N N 39  
ARG HXT  H N N 40  
ASN N    N N N 41  
ASN CA   C N S 42  
ASN C    C N N 43  
ASN O    O N N 44  
ASN CB   C N N 45  
ASN CG   C N N 46  
ASN OD1  O N N 47  
ASN ND2  N N N 48  
ASN OXT  O N N 49  
ASN H    H N N 50  
ASN H2   H N N 51  
ASN HA   H N N 52  
ASN HB2  H N N 53  
ASN HB3  H N N 54  
ASN HD21 H N N 55  
ASN HD22 H N N 56  
ASN HXT  H N N 57  
ASP N    N N N 58  
ASP CA   C N S 59  
ASP C    C N N 60  
ASP O    O N N 61  
ASP CB   C N N 62  
ASP CG   C N N 63  
ASP OD1  O N N 64  
ASP OD2  O N N 65  
ASP OXT  O N N 66  
ASP H    H N N 67  
ASP H2   H N N 68  
ASP HA   H N N 69  
ASP HB2  H N N 70  
ASP HB3  H N N 71  
ASP HD2  H N N 72  
ASP HXT  H N N 73  
GLN N    N N N 74  
GLN CA   C N S 75  
GLN C    C N N 76  
GLN O    O N N 77  
GLN CB   C N N 78  
GLN CG   C N N 79  
GLN CD   C N N 80  
GLN OE1  O N N 81  
GLN NE2  N N N 82  
GLN OXT  O N N 83  
GLN H    H N N 84  
GLN H2   H N N 85  
GLN HA   H N N 86  
GLN HB2  H N N 87  
GLN HB3  H N N 88  
GLN HG2  H N N 89  
GLN HG3  H N N 90  
GLN HE21 H N N 91  
GLN HE22 H N N 92  
GLN HXT  H N N 93  
GLU N    N N N 94  
GLU CA   C N S 95  
GLU C    C N N 96  
GLU O    O N N 97  
GLU CB   C N N 98  
GLU CG   C N N 99  
GLU CD   C N N 100 
GLU OE1  O N N 101 
GLU OE2  O N N 102 
GLU OXT  O N N 103 
GLU H    H N N 104 
GLU H2   H N N 105 
GLU HA   H N N 106 
GLU HB2  H N N 107 
GLU HB3  H N N 108 
GLU HG2  H N N 109 
GLU HG3  H N N 110 
GLU HE2  H N N 111 
GLU HXT  H N N 112 
GLY N    N N N 113 
GLY CA   C N N 114 
GLY C    C N N 115 
GLY O    O N N 116 
GLY OXT  O N N 117 
GLY H    H N N 118 
GLY H2   H N N 119 
GLY HA2  H N N 120 
GLY HA3  H N N 121 
GLY HXT  H N N 122 
HOH O    O N N 123 
HOH H1   H N N 124 
HOH H2   H N N 125 
ILE N    N N N 126 
ILE CA   C N S 127 
ILE C    C N N 128 
ILE O    O N N 129 
ILE CB   C N S 130 
ILE CG1  C N N 131 
ILE CG2  C N N 132 
ILE CD1  C N N 133 
ILE OXT  O N N 134 
ILE H    H N N 135 
ILE H2   H N N 136 
ILE HA   H N N 137 
ILE HB   H N N 138 
ILE HG12 H N N 139 
ILE HG13 H N N 140 
ILE HG21 H N N 141 
ILE HG22 H N N 142 
ILE HG23 H N N 143 
ILE HD11 H N N 144 
ILE HD12 H N N 145 
ILE HD13 H N N 146 
ILE HXT  H N N 147 
LEU N    N N N 148 
LEU CA   C N S 149 
LEU C    C N N 150 
LEU O    O N N 151 
LEU CB   C N N 152 
LEU CG   C N N 153 
LEU CD1  C N N 154 
LEU CD2  C N N 155 
LEU OXT  O N N 156 
LEU H    H N N 157 
LEU H2   H N N 158 
LEU HA   H N N 159 
LEU HB2  H N N 160 
LEU HB3  H N N 161 
LEU HG   H N N 162 
LEU HD11 H N N 163 
LEU HD12 H N N 164 
LEU HD13 H N N 165 
LEU HD21 H N N 166 
LEU HD22 H N N 167 
LEU HD23 H N N 168 
LEU HXT  H N N 169 
LYS N    N N N 170 
LYS CA   C N S 171 
LYS C    C N N 172 
LYS O    O N N 173 
LYS CB   C N N 174 
LYS CG   C N N 175 
LYS CD   C N N 176 
LYS CE   C N N 177 
LYS NZ   N N N 178 
LYS OXT  O N N 179 
LYS H    H N N 180 
LYS H2   H N N 181 
LYS HA   H N N 182 
LYS HB2  H N N 183 
LYS HB3  H N N 184 
LYS HG2  H N N 185 
LYS HG3  H N N 186 
LYS HD2  H N N 187 
LYS HD3  H N N 188 
LYS HE2  H N N 189 
LYS HE3  H N N 190 
LYS HZ1  H N N 191 
LYS HZ2  H N N 192 
LYS HZ3  H N N 193 
LYS HXT  H N N 194 
MET N    N N N 195 
MET CA   C N S 196 
MET C    C N N 197 
MET O    O N N 198 
MET CB   C N N 199 
MET CG   C N N 200 
MET SD   S N N 201 
MET CE   C N N 202 
MET OXT  O N N 203 
MET H    H N N 204 
MET H2   H N N 205 
MET HA   H N N 206 
MET HB2  H N N 207 
MET HB3  H N N 208 
MET HG2  H N N 209 
MET HG3  H N N 210 
MET HE1  H N N 211 
MET HE2  H N N 212 
MET HE3  H N N 213 
MET HXT  H N N 214 
PHE N    N N N 215 
PHE CA   C N S 216 
PHE C    C N N 217 
PHE O    O N N 218 
PHE CB   C N N 219 
PHE CG   C Y N 220 
PHE CD1  C Y N 221 
PHE CD2  C Y N 222 
PHE CE1  C Y N 223 
PHE CE2  C Y N 224 
PHE CZ   C Y N 225 
PHE OXT  O N N 226 
PHE H    H N N 227 
PHE H2   H N N 228 
PHE HA   H N N 229 
PHE HB2  H N N 230 
PHE HB3  H N N 231 
PHE HD1  H N N 232 
PHE HD2  H N N 233 
PHE HE1  H N N 234 
PHE HE2  H N N 235 
PHE HZ   H N N 236 
PHE HXT  H N N 237 
PRO N    N N N 238 
PRO CA   C N S 239 
PRO C    C N N 240 
PRO O    O N N 241 
PRO CB   C N N 242 
PRO CG   C N N 243 
PRO CD   C N N 244 
PRO OXT  O N N 245 
PRO H    H N N 246 
PRO HA   H N N 247 
PRO HB2  H N N 248 
PRO HB3  H N N 249 
PRO HG2  H N N 250 
PRO HG3  H N N 251 
PRO HD2  H N N 252 
PRO HD3  H N N 253 
PRO HXT  H N N 254 
SER N    N N N 255 
SER CA   C N S 256 
SER C    C N N 257 
SER O    O N N 258 
SER CB   C N N 259 
SER OG   O N N 260 
SER OXT  O N N 261 
SER H    H N N 262 
SER H2   H N N 263 
SER HA   H N N 264 
SER HB2  H N N 265 
SER HB3  H N N 266 
SER HG   H N N 267 
SER HXT  H N N 268 
THR N    N N N 269 
THR CA   C N S 270 
THR C    C N N 271 
THR O    O N N 272 
THR CB   C N R 273 
THR OG1  O N N 274 
THR CG2  C N N 275 
THR OXT  O N N 276 
THR H    H N N 277 
THR H2   H N N 278 
THR HA   H N N 279 
THR HB   H N N 280 
THR HG1  H N N 281 
THR HG21 H N N 282 
THR HG22 H N N 283 
THR HG23 H N N 284 
THR HXT  H N N 285 
TYR N    N N N 286 
TYR CA   C N S 287 
TYR C    C N N 288 
TYR O    O N N 289 
TYR CB   C N N 290 
TYR CG   C Y N 291 
TYR CD1  C Y N 292 
TYR CD2  C Y N 293 
TYR CE1  C Y N 294 
TYR CE2  C Y N 295 
TYR CZ   C Y N 296 
TYR OH   O N N 297 
TYR OXT  O N N 298 
TYR H    H N N 299 
TYR H2   H N N 300 
TYR HA   H N N 301 
TYR HB2  H N N 302 
TYR HB3  H N N 303 
TYR HD1  H N N 304 
TYR HD2  H N N 305 
TYR HE1  H N N 306 
TYR HE2  H N N 307 
TYR HH   H N N 308 
TYR HXT  H N N 309 
VAL N    N N N 310 
VAL CA   C N S 311 
VAL C    C N N 312 
VAL O    O N N 313 
VAL CB   C N N 314 
VAL CG1  C N N 315 
VAL CG2  C N N 316 
VAL OXT  O N N 317 
VAL H    H N N 318 
VAL H2   H N N 319 
VAL HA   H N N 320 
VAL HB   H N N 321 
VAL HG11 H N N 322 
VAL HG12 H N N 323 
VAL HG13 H N N 324 
VAL HG21 H N N 325 
VAL HG22 H N N 326 
VAL HG23 H N N 327 
VAL HXT  H N N 328 
# 
loop_
_chem_comp_bond.comp_id 
_chem_comp_bond.atom_id_1 
_chem_comp_bond.atom_id_2 
_chem_comp_bond.value_order 
_chem_comp_bond.pdbx_aromatic_flag 
_chem_comp_bond.pdbx_stereo_config 
_chem_comp_bond.pdbx_ordinal 
ALA N   CA   sing N N 1   
ALA N   H    sing N N 2   
ALA N   H2   sing N N 3   
ALA CA  C    sing N N 4   
ALA CA  CB   sing N N 5   
ALA CA  HA   sing N N 6   
ALA C   O    doub N N 7   
ALA C   OXT  sing N N 8   
ALA CB  HB1  sing N N 9   
ALA CB  HB2  sing N N 10  
ALA CB  HB3  sing N N 11  
ALA OXT HXT  sing N N 12  
ARG N   CA   sing N N 13  
ARG N   H    sing N N 14  
ARG N   H2   sing N N 15  
ARG CA  C    sing N N 16  
ARG CA  CB   sing N N 17  
ARG CA  HA   sing N N 18  
ARG C   O    doub N N 19  
ARG C   OXT  sing N N 20  
ARG CB  CG   sing N N 21  
ARG CB  HB2  sing N N 22  
ARG CB  HB3  sing N N 23  
ARG CG  CD   sing N N 24  
ARG CG  HG2  sing N N 25  
ARG CG  HG3  sing N N 26  
ARG CD  NE   sing N N 27  
ARG CD  HD2  sing N N 28  
ARG CD  HD3  sing N N 29  
ARG NE  CZ   sing N N 30  
ARG NE  HE   sing N N 31  
ARG CZ  NH1  sing N N 32  
ARG CZ  NH2  doub N N 33  
ARG NH1 HH11 sing N N 34  
ARG NH1 HH12 sing N N 35  
ARG NH2 HH21 sing N N 36  
ARG NH2 HH22 sing N N 37  
ARG OXT HXT  sing N N 38  
ASN N   CA   sing N N 39  
ASN N   H    sing N N 40  
ASN N   H2   sing N N 41  
ASN CA  C    sing N N 42  
ASN CA  CB   sing N N 43  
ASN CA  HA   sing N N 44  
ASN C   O    doub N N 45  
ASN C   OXT  sing N N 46  
ASN CB  CG   sing N N 47  
ASN CB  HB2  sing N N 48  
ASN CB  HB3  sing N N 49  
ASN CG  OD1  doub N N 50  
ASN CG  ND2  sing N N 51  
ASN ND2 HD21 sing N N 52  
ASN ND2 HD22 sing N N 53  
ASN OXT HXT  sing N N 54  
ASP N   CA   sing N N 55  
ASP N   H    sing N N 56  
ASP N   H2   sing N N 57  
ASP CA  C    sing N N 58  
ASP CA  CB   sing N N 59  
ASP CA  HA   sing N N 60  
ASP C   O    doub N N 61  
ASP C   OXT  sing N N 62  
ASP CB  CG   sing N N 63  
ASP CB  HB2  sing N N 64  
ASP CB  HB3  sing N N 65  
ASP CG  OD1  doub N N 66  
ASP CG  OD2  sing N N 67  
ASP OD2 HD2  sing N N 68  
ASP OXT HXT  sing N N 69  
GLN N   CA   sing N N 70  
GLN N   H    sing N N 71  
GLN N   H2   sing N N 72  
GLN CA  C    sing N N 73  
GLN CA  CB   sing N N 74  
GLN CA  HA   sing N N 75  
GLN C   O    doub N N 76  
GLN C   OXT  sing N N 77  
GLN CB  CG   sing N N 78  
GLN CB  HB2  sing N N 79  
GLN CB  HB3  sing N N 80  
GLN CG  CD   sing N N 81  
GLN CG  HG2  sing N N 82  
GLN CG  HG3  sing N N 83  
GLN CD  OE1  doub N N 84  
GLN CD  NE2  sing N N 85  
GLN NE2 HE21 sing N N 86  
GLN NE2 HE22 sing N N 87  
GLN OXT HXT  sing N N 88  
GLU N   CA   sing N N 89  
GLU N   H    sing N N 90  
GLU N   H2   sing N N 91  
GLU CA  C    sing N N 92  
GLU CA  CB   sing N N 93  
GLU CA  HA   sing N N 94  
GLU C   O    doub N N 95  
GLU C   OXT  sing N N 96  
GLU CB  CG   sing N N 97  
GLU CB  HB2  sing N N 98  
GLU CB  HB3  sing N N 99  
GLU CG  CD   sing N N 100 
GLU CG  HG2  sing N N 101 
GLU CG  HG3  sing N N 102 
GLU CD  OE1  doub N N 103 
GLU CD  OE2  sing N N 104 
GLU OE2 HE2  sing N N 105 
GLU OXT HXT  sing N N 106 
GLY N   CA   sing N N 107 
GLY N   H    sing N N 108 
GLY N   H2   sing N N 109 
GLY CA  C    sing N N 110 
GLY CA  HA2  sing N N 111 
GLY CA  HA3  sing N N 112 
GLY C   O    doub N N 113 
GLY C   OXT  sing N N 114 
GLY OXT HXT  sing N N 115 
HOH O   H1   sing N N 116 
HOH O   H2   sing N N 117 
ILE N   CA   sing N N 118 
ILE N   H    sing N N 119 
ILE N   H2   sing N N 120 
ILE CA  C    sing N N 121 
ILE CA  CB   sing N N 122 
ILE CA  HA   sing N N 123 
ILE C   O    doub N N 124 
ILE C   OXT  sing N N 125 
ILE CB  CG1  sing N N 126 
ILE CB  CG2  sing N N 127 
ILE CB  HB   sing N N 128 
ILE CG1 CD1  sing N N 129 
ILE CG1 HG12 sing N N 130 
ILE CG1 HG13 sing N N 131 
ILE CG2 HG21 sing N N 132 
ILE CG2 HG22 sing N N 133 
ILE CG2 HG23 sing N N 134 
ILE CD1 HD11 sing N N 135 
ILE CD1 HD12 sing N N 136 
ILE CD1 HD13 sing N N 137 
ILE OXT HXT  sing N N 138 
LEU N   CA   sing N N 139 
LEU N   H    sing N N 140 
LEU N   H2   sing N N 141 
LEU CA  C    sing N N 142 
LEU CA  CB   sing N N 143 
LEU CA  HA   sing N N 144 
LEU C   O    doub N N 145 
LEU C   OXT  sing N N 146 
LEU CB  CG   sing N N 147 
LEU CB  HB2  sing N N 148 
LEU CB  HB3  sing N N 149 
LEU CG  CD1  sing N N 150 
LEU CG  CD2  sing N N 151 
LEU CG  HG   sing N N 152 
LEU CD1 HD11 sing N N 153 
LEU CD1 HD12 sing N N 154 
LEU CD1 HD13 sing N N 155 
LEU CD2 HD21 sing N N 156 
LEU CD2 HD22 sing N N 157 
LEU CD2 HD23 sing N N 158 
LEU OXT HXT  sing N N 159 
LYS N   CA   sing N N 160 
LYS N   H    sing N N 161 
LYS N   H2   sing N N 162 
LYS CA  C    sing N N 163 
LYS CA  CB   sing N N 164 
LYS CA  HA   sing N N 165 
LYS C   O    doub N N 166 
LYS C   OXT  sing N N 167 
LYS CB  CG   sing N N 168 
LYS CB  HB2  sing N N 169 
LYS CB  HB3  sing N N 170 
LYS CG  CD   sing N N 171 
LYS CG  HG2  sing N N 172 
LYS CG  HG3  sing N N 173 
LYS CD  CE   sing N N 174 
LYS CD  HD2  sing N N 175 
LYS CD  HD3  sing N N 176 
LYS CE  NZ   sing N N 177 
LYS CE  HE2  sing N N 178 
LYS CE  HE3  sing N N 179 
LYS NZ  HZ1  sing N N 180 
LYS NZ  HZ2  sing N N 181 
LYS NZ  HZ3  sing N N 182 
LYS OXT HXT  sing N N 183 
MET N   CA   sing N N 184 
MET N   H    sing N N 185 
MET N   H2   sing N N 186 
MET CA  C    sing N N 187 
MET CA  CB   sing N N 188 
MET CA  HA   sing N N 189 
MET C   O    doub N N 190 
MET C   OXT  sing N N 191 
MET CB  CG   sing N N 192 
MET CB  HB2  sing N N 193 
MET CB  HB3  sing N N 194 
MET CG  SD   sing N N 195 
MET CG  HG2  sing N N 196 
MET CG  HG3  sing N N 197 
MET SD  CE   sing N N 198 
MET CE  HE1  sing N N 199 
MET CE  HE2  sing N N 200 
MET CE  HE3  sing N N 201 
MET OXT HXT  sing N N 202 
PHE N   CA   sing N N 203 
PHE N   H    sing N N 204 
PHE N   H2   sing N N 205 
PHE CA  C    sing N N 206 
PHE CA  CB   sing N N 207 
PHE CA  HA   sing N N 208 
PHE C   O    doub N N 209 
PHE C   OXT  sing N N 210 
PHE CB  CG   sing N N 211 
PHE CB  HB2  sing N N 212 
PHE CB  HB3  sing N N 213 
PHE CG  CD1  doub Y N 214 
PHE CG  CD2  sing Y N 215 
PHE CD1 CE1  sing Y N 216 
PHE CD1 HD1  sing N N 217 
PHE CD2 CE2  doub Y N 218 
PHE CD2 HD2  sing N N 219 
PHE CE1 CZ   doub Y N 220 
PHE CE1 HE1  sing N N 221 
PHE CE2 CZ   sing Y N 222 
PHE CE2 HE2  sing N N 223 
PHE CZ  HZ   sing N N 224 
PHE OXT HXT  sing N N 225 
PRO N   CA   sing N N 226 
PRO N   CD   sing N N 227 
PRO N   H    sing N N 228 
PRO CA  C    sing N N 229 
PRO CA  CB   sing N N 230 
PRO CA  HA   sing N N 231 
PRO C   O    doub N N 232 
PRO C   OXT  sing N N 233 
PRO CB  CG   sing N N 234 
PRO CB  HB2  sing N N 235 
PRO CB  HB3  sing N N 236 
PRO CG  CD   sing N N 237 
PRO CG  HG2  sing N N 238 
PRO CG  HG3  sing N N 239 
PRO CD  HD2  sing N N 240 
PRO CD  HD3  sing N N 241 
PRO OXT HXT  sing N N 242 
SER N   CA   sing N N 243 
SER N   H    sing N N 244 
SER N   H2   sing N N 245 
SER CA  C    sing N N 246 
SER CA  CB   sing N N 247 
SER CA  HA   sing N N 248 
SER C   O    doub N N 249 
SER C   OXT  sing N N 250 
SER CB  OG   sing N N 251 
SER CB  HB2  sing N N 252 
SER CB  HB3  sing N N 253 
SER OG  HG   sing N N 254 
SER OXT HXT  sing N N 255 
THR N   CA   sing N N 256 
THR N   H    sing N N 257 
THR N   H2   sing N N 258 
THR CA  C    sing N N 259 
THR CA  CB   sing N N 260 
THR CA  HA   sing N N 261 
THR C   O    doub N N 262 
THR C   OXT  sing N N 263 
THR CB  OG1  sing N N 264 
THR CB  CG2  sing N N 265 
THR CB  HB   sing N N 266 
THR OG1 HG1  sing N N 267 
THR CG2 HG21 sing N N 268 
THR CG2 HG22 sing N N 269 
THR CG2 HG23 sing N N 270 
THR OXT HXT  sing N N 271 
TYR N   CA   sing N N 272 
TYR N   H    sing N N 273 
TYR N   H2   sing N N 274 
TYR CA  C    sing N N 275 
TYR CA  CB   sing N N 276 
TYR CA  HA   sing N N 277 
TYR C   O    doub N N 278 
TYR C   OXT  sing N N 279 
TYR CB  CG   sing N N 280 
TYR CB  HB2  sing N N 281 
TYR CB  HB3  sing N N 282 
TYR CG  CD1  doub Y N 283 
TYR CG  CD2  sing Y N 284 
TYR CD1 CE1  sing Y N 285 
TYR CD1 HD1  sing N N 286 
TYR CD2 CE2  doub Y N 287 
TYR CD2 HD2  sing N N 288 
TYR CE1 CZ   doub Y N 289 
TYR CE1 HE1  sing N N 290 
TYR CE2 CZ   sing Y N 291 
TYR CE2 HE2  sing N N 292 
TYR CZ  OH   sing N N 293 
TYR OH  HH   sing N N 294 
TYR OXT HXT  sing N N 295 
VAL N   CA   sing N N 296 
VAL N   H    sing N N 297 
VAL N   H2   sing N N 298 
VAL CA  C    sing N N 299 
VAL CA  CB   sing N N 300 
VAL CA  HA   sing N N 301 
VAL C   O    doub N N 302 
VAL C   OXT  sing N N 303 
VAL CB  CG1  sing N N 304 
VAL CB  CG2  sing N N 305 
VAL CB  HB   sing N N 306 
VAL CG1 HG11 sing N N 307 
VAL CG1 HG12 sing N N 308 
VAL CG1 HG13 sing N N 309 
VAL CG2 HG21 sing N N 310 
VAL CG2 HG22 sing N N 311 
VAL CG2 HG23 sing N N 312 
VAL OXT HXT  sing N N 313 
# 
_atom_sites.entry_id                    1FIP 
_atom_sites.fract_transf_matrix[1][1]   -0.00640248 
_atom_sites.fract_transf_matrix[1][2]   0.00493647 
_atom_sites.fract_transf_matrix[1][3]   0.00972294 
_atom_sites.fract_transf_matrix[2][1]   -0.00751976 
_atom_sites.fract_transf_matrix[2][2]   -0.01761254 
_atom_sites.fract_transf_matrix[2][3]   0.00399041 
_atom_sites.fract_transf_matrix[3][1]   0.01632310 
_atom_sites.fract_transf_matrix[3][2]   -0.00406621 
_atom_sites.fract_transf_matrix[3][3]   0.01281311 
_atom_sites.fract_transf_vector[1]      0.119267 
_atom_sites.fract_transf_vector[2]      0.272607 
_atom_sites.fract_transf_vector[3]      0.903265 
# 
loop_
_atom_type.symbol 
C 
N 
O 
S 
# 
loop_
_atom_site.group_PDB 
_atom_site.id 
_atom_site.type_symbol 
_atom_site.label_atom_id 
_atom_site.label_alt_id 
_atom_site.label_comp_id 
_atom_site.label_asym_id 
_atom_site.label_entity_id 
_atom_site.label_seq_id 
_atom_site.pdbx_PDB_ins_code 
_atom_site.Cartn_x 
_atom_site.Cartn_y 
_atom_site.Cartn_z 
_atom_site.occupancy 
_atom_site.B_iso_or_equiv 
_atom_site.pdbx_formal_charge 
_atom_site.auth_seq_id 
_atom_site.auth_comp_id 
_atom_site.auth_asym_id 
_atom_site.auth_atom_id 
_atom_site.pdbx_PDB_model_num 
ATOM   1    N N   . PRO A 1 26 ? 7.008   -5.449  11.414  1.00 38.92  ? 26  PRO A N   1 
ATOM   2    C CA  . PRO A 1 26 ? 5.672   -5.410  10.850  1.00 39.10  ? 26  PRO A CA  1 
ATOM   3    C C   . PRO A 1 26 ? 5.685   -4.302  9.835   1.00 37.38  ? 26  PRO A C   1 
ATOM   4    O O   . PRO A 1 26 ? 6.055   -3.175  10.126  1.00 38.68  ? 26  PRO A O   1 
ATOM   5    C CB  . PRO A 1 26 ? 4.608   -5.064  11.886  1.00 36.28  ? 26  PRO A CB  1 
ATOM   6    C CG  . PRO A 1 26 ? 5.365   -5.154  13.178  1.00 31.81  ? 26  PRO A CG  1 
ATOM   7    C CD  . PRO A 1 26 ? 6.808   -4.867  12.735  1.00 34.77  ? 26  PRO A CD  1 
ATOM   8    N N   . LEU A 1 27 ? 5.152   -4.605  8.686   1.00 35.72  ? 27  LEU A N   1 
ATOM   9    C CA  . LEU A 1 27 ? 5.137   -3.699  7.590   1.00 28.59  ? 27  LEU A CA  1 
ATOM   10   C C   . LEU A 1 27 ? 4.458   -2.394  7.985   1.00 29.90  ? 27  LEU A C   1 
ATOM   11   O O   . LEU A 1 27 ? 4.908   -1.321  7.573   1.00 34.21  ? 27  LEU A O   1 
ATOM   12   C CB  . LEU A 1 27 ? 4.394   -4.343  6.417   1.00 30.50  ? 27  LEU A CB  1 
ATOM   13   C CG  . LEU A 1 27 ? 4.250   -3.527  5.119   1.00 33.83  ? 27  LEU A CG  1 
ATOM   14   C CD1 . LEU A 1 27 ? 5.655   -3.249  4.614   1.00 34.49  ? 27  LEU A CD1 1 
ATOM   15   C CD2 . LEU A 1 27 ? 3.384   -4.246  4.090   1.00 29.20  ? 27  LEU A CD2 1 
ATOM   16   N N   . ARG A 1 28 ? 3.384   -2.448  8.759   1.00 28.87  ? 28  ARG A N   1 
ATOM   17   C CA  . ARG A 1 28 ? 2.662   -1.249  9.153   1.00 35.31  ? 28  ARG A CA  1 
ATOM   18   C C   . ARG A 1 28 ? 3.552   -0.234  9.825   1.00 34.48  ? 28  ARG A C   1 
ATOM   19   O O   . ARG A 1 28 ? 3.381   0.958   9.580   1.00 30.98  ? 28  ARG A O   1 
ATOM   20   C CB  . ARG A 1 28 ? 1.588   -1.620  10.095  1.00 37.71  ? 28  ARG A CB  1 
ATOM   21   C CG  . ARG A 1 28 ? 0.300   -0.834  10.226  1.00 51.59  ? 28  ARG A CG  1 
ATOM   22   C CD  . ARG A 1 28 ? -0.491  -1.285  11.485  1.00 69.02  ? 28  ARG A CD  1 
ATOM   23   N NE  . ARG A 1 28 ? 0.077   -2.472  12.141  1.00 82.66  ? 28  ARG A NE  1 
ATOM   24   C CZ  . ARG A 1 28 ? 1.041   -2.401  13.097  1.00 92.07  ? 28  ARG A CZ  1 
ATOM   25   N NH1 . ARG A 1 28 ? 1.517   -1.210  13.492  1.00 89.96  ? 28  ARG A NH1 1 
ATOM   26   N NH2 . ARG A 1 28 ? 1.621   -3.523  13.564  1.00 97.97  ? 28  ARG A NH2 1 
ATOM   27   N N   . ASP A 1 29 ? 4.557   -0.683  10.580  1.00 31.07  ? 29  ASP A N   1 
ATOM   28   C CA  . ASP A 1 29 ? 5.461   0.228   11.264  1.00 33.30  ? 29  ASP A CA  1 
ATOM   29   C C   . ASP A 1 29 ? 6.495   0.801   10.329  1.00 40.18  ? 29  ASP A C   1 
ATOM   30   O O   . ASP A 1 29 ? 7.001   1.927   10.492  1.00 39.98  ? 29  ASP A O   1 
ATOM   31   C CB  . ASP A 1 29 ? 6.176   -0.469  12.435  1.00 36.95  ? 29  ASP A CB  1 
ATOM   32   C CG  . ASP A 1 29 ? 5.208   -0.969  13.502  1.00 52.95  ? 29  ASP A CG  1 
ATOM   33   O OD1 . ASP A 1 29 ? 4.054   -0.512  13.578  1.00 57.06  ? 29  ASP A OD1 1 
ATOM   34   O OD2 . ASP A 1 29 ? 5.585   -1.888  14.231  1.00 65.83  ? 29  ASP A OD2 1 
ATOM   35   N N   . SER A 1 30 ? 6.748   0.052   9.270   1.00 36.03  ? 30  SER A N   1 
ATOM   36   C CA  . SER A 1 30 ? 7.615   0.552   8.255   1.00 30.53  ? 30  SER A CA  1 
ATOM   37   C C   . SER A 1 30 ? 6.881   1.586   7.449   1.00 23.65  ? 30  SER A C   1 
ATOM   38   O O   . SER A 1 30 ? 7.559   2.578   7.128   1.00 27.48  ? 30  SER A O   1 
ATOM   39   C CB  . SER A 1 30 ? 8.120   -0.616  7.387   1.00 36.55  ? 30  SER A CB  1 
ATOM   40   O OG  . SER A 1 30 ? 9.092   -1.330  8.140   1.00 35.65  ? 30  SER A OG  1 
ATOM   41   N N   . VAL A 1 31 ? 5.570   1.491   7.138   1.00 19.93  ? 31  VAL A N   1 
ATOM   42   C CA  . VAL A 1 31 ? 5.104   2.587   6.338   1.00 22.25  ? 31  VAL A CA  1 
ATOM   43   C C   . VAL A 1 31 ? 4.911   3.787   7.266   1.00 27.45  ? 31  VAL A C   1 
ATOM   44   O O   . VAL A 1 31 ? 5.167   4.906   6.810   1.00 24.42  ? 31  VAL A O   1 
ATOM   45   C CB  . VAL A 1 31 ? 3.809   2.252   5.395   1.00 25.41  ? 31  VAL A CB  1 
ATOM   46   C CG1 . VAL A 1 31 ? 3.479   0.813   5.512   1.00 29.46  ? 31  VAL A CG1 1 
ATOM   47   C CG2 . VAL A 1 31 ? 2.684   3.220   5.591   1.00 21.57  ? 31  VAL A CG2 1 
ATOM   48   N N   . LYS A 1 32 ? 4.683   3.654   8.578   1.00 26.42  ? 32  LYS A N   1 
ATOM   49   C CA  . LYS A 1 32 ? 4.624   4.822   9.492   1.00 29.32  ? 32  LYS A CA  1 
ATOM   50   C C   . LYS A 1 32 ? 5.926   5.591   9.591   1.00 22.91  ? 32  LYS A C   1 
ATOM   51   O O   . LYS A 1 32 ? 5.944   6.812   9.666   1.00 23.51  ? 32  LYS A O   1 
ATOM   52   C CB  . LYS A 1 32 ? 4.247   4.439   10.933  1.00 24.82  ? 32  LYS A CB  1 
ATOM   53   C CG  . LYS A 1 32 ? 2.831   3.893   10.969  1.00 33.58  ? 32  LYS A CG  1 
ATOM   54   C CD  . LYS A 1 32 ? 2.214   3.762   12.331  1.00 41.25  ? 32  LYS A CD  1 
ATOM   55   C CE  . LYS A 1 32 ? 0.935   3.020   12.062  1.00 52.31  ? 32  LYS A CE  1 
ATOM   56   N NZ  . LYS A 1 32 ? -0.019  3.263   13.118  1.00 68.43  ? 32  LYS A NZ  1 
ATOM   57   N N   . GLN A 1 33 ? 7.058   4.903   9.633   1.00 22.53  ? 33  GLN A N   1 
ATOM   58   C CA  . GLN A 1 33 ? 8.373   5.540   9.671   1.00 27.22  ? 33  GLN A CA  1 
ATOM   59   C C   . GLN A 1 33 ? 8.706   6.220   8.365   1.00 23.43  ? 33  GLN A C   1 
ATOM   60   O O   . GLN A 1 33 ? 9.218   7.333   8.392   1.00 23.49  ? 33  GLN A O   1 
ATOM   61   C CB  . GLN A 1 33 ? 9.456   4.517   9.966   1.00 30.64  ? 33  GLN A CB  1 
ATOM   62   C CG  . GLN A 1 33 ? 10.779  5.189   10.308  1.00 61.63  ? 33  GLN A CG  1 
ATOM   63   C CD  . GLN A 1 33 ? 10.711  6.073   11.549  1.00 69.40  ? 33  GLN A CD  1 
ATOM   64   O OE1 . GLN A 1 33 ? 10.824  7.313   11.523  1.00 66.03  ? 33  GLN A OE1 1 
ATOM   65   N NE2 . GLN A 1 33 ? 10.509  5.412   12.687  1.00 71.77  ? 33  GLN A NE2 1 
ATOM   66   N N   . ALA A 1 34 ? 8.389   5.597   7.240   1.00 21.40  ? 34  ALA A N   1 
ATOM   67   C CA  . ALA A 1 34 ? 8.624   6.196   5.960   1.00 21.61  ? 34  ALA A CA  1 
ATOM   68   C C   . ALA A 1 34 ? 7.811   7.465   5.865   1.00 24.63  ? 34  ALA A C   1 
ATOM   69   O O   . ALA A 1 34 ? 8.236   8.447   5.258   1.00 25.40  ? 34  ALA A O   1 
ATOM   70   C CB  . ALA A 1 34 ? 8.194   5.264   4.834   1.00 23.81  ? 34  ALA A CB  1 
ATOM   71   N N   . LEU A 1 35 ? 6.603   7.479   6.416   1.00 25.20  ? 35  LEU A N   1 
ATOM   72   C CA  . LEU A 1 35 ? 5.782   8.681   6.364   1.00 22.38  ? 35  LEU A CA  1 
ATOM   73   C C   . LEU A 1 35 ? 6.230   9.753   7.375   1.00 22.24  ? 35  LEU A C   1 
ATOM   74   O O   . LEU A 1 35 ? 6.198   10.926  6.998   1.00 24.62  ? 35  LEU A O   1 
ATOM   75   C CB  . LEU A 1 35 ? 4.313   8.317   6.594   1.00 24.41  ? 35  LEU A CB  1 
ATOM   76   C CG  . LEU A 1 35 ? 3.634   7.605   5.433   1.00 32.90  ? 35  LEU A CG  1 
ATOM   77   C CD1 . LEU A 1 35 ? 2.316   7.001   5.927   1.00 34.61  ? 35  LEU A CD1 1 
ATOM   78   C CD2 . LEU A 1 35 ? 3.488   8.588   4.258   1.00 28.56  ? 35  LEU A CD2 1 
ATOM   79   N N   . LYS A 1 36 ? 6.705   9.410   8.595   1.00 26.42  ? 36  LYS A N   1 
ATOM   80   C CA  . LYS A 1 36 ? 7.293   10.365  9.525   1.00 23.35  ? 36  LYS A CA  1 
ATOM   81   C C   . LYS A 1 36 ? 8.417   11.093  8.819   1.00 29.28  ? 36  LYS A C   1 
ATOM   82   O O   . LYS A 1 36 ? 8.426   12.329  8.814   1.00 28.71  ? 36  LYS A O   1 
ATOM   83   C CB  . LYS A 1 36 ? 7.941   9.725   10.734  1.00 27.04  ? 36  LYS A CB  1 
ATOM   84   C CG  . LYS A 1 36 ? 7.056   9.054   11.743  1.00 39.75  ? 36  LYS A CG  1 
ATOM   85   C CD  . LYS A 1 36 ? 7.890   8.466   12.884  1.00 55.17  ? 36  LYS A CD  1 
ATOM   86   C CE  . LYS A 1 36 ? 7.018   8.001   14.069  1.00 68.16  ? 36  LYS A CE  1 
ATOM   87   N NZ  . LYS A 1 36 ? 6.050   6.957   13.747  1.00 76.58  ? 36  LYS A NZ  1 
ATOM   88   N N   . ASN A 1 37 ? 9.352   10.369  8.172   1.00 28.69  ? 37  ASN A N   1 
ATOM   89   C CA  . ASN A 1 37 ? 10.470  11.018  7.504   1.00 23.81  ? 37  ASN A CA  1 
ATOM   90   C C   . ASN A 1 37 ? 10.046  11.837  6.329   1.00 23.07  ? 37  ASN A C   1 
ATOM   91   O O   . ASN A 1 37 ? 10.658  12.872  6.095   1.00 24.26  ? 37  ASN A O   1 
ATOM   92   C CB  . ASN A 1 37 ? 11.484  10.038  7.023   1.00 24.64  ? 37  ASN A CB  1 
ATOM   93   C CG  . ASN A 1 37 ? 11.914  9.141   8.148   1.00 27.75  ? 37  ASN A CG  1 
ATOM   94   O OD1 . ASN A 1 37 ? 12.731  8.272   7.933   1.00 42.88  ? 37  ASN A OD1 1 
ATOM   95   N ND2 . ASN A 1 37 ? 11.482  9.210   9.401   1.00 50.58  ? 37  ASN A ND2 1 
ATOM   96   N N   . TYR A 1 38 ? 8.982   11.469  5.627   1.00 21.34  ? 38  TYR A N   1 
ATOM   97   C CA  . TYR A 1 38 ? 8.485   12.288  4.529   1.00 18.99  ? 38  TYR A CA  1 
ATOM   98   C C   . TYR A 1 38 ? 7.847   13.585  5.021   1.00 22.70  ? 38  TYR A C   1 
ATOM   99   O O   . TYR A 1 38 ? 8.075   14.639  4.442   1.00 27.44  ? 38  TYR A O   1 
ATOM   100  C CB  . TYR A 1 38 ? 7.477   11.468  3.751   1.00 19.82  ? 38  TYR A CB  1 
ATOM   101  C CG  . TYR A 1 38 ? 6.865   12.198  2.593   1.00 18.98  ? 38  TYR A CG  1 
ATOM   102  C CD1 . TYR A 1 38 ? 7.685   12.543  1.557   1.00 33.47  ? 38  TYR A CD1 1 
ATOM   103  C CD2 . TYR A 1 38 ? 5.534   12.518  2.579   1.00 22.46  ? 38  TYR A CD2 1 
ATOM   104  C CE1 . TYR A 1 38 ? 7.159   13.226  0.493   1.00 37.17  ? 38  TYR A CE1 1 
ATOM   105  C CE2 . TYR A 1 38 ? 5.008   13.205  1.507   1.00 27.59  ? 38  TYR A CE2 1 
ATOM   106  C CZ  . TYR A 1 38 ? 5.829   13.562  0.462   1.00 38.51  ? 38  TYR A CZ  1 
ATOM   107  O OH  . TYR A 1 38 ? 5.347   14.251  -0.650  1.00 46.65  ? 38  TYR A OH  1 
ATOM   108  N N   . PHE A 1 39 ? 7.004   13.584  6.044   1.00 25.99  ? 39  PHE A N   1 
ATOM   109  C CA  . PHE A 1 39 ? 6.400   14.792  6.597   1.00 19.96  ? 39  PHE A CA  1 
ATOM   110  C C   . PHE A 1 39 ? 7.492   15.705  7.154   1.00 22.71  ? 39  PHE A C   1 
ATOM   111  O O   . PHE A 1 39 ? 7.343   16.934  7.129   1.00 27.81  ? 39  PHE A O   1 
ATOM   112  C CB  . PHE A 1 39 ? 5.471   14.425  7.699   1.00 19.31  ? 39  PHE A CB  1 
ATOM   113  C CG  . PHE A 1 39 ? 4.227   13.667  7.317   1.00 23.89  ? 39  PHE A CG  1 
ATOM   114  C CD1 . PHE A 1 39 ? 3.684   13.779  6.061   1.00 31.03  ? 39  PHE A CD1 1 
ATOM   115  C CD2 . PHE A 1 39 ? 3.657   12.854  8.271   1.00 23.52  ? 39  PHE A CD2 1 
ATOM   116  C CE1 . PHE A 1 39 ? 2.520   13.105  5.781   1.00 28.91  ? 39  PHE A CE1 1 
ATOM   117  C CE2 . PHE A 1 39 ? 2.495   12.183  7.961   1.00 27.28  ? 39  PHE A CE2 1 
ATOM   118  C CZ  . PHE A 1 39 ? 1.914   12.312  6.724   1.00 22.69  ? 39  PHE A CZ  1 
ATOM   119  N N   . ALA A 1 40 ? 8.617   15.141  7.625   1.00 20.24  ? 40  ALA A N   1 
ATOM   120  C CA  . ALA A 1 40 ? 9.727   15.951  8.061   1.00 23.17  ? 40  ALA A CA  1 
ATOM   121  C C   . ALA A 1 40 ? 10.354  16.736  6.920   1.00 30.46  ? 40  ALA A C   1 
ATOM   122  O O   . ALA A 1 40 ? 11.101  17.649  7.233   1.00 37.71  ? 40  ALA A O   1 
ATOM   123  C CB  . ALA A 1 40 ? 10.828  15.094  8.675   1.00 23.72  ? 40  ALA A CB  1 
ATOM   124  N N   . GLN A 1 41 ? 10.092  16.468  5.619   1.00 34.64  ? 41  GLN A N   1 
ATOM   125  C CA  . GLN A 1 41 ? 10.650  17.171  4.460   1.00 32.44  ? 41  GLN A CA  1 
ATOM   126  C C   . GLN A 1 41 ? 9.695   18.180  3.862   1.00 35.05  ? 41  GLN A C   1 
ATOM   127  O O   . GLN A 1 41 ? 10.118  18.991  3.037   1.00 42.91  ? 41  GLN A O   1 
ATOM   128  C CB  . GLN A 1 41 ? 10.940  16.317  3.263   1.00 41.94  ? 41  GLN A CB  1 
ATOM   129  C CG  . GLN A 1 41 ? 11.588  14.984  3.509   1.00 50.70  ? 41  GLN A CG  1 
ATOM   130  C CD  . GLN A 1 41 ? 12.873  15.127  4.269   1.00 53.26  ? 41  GLN A CD  1 
ATOM   131  O OE1 . GLN A 1 41 ? 13.569  16.140  4.137   1.00 59.98  ? 41  GLN A OE1 1 
ATOM   132  N NE2 . GLN A 1 41 ? 13.178  14.108  5.058   1.00 60.12  ? 41  GLN A NE2 1 
ATOM   133  N N   . LEU A 1 42 ? 8.410   18.199  4.234   1.00 43.87  ? 42  LEU A N   1 
ATOM   134  C CA  . LEU A 1 42 ? 7.429   19.190  3.784   1.00 49.56  ? 42  LEU A CA  1 
ATOM   135  C C   . LEU A 1 42 ? 7.672   20.516  4.520   1.00 64.50  ? 42  LEU A C   1 
ATOM   136  O O   . LEU A 1 42 ? 7.721   20.500  5.757   1.00 64.01  ? 42  LEU A O   1 
ATOM   137  C CB  . LEU A 1 42 ? 6.050   18.626  4.090   1.00 34.35  ? 42  LEU A CB  1 
ATOM   138  C CG  . LEU A 1 42 ? 5.412   17.618  3.115   1.00 40.25  ? 42  LEU A CG  1 
ATOM   139  C CD1 . LEU A 1 42 ? 6.397   16.638  2.534   1.00 43.79  ? 42  LEU A CD1 1 
ATOM   140  C CD2 . LEU A 1 42 ? 4.350   16.878  3.888   1.00 35.47  ? 42  LEU A CD2 1 
ATOM   141  N N   . ASN A 1 43 ? 7.955   21.666  3.880   1.00 73.14  ? 43  ASN A N   1 
ATOM   142  C CA  . ASN A 1 43 ? 8.052   22.956  4.612   1.00 84.64  ? 43  ASN A CA  1 
ATOM   143  C C   . ASN A 1 43 ? 7.090   23.901  3.911   1.00 88.07  ? 43  ASN A C   1 
ATOM   144  O O   . ASN A 1 43 ? 7.406   24.550  2.886   1.00 88.62  ? 43  ASN A O   1 
ATOM   145  C CB  . ASN A 1 43 ? 9.355   23.697  4.515   1.00 88.05  ? 43  ASN A CB  1 
ATOM   146  C CG  . ASN A 1 43 ? 10.626  23.046  5.010   1.00 91.59  ? 43  ASN A CG  1 
ATOM   147  O OD1 . ASN A 1 43 ? 11.347  23.660  5.806   1.00 95.21  ? 43  ASN A OD1 1 
ATOM   148  N ND2 . ASN A 1 43 ? 10.753  21.760  4.661   1.00 85.60  ? 43  ASN A ND2 1 
ATOM   149  N N   . GLY A 1 44 ? 5.828   23.821  4.349   1.00 92.07  ? 44  GLY A N   1 
ATOM   150  C CA  . GLY A 1 44 ? 4.812   24.626  3.680   1.00 94.81  ? 44  GLY A CA  1 
ATOM   151  C C   . GLY A 1 44 ? 4.552   24.154  2.241   1.00 95.57  ? 44  GLY A C   1 
ATOM   152  O O   . GLY A 1 44 ? 3.729   24.810  1.592   1.00 97.98  ? 44  GLY A O   1 
ATOM   153  N N   . GLN A 1 45 ? 5.251   23.058  1.786   1.00 92.05  ? 45  GLN A N   1 
ATOM   154  C CA  . GLN A 1 45 ? 5.104   22.423  0.474   1.00 82.38  ? 45  GLN A CA  1 
ATOM   155  C C   . GLN A 1 45 ? 3.832   21.611  0.518   1.00 78.46  ? 45  GLN A C   1 
ATOM   156  O O   . GLN A 1 45 ? 3.754   20.654  1.307   1.00 80.95  ? 45  GLN A O   1 
ATOM   157  C CB  . GLN A 1 45 ? 6.039   21.299  0.070   1.00 84.14  ? 45  GLN A CB  1 
ATOM   158  C CG  . GLN A 1 45 ? 7.536   21.223  -0.128  1.00 92.17  ? 45  GLN A CG  1 
ATOM   159  C CD  . GLN A 1 45 ? 7.787   19.983  -1.012  1.00 95.06  ? 45  GLN A CD  1 
ATOM   160  O OE1 . GLN A 1 45 ? 8.512   19.033  -0.692  1.00 98.65  ? 45  GLN A OE1 1 
ATOM   161  N NE2 . GLN A 1 45 ? 7.172   19.879  -2.188  1.00 95.26  ? 45  GLN A NE2 1 
ATOM   162  N N   . ASP A 1 46 ? 2.857   21.992  -0.289  1.00 76.05  ? 46  ASP A N   1 
ATOM   163  C CA  . ASP A 1 46 ? 1.727   21.111  -0.431  1.00 73.60  ? 46  ASP A CA  1 
ATOM   164  C C   . ASP A 1 46 ? 2.088   19.778  -1.082  1.00 66.01  ? 46  ASP A C   1 
ATOM   165  O O   . ASP A 1 46 ? 3.120   19.547  -1.747  1.00 67.89  ? 46  ASP A O   1 
ATOM   166  C CB  . ASP A 1 46 ? 0.623   21.754  -1.258  1.00 81.51  ? 46  ASP A CB  1 
ATOM   167  C CG  . ASP A 1 46 ? -0.109  22.859  -0.503  1.00 89.55  ? 46  ASP A CG  1 
ATOM   168  O OD1 . ASP A 1 46 ? -0.684  22.595  0.571   1.00 94.21  ? 46  ASP A OD1 1 
ATOM   169  O OD2 . ASP A 1 46 ? -0.102  23.977  -1.024  1.00 91.43  ? 46  ASP A OD2 1 
ATOM   170  N N   . VAL A 1 47 ? 1.216   18.863  -0.667  1.00 53.52  ? 47  VAL A N   1 
ATOM   171  C CA  . VAL A 1 47 ? 1.170   17.473  -1.068  1.00 34.09  ? 47  VAL A CA  1 
ATOM   172  C C   . VAL A 1 47 ? -0.318  17.329  -1.267  1.00 27.07  ? 47  VAL A C   1 
ATOM   173  O O   . VAL A 1 47 ? -1.041  17.636  -0.321  1.00 30.60  ? 47  VAL A O   1 
ATOM   174  C CB  . VAL A 1 47 ? 1.559   16.512  0.013   1.00 33.37  ? 47  VAL A CB  1 
ATOM   175  C CG1 . VAL A 1 47 ? 1.606   15.113  -0.609  1.00 38.91  ? 47  VAL A CG1 1 
ATOM   176  C CG2 . VAL A 1 47 ? 2.914   16.857  0.576   1.00 41.69  ? 47  VAL A CG2 1 
ATOM   177  N N   . ASN A 1 48 ? -0.815  16.922  -2.435  1.00 17.74  ? 48  ASN A N   1 
ATOM   178  C CA  . ASN A 1 48 ? -2.219  16.674  -2.654  1.00 14.97  ? 48  ASN A CA  1 
ATOM   179  C C   . ASN A 1 48 ? -2.444  15.368  -3.398  1.00 15.76  ? 48  ASN A C   1 
ATOM   180  O O   . ASN A 1 48 ? -3.517  15.140  -3.960  1.00 25.01  ? 48  ASN A O   1 
ATOM   181  C CB  . ASN A 1 48 ? -2.895  17.775  -3.458  1.00 25.43  ? 48  ASN A CB  1 
ATOM   182  C CG  . ASN A 1 48 ? -2.294  17.906  -4.837  1.00 40.75  ? 48  ASN A CG  1 
ATOM   183  O OD1 . ASN A 1 48 ? -1.097  17.719  -5.017  1.00 51.12  ? 48  ASN A OD1 1 
ATOM   184  N ND2 . ASN A 1 48 ? -3.027  18.207  -5.888  1.00 50.56  ? 48  ASN A ND2 1 
ATOM   185  N N   . ASP A 1 49 ? -1.446  14.500  -3.358  1.00 19.05  ? 49  ASP A N   1 
ATOM   186  C CA  . ASP A 1 49 ? -1.488  13.208  -3.999  1.00 16.37  ? 49  ASP A CA  1 
ATOM   187  C C   . ASP A 1 49 ? -0.937  12.145  -3.077  1.00 16.98  ? 49  ASP A C   1 
ATOM   188  O O   . ASP A 1 49 ? -0.558  11.107  -3.581  1.00 20.20  ? 49  ASP A O   1 
ATOM   189  C CB  . ASP A 1 49 ? -0.648  13.280  -5.282  1.00 18.48  ? 49  ASP A CB  1 
ATOM   190  C CG  . ASP A 1 49 ? 0.867   13.455  -5.109  1.00 23.66  ? 49  ASP A CG  1 
ATOM   191  O OD1 . ASP A 1 49 ? 1.399   13.918  -4.080  1.00 25.11  ? 49  ASP A OD1 1 
ATOM   192  O OD2 . ASP A 1 49 ? 1.576   13.159  -6.061  1.00 28.22  ? 49  ASP A OD2 1 
ATOM   193  N N   . LEU A 1 50 ? -0.875  12.263  -1.745  1.00 16.12  ? 50  LEU A N   1 
ATOM   194  C CA  . LEU A 1 50 ? -0.256  11.231  -0.921  1.00 15.47  ? 50  LEU A CA  1 
ATOM   195  C C   . LEU A 1 50 ? -0.829  9.807   -0.989  1.00 18.02  ? 50  LEU A C   1 
ATOM   196  O O   . LEU A 1 50 ? -0.070  8.843   -0.883  1.00 12.53  ? 50  LEU A O   1 
ATOM   197  C CB  . LEU A 1 50 ? -0.263  11.671  0.545   1.00 15.47  ? 50  LEU A CB  1 
ATOM   198  C CG  . LEU A 1 50 ? 0.635   10.932  1.523   1.00 22.48  ? 50  LEU A CG  1 
ATOM   199  C CD1 . LEU A 1 50 ? 2.108   11.193  1.238   1.00 19.32  ? 50  LEU A CD1 1 
ATOM   200  C CD2 . LEU A 1 50 ? 0.326   11.440  2.913   1.00 24.07  ? 50  LEU A CD2 1 
ATOM   201  N N   . TYR A 1 51 ? -2.137  9.584   -1.187  1.00 15.75  ? 51  TYR A N   1 
ATOM   202  C CA  . TYR A 1 51 ? -2.677  8.246   -1.354  1.00 15.12  ? 51  TYR A CA  1 
ATOM   203  C C   . TYR A 1 51 ? -2.073  7.553   -2.598  1.00 16.95  ? 51  TYR A C   1 
ATOM   204  O O   . TYR A 1 51 ? -1.482  6.482   -2.434  1.00 20.46  ? 51  TYR A O   1 
ATOM   205  C CB  . TYR A 1 51 ? -4.186  8.318   -1.515  1.00 12.54  ? 51  TYR A CB  1 
ATOM   206  C CG  . TYR A 1 51 ? -4.801  6.942   -1.515  1.00 12.12  ? 51  TYR A CG  1 
ATOM   207  C CD1 . TYR A 1 51 ? -4.873  6.233   -0.340  1.00 18.96  ? 51  TYR A CD1 1 
ATOM   208  C CD2 . TYR A 1 51 ? -5.282  6.458   -2.699  1.00 17.98  ? 51  TYR A CD2 1 
ATOM   209  C CE1 . TYR A 1 51 ? -5.396  4.973   -0.370  1.00 25.12  ? 51  TYR A CE1 1 
ATOM   210  C CE2 . TYR A 1 51 ? -5.809  5.203   -2.727  1.00 26.53  ? 51  TYR A CE2 1 
ATOM   211  C CZ  . TYR A 1 51 ? -5.878  4.486   -1.560  1.00 26.23  ? 51  TYR A CZ  1 
ATOM   212  O OH  . TYR A 1 51 ? -6.391  3.212   -1.616  1.00 30.24  ? 51  TYR A OH  1 
ATOM   213  N N   . GLU A 1 52 ? -2.174  8.124   -3.820  1.00 20.83  ? 52  GLU A N   1 
ATOM   214  C CA  . GLU A 1 52 ? -1.614  7.558   -5.041  1.00 17.91  ? 52  GLU A CA  1 
ATOM   215  C C   . GLU A 1 52 ? -0.125  7.453   -4.944  1.00 18.15  ? 52  GLU A C   1 
ATOM   216  O O   . GLU A 1 52 ? 0.429   6.459   -5.388  1.00 22.56  ? 52  GLU A O   1 
ATOM   217  C CB  . GLU A 1 52 ? -1.869  8.365   -6.302  1.00 19.05  ? 52  GLU A CB  1 
ATOM   218  C CG  . GLU A 1 52 ? -3.262  8.133   -6.893  1.00 39.91  ? 52  GLU A CG  1 
ATOM   219  C CD  . GLU A 1 52 ? -3.351  7.478   -8.271  1.00 53.74  ? 52  GLU A CD  1 
ATOM   220  O OE1 . GLU A 1 52 ? -2.358  7.297   -9.010  1.00 48.52  ? 52  GLU A OE1 1 
ATOM   221  O OE2 . GLU A 1 52 ? -4.475  7.113   -8.611  1.00 69.17  ? 52  GLU A OE2 1 
ATOM   222  N N   . LEU A 1 53 ? 0.580   8.382   -4.347  1.00 15.13  ? 53  LEU A N   1 
ATOM   223  C CA  . LEU A 1 53 ? 1.997   8.262   -4.178  1.00 12.77  ? 53  LEU A CA  1 
ATOM   224  C C   . LEU A 1 53 ? 2.377   7.078   -3.336  1.00 18.55  ? 53  LEU A C   1 
ATOM   225  O O   . LEU A 1 53 ? 3.359   6.432   -3.673  1.00 22.62  ? 53  LEU A O   1 
ATOM   226  C CB  . LEU A 1 53 ? 2.530   9.567   -3.565  1.00 13.06  ? 53  LEU A CB  1 
ATOM   227  C CG  . LEU A 1 53 ? 3.922   9.680   -2.967  1.00 24.83  ? 53  LEU A CG  1 
ATOM   228  C CD1 . LEU A 1 53 ? 5.013   9.409   -3.971  1.00 34.83  ? 53  LEU A CD1 1 
ATOM   229  C CD2 . LEU A 1 53 ? 4.091   11.120  -2.499  1.00 31.48  ? 53  LEU A CD2 1 
ATOM   230  N N   . VAL A 1 54 ? 1.672   6.727   -2.271  1.00 20.08  ? 54  VAL A N   1 
ATOM   231  C CA  . VAL A 1 54 ? 2.077   5.596   -1.452  1.00 22.16  ? 54  VAL A CA  1 
ATOM   232  C C   . VAL A 1 54 ? 1.628   4.312   -2.147  1.00 14.16  ? 54  VAL A C   1 
ATOM   233  O O   . VAL A 1 54 ? 2.344   3.310   -2.221  1.00 18.34  ? 54  VAL A O   1 
ATOM   234  C CB  . VAL A 1 54 ? 1.446   5.758   -0.019  1.00 26.60  ? 54  VAL A CB  1 
ATOM   235  C CG1 . VAL A 1 54 ? 1.582   4.498   0.850   1.00 21.49  ? 54  VAL A CG1 1 
ATOM   236  C CG2 . VAL A 1 54 ? 2.231   6.852   0.708   1.00 23.33  ? 54  VAL A CG2 1 
ATOM   237  N N   . LEU A 1 55 ? 0.440   4.369   -2.714  1.00 16.36  ? 55  LEU A N   1 
ATOM   238  C CA  . LEU A 1 55 ? -0.143  3.244   -3.405  1.00 17.25  ? 55  LEU A CA  1 
ATOM   239  C C   . LEU A 1 55 ? 0.731   2.852   -4.573  1.00 25.86  ? 55  LEU A C   1 
ATOM   240  O O   . LEU A 1 55 ? 0.994   1.670   -4.755  1.00 23.10  ? 55  LEU A O   1 
ATOM   241  C CB  . LEU A 1 55 ? -1.490  3.593   -3.940  1.00 14.89  ? 55  LEU A CB  1 
ATOM   242  C CG  . LEU A 1 55 ? -2.398  2.460   -4.245  1.00 33.12  ? 55  LEU A CG  1 
ATOM   243  C CD1 . LEU A 1 55 ? -2.787  1.853   -2.911  1.00 34.52  ? 55  LEU A CD1 1 
ATOM   244  C CD2 . LEU A 1 55 ? -3.577  2.918   -5.089  1.00 39.45  ? 55  LEU A CD2 1 
ATOM   245  N N   . ALA A 1 56 ? 1.276   3.793   -5.339  1.00 19.79  ? 56  ALA A N   1 
ATOM   246  C CA  . ALA A 1 56 ? 2.118   3.449   -6.485  1.00 22.43  ? 56  ALA A CA  1 
ATOM   247  C C   . ALA A 1 56 ? 3.385   2.735   -6.082  1.00 23.10  ? 56  ALA A C   1 
ATOM   248  O O   . ALA A 1 56 ? 3.865   1.818   -6.754  1.00 22.09  ? 56  ALA A O   1 
ATOM   249  C CB  . ALA A 1 56 ? 2.555   4.670   -7.251  1.00 19.18  ? 56  ALA A CB  1 
ATOM   250  N N   . GLU A 1 57 ? 3.931   3.121   -4.954  1.00 18.75  ? 57  GLU A N   1 
ATOM   251  C CA  . GLU A 1 57 ? 5.146   2.515   -4.445  1.00 21.59  ? 57  GLU A CA  1 
ATOM   252  C C   . GLU A 1 57 ? 4.985   1.059   -3.945  1.00 27.00  ? 57  GLU A C   1 
ATOM   253  O O   . GLU A 1 57 ? 5.798   0.148   -4.162  1.00 23.53  ? 57  GLU A O   1 
ATOM   254  C CB  . GLU A 1 57 ? 5.577   3.493   -3.375  1.00 18.49  ? 57  GLU A CB  1 
ATOM   255  C CG  . GLU A 1 57 ? 6.870   3.187   -2.731  1.00 30.76  ? 57  GLU A CG  1 
ATOM   256  C CD  . GLU A 1 57 ? 8.138   3.352   -3.548  1.00 43.25  ? 57  GLU A CD  1 
ATOM   257  O OE1 . GLU A 1 57 ? 8.128   3.750   -4.737  1.00 41.92  ? 57  GLU A OE1 1 
ATOM   258  O OE2 . GLU A 1 57 ? 9.163   3.058   -2.920  1.00 39.31  ? 57  GLU A OE2 1 
ATOM   259  N N   . VAL A 1 58 ? 3.871   0.839   -3.248  1.00 22.94  ? 58  VAL A N   1 
ATOM   260  C CA  . VAL A 1 58 ? 3.522   -0.439  -2.667  1.00 21.70  ? 58  VAL A CA  1 
ATOM   261  C C   . VAL A 1 58 ? 2.973   -1.349  -3.770  1.00 20.22  ? 58  VAL A C   1 
ATOM   262  O O   . VAL A 1 58 ? 3.400   -2.512  -3.811  1.00 22.75  ? 58  VAL A O   1 
ATOM   263  C CB  . VAL A 1 58 ? 2.471   -0.194  -1.517  1.00 21.47  ? 58  VAL A CB  1 
ATOM   264  C CG1 . VAL A 1 58 ? 1.748   -1.467  -1.065  1.00 28.40  ? 58  VAL A CG1 1 
ATOM   265  C CG2 . VAL A 1 58 ? 3.239   0.383   -0.350  1.00 22.15  ? 58  VAL A CG2 1 
ATOM   266  N N   . GLU A 1 59 ? 2.035   -0.925  -4.645  1.00 17.70  ? 59  GLU A N   1 
ATOM   267  C CA  . GLU A 1 59 ? 1.528   -1.759  -5.726  1.00 20.11  ? 59  GLU A CA  1 
ATOM   268  C C   . GLU A 1 59 ? 2.638   -2.170  -6.655  1.00 23.82  ? 59  GLU A C   1 
ATOM   269  O O   . GLU A 1 59 ? 2.665   -3.335  -7.000  1.00 21.76  ? 59  GLU A O   1 
ATOM   270  C CB  . GLU A 1 59 ? 0.526   -1.117  -6.630  1.00 17.10  ? 59  GLU A CB  1 
ATOM   271  C CG  . GLU A 1 59 ? -0.824  -1.011  -5.962  1.00 21.17  ? 59  GLU A CG  1 
ATOM   272  C CD  . GLU A 1 59 ? -1.966  -0.714  -6.894  1.00 24.73  ? 59  GLU A CD  1 
ATOM   273  O OE1 . GLU A 1 59 ? -1.830  -0.127  -7.950  1.00 24.62  ? 59  GLU A OE1 1 
ATOM   274  O OE2 . GLU A 1 59 ? -3.084  -1.075  -6.594  1.00 28.71  ? 59  GLU A OE2 1 
ATOM   275  N N   . GLN A 1 60 ? 3.593   -1.348  -7.078  1.00 21.10  ? 60  GLN A N   1 
ATOM   276  C CA  . GLN A 1 60 ? 4.681   -1.817  -7.926  1.00 23.98  ? 60  GLN A CA  1 
ATOM   277  C C   . GLN A 1 60 ? 5.506   -2.910  -7.267  1.00 24.56  ? 60  GLN A C   1 
ATOM   278  O O   . GLN A 1 60 ? 5.883   -3.881  -7.917  1.00 23.25  ? 60  GLN A O   1 
ATOM   279  C CB  . GLN A 1 60 ? 5.655   -0.707  -8.288  1.00 21.07  ? 60  GLN A CB  1 
ATOM   280  C CG  . GLN A 1 60 ? 5.099   0.166   -9.364  1.00 33.68  ? 60  GLN A CG  1 
ATOM   281  C CD  . GLN A 1 60 ? 5.985   1.346   -9.723  1.00 43.27  ? 60  GLN A CD  1 
ATOM   282  O OE1 . GLN A 1 60 ? 6.999   1.227   -10.409 1.00 54.20  ? 60  GLN A OE1 1 
ATOM   283  N NE2 . GLN A 1 60 ? 5.656   2.516   -9.195  1.00 30.88  ? 60  GLN A NE2 1 
ATOM   284  N N   . ALA A 1 61 ? 5.812   -2.791  -5.972  1.00 22.45  ? 61  ALA A N   1 
ATOM   285  C CA  . ALA A 1 61 ? 6.596   -3.781  -5.255  1.00 20.17  ? 61  ALA A CA  1 
ATOM   286  C C   . ALA A 1 61 ? 5.872   -5.101  -5.152  1.00 21.26  ? 61  ALA A C   1 
ATOM   287  O O   . ALA A 1 61 ? 6.490   -6.146  -5.303  1.00 19.96  ? 61  ALA A O   1 
ATOM   288  C CB  . ALA A 1 61 ? 6.897   -3.287  -3.843  1.00 21.93  ? 61  ALA A CB  1 
ATOM   289  N N   . LEU A 1 62 ? 4.556   -5.039  -4.902  1.00 18.94  ? 62  LEU A N   1 
ATOM   290  C CA  . LEU A 1 62 ? 3.725   -6.216  -4.800  1.00 23.48  ? 62  LEU A CA  1 
ATOM   291  C C   . LEU A 1 62 ? 3.594   -6.926  -6.149  1.00 17.34  ? 62  LEU A C   1 
ATOM   292  O O   . LEU A 1 62 ? 3.809   -8.134  -6.199  1.00 20.91  ? 62  LEU A O   1 
ATOM   293  C CB  . LEU A 1 62 ? 2.322   -5.824  -4.239  1.00 19.45  ? 62  LEU A CB  1 
ATOM   294  C CG  . LEU A 1 62 ? 1.211   -6.889  -4.157  1.00 22.84  ? 62  LEU A CG  1 
ATOM   295  C CD1 . LEU A 1 62 ? 1.674   -8.020  -3.245  1.00 23.09  ? 62  LEU A CD1 1 
ATOM   296  C CD2 . LEU A 1 62 ? -0.067  -6.297  -3.612  1.00 26.49  ? 62  LEU A CD2 1 
ATOM   297  N N   . LEU A 1 63 ? 3.241   -6.245  -7.224  1.00 14.46  ? 63  LEU A N   1 
ATOM   298  C CA  . LEU A 1 63 ? 3.141   -6.843  -8.515  1.00 15.47  ? 63  LEU A CA  1 
ATOM   299  C C   . LEU A 1 63 ? 4.475   -7.446  -8.878  1.00 19.55  ? 63  LEU A C   1 
ATOM   300  O O   . LEU A 1 63 ? 4.513   -8.576  -9.322  1.00 21.49  ? 63  LEU A O   1 
ATOM   301  C CB  . LEU A 1 63 ? 2.732   -5.797  -9.482  1.00 13.45  ? 63  LEU A CB  1 
ATOM   302  C CG  . LEU A 1 63 ? 1.337   -5.267  -9.304  1.00 15.49  ? 63  LEU A CG  1 
ATOM   303  C CD1 . LEU A 1 63 ? 1.113   -4.087  -10.213 1.00 27.13  ? 63  LEU A CD1 1 
ATOM   304  C CD2 . LEU A 1 63 ? 0.365   -6.310  -9.665  1.00 18.89  ? 63  LEU A CD2 1 
ATOM   305  N N   . ASP A 1 64 ? 5.584   -6.782  -8.600  1.00 20.30  ? 64  ASP A N   1 
ATOM   306  C CA  . ASP A 1 64 ? 6.900   -7.292  -8.910  1.00 22.32  ? 64  ASP A CA  1 
ATOM   307  C C   . ASP A 1 64 ? 7.141   -8.590  -8.187  1.00 23.00  ? 64  ASP A C   1 
ATOM   308  O O   . ASP A 1 64 ? 7.449   -9.592  -8.828  1.00 26.25  ? 64  ASP A O   1 
ATOM   309  C CB  . ASP A 1 64 ? 7.977   -6.294  -8.492  1.00 30.30  ? 64  ASP A CB  1 
ATOM   310  C CG  . ASP A 1 64 ? 9.406   -6.714  -8.805  1.00 49.63  ? 64  ASP A CG  1 
ATOM   311  O OD1 . ASP A 1 64 ? 9.654   -7.225  -9.891  1.00 60.26  ? 64  ASP A OD1 1 
ATOM   312  O OD2 . ASP A 1 64 ? 10.292  -6.521  -7.959  1.00 63.82  ? 64  ASP A OD2 1 
ATOM   313  N N   . MET A 1 65 ? 6.931   -8.620  -6.886  1.00 17.76  ? 65  MET A N   1 
ATOM   314  C CA  . MET A 1 65 ? 7.119   -9.836  -6.136  1.00 17.44  ? 65  MET A CA  1 
ATOM   315  C C   . MET A 1 65 ? 6.179   -10.987 -6.522  1.00 20.82  ? 65  MET A C   1 
ATOM   316  O O   . MET A 1 65 ? 6.600   -12.151 -6.624  1.00 20.93  ? 65  MET A O   1 
ATOM   317  C CB  . MET A 1 65 ? 6.973   -9.534  -4.656  1.00 20.61  ? 65  MET A CB  1 
ATOM   318  C CG  . MET A 1 65 ? 8.127   -8.702  -4.163  1.00 34.39  ? 65  MET A CG  1 
ATOM   319  S SD  . MET A 1 65 ? 9.711   -9.578  -4.199  1.00 41.54  ? 65  MET A SD  1 
ATOM   320  C CE  . MET A 1 65 ? 10.497  -8.823  -5.600  1.00 47.28  ? 65  MET A CE  1 
ATOM   321  N N   . VAL A 1 66 ? 4.914   -10.765 -6.813  1.00 15.93  ? 66  VAL A N   1 
ATOM   322  C CA  . VAL A 1 66 ? 4.058   -11.878 -7.149  1.00 17.76  ? 66  VAL A CA  1 
ATOM   323  C C   . VAL A 1 66 ? 4.410   -12.401 -8.536  1.00 23.01  ? 66  VAL A C   1 
ATOM   324  O O   . VAL A 1 66 ? 4.495   -13.628 -8.703  1.00 20.03  ? 66  VAL A O   1 
ATOM   325  C CB  . VAL A 1 66 ? 2.587   -11.407 -7.041  1.00 20.94  ? 66  VAL A CB  1 
ATOM   326  C CG1 . VAL A 1 66 ? 1.553   -12.409 -7.497  1.00 19.65  ? 66  VAL A CG1 1 
ATOM   327  C CG2 . VAL A 1 66 ? 2.349   -11.262 -5.559  1.00 17.43  ? 66  VAL A CG2 1 
ATOM   328  N N   . MET A 1 67 ? 4.714   -11.526 -9.522  1.00 21.34  ? 67  MET A N   1 
ATOM   329  C CA  . MET A 1 67 ? 5.076   -11.959 -10.878 1.00 24.90  ? 67  MET A CA  1 
ATOM   330  C C   . MET A 1 67 ? 6.364   -12.756 -10.830 1.00 18.66  ? 67  MET A C   1 
ATOM   331  O O   . MET A 1 67 ? 6.479   -13.764 -11.502 1.00 20.76  ? 67  MET A O   1 
ATOM   332  C CB  . MET A 1 67 ? 5.259   -10.770 -11.847 1.00 18.76  ? 67  MET A CB  1 
ATOM   333  C CG  . MET A 1 67 ? 3.924   -10.105 -12.229 1.00 14.90  ? 67  MET A CG  1 
ATOM   334  S SD  . MET A 1 67 ? 2.634   -11.191 -12.839 1.00 31.88  ? 67  MET A SD  1 
ATOM   335  C CE  . MET A 1 67 ? 2.879   -10.897 -14.550 1.00 24.22  ? 67  MET A CE  1 
ATOM   336  N N   . GLN A 1 68 ? 7.303   -12.400 -9.994  1.00 16.97  ? 68  GLN A N   1 
ATOM   337  C CA  . GLN A 1 68 ? 8.505   -13.181 -9.867  1.00 23.02  ? 68  GLN A CA  1 
ATOM   338  C C   . GLN A 1 68 ? 8.204   -14.549 -9.267  1.00 31.04  ? 68  GLN A C   1 
ATOM   339  O O   . GLN A 1 68 ? 8.724   -15.552 -9.736  1.00 23.03  ? 68  GLN A O   1 
ATOM   340  C CB  . GLN A 1 68 ? 9.494   -12.382 -9.011  1.00 17.20  ? 68  GLN A CB  1 
ATOM   341  C CG  . GLN A 1 68 ? 10.712  -13.185 -8.618  1.00 23.92  ? 68  GLN A CG  1 
ATOM   342  C CD  . GLN A 1 68 ? 11.697  -12.433 -7.765  1.00 27.53  ? 68  GLN A CD  1 
ATOM   343  O OE1 . GLN A 1 68 ? 11.641  -12.501 -6.554  1.00 33.61  ? 68  GLN A OE1 1 
ATOM   344  N NE2 . GLN A 1 68 ? 12.640  -11.685 -8.306  1.00 38.32  ? 68  GLN A NE2 1 
ATOM   345  N N   . TYR A 1 69 ? 7.330   -14.659 -8.278  1.00 27.59  ? 69  TYR A N   1 
ATOM   346  C CA  . TYR A 1 69 ? 7.025   -15.920 -7.620  1.00 20.52  ? 69  TYR A CA  1 
ATOM   347  C C   . TYR A 1 69 ? 6.304   -16.885 -8.547  1.00 19.39  ? 69  TYR A C   1 
ATOM   348  O O   . TYR A 1 69 ? 6.469   -18.096 -8.522  1.00 23.48  ? 69  TYR A O   1 
ATOM   349  C CB  . TYR A 1 69 ? 6.140   -15.643 -6.398  1.00 25.42  ? 69  TYR A CB  1 
ATOM   350  C CG  . TYR A 1 69 ? 5.869   -16.840 -5.498  1.00 23.94  ? 69  TYR A CG  1 
ATOM   351  C CD1 . TYR A 1 69 ? 6.836   -17.228 -4.602  1.00 25.55  ? 69  TYR A CD1 1 
ATOM   352  C CD2 . TYR A 1 69 ? 4.648   -17.480 -5.527  1.00 25.78  ? 69  TYR A CD2 1 
ATOM   353  C CE1 . TYR A 1 69 ? 6.604   -18.253 -3.717  1.00 32.27  ? 69  TYR A CE1 1 
ATOM   354  C CE2 . TYR A 1 69 ? 4.412   -18.511 -4.634  1.00 40.67  ? 69  TYR A CE2 1 
ATOM   355  C CZ  . TYR A 1 69 ? 5.391   -18.898 -3.732  1.00 36.52  ? 69  TYR A CZ  1 
ATOM   356  O OH  . TYR A 1 69 ? 5.131   -19.896 -2.795  1.00 51.16  ? 69  TYR A OH  1 
ATOM   357  N N   . THR A 1 70 ? 5.459   -16.308 -9.350  1.00 16.76  ? 70  THR A N   1 
ATOM   358  C CA  . THR A 1 70 ? 4.586   -16.983 -10.282 1.00 21.04  ? 70  THR A CA  1 
ATOM   359  C C   . THR A 1 70 ? 5.298   -17.175 -11.604 1.00 25.43  ? 70  THR A C   1 
ATOM   360  O O   . THR A 1 70 ? 4.709   -17.733 -12.519 1.00 23.00  ? 70  THR A O   1 
ATOM   361  C CB  . THR A 1 70 ? 3.379   -16.005 -10.268 1.00 23.88  ? 70  THR A CB  1 
ATOM   362  O OG1 . THR A 1 70 ? 2.299   -16.674 -9.621  1.00 33.55  ? 70  THR A OG1 1 
ATOM   363  C CG2 . THR A 1 70 ? 3.070   -15.445 -11.588 1.00 11.21  ? 70  THR A CG2 1 
ATOM   364  N N   . ARG A 1 71 ? 6.521   -16.672 -11.774 1.00 23.14  ? 71  ARG A N   1 
ATOM   365  C CA  . ARG A 1 71 ? 7.262   -16.684 -13.027 1.00 20.76  ? 71  ARG A CA  1 
ATOM   366  C C   . ARG A 1 71 ? 6.456   -16.116 -14.169 1.00 22.91  ? 71  ARG A C   1 
ATOM   367  O O   . ARG A 1 71 ? 6.434   -16.606 -15.299 1.00 25.51  ? 71  ARG A O   1 
ATOM   368  C CB  . ARG A 1 71 ? 7.730   -18.104 -13.364 1.00 21.28  ? 71  ARG A CB  1 
ATOM   369  C CG  . ARG A 1 71 ? 8.735   -18.542 -12.331 1.00 30.06  ? 71  ARG A CG  1 
ATOM   370  C CD  . ARG A 1 71 ? 9.749   -19.492 -12.895 1.00 37.20  ? 71  ARG A CD  1 
ATOM   371  N NE  . ARG A 1 71 ? 9.214   -20.794 -13.238 1.00 40.45  ? 71  ARG A NE  1 
ATOM   372  C CZ  . ARG A 1 71 ? 9.843   -21.917 -12.836 1.00 49.39  ? 71  ARG A CZ  1 
ATOM   373  N NH1 . ARG A 1 71 ? 10.950  -21.854 -12.104 1.00 46.85  ? 71  ARG A NH1 1 
ATOM   374  N NH2 . ARG A 1 71 ? 9.369   -23.115 -13.193 1.00 58.85  ? 71  ARG A NH2 1 
ATOM   375  N N   . GLY A 1 72 ? 5.725   -15.046 -13.856 1.00 19.59  ? 72  GLY A N   1 
ATOM   376  C CA  . GLY A 1 72 ? 4.992   -14.300 -14.858 1.00 13.17  ? 72  GLY A CA  1 
ATOM   377  C C   . GLY A 1 72 ? 3.662   -14.856 -15.305 1.00 15.90  ? 72  GLY A C   1 
ATOM   378  O O   . GLY A 1 72 ? 3.043   -14.313 -16.233 1.00 19.01  ? 72  GLY A O   1 
ATOM   379  N N   . ASN A 1 73 ? 3.190   -15.916 -14.661 1.00 18.23  ? 73  ASN A N   1 
ATOM   380  C CA  . ASN A 1 73 ? 1.906   -16.446 -14.992 1.00 16.42  ? 73  ASN A CA  1 
ATOM   381  C C   . ASN A 1 73 ? 0.842   -15.466 -14.486 1.00 18.13  ? 73  ASN A C   1 
ATOM   382  O O   . ASN A 1 73 ? 0.742   -15.317 -13.285 1.00 18.16  ? 73  ASN A O   1 
ATOM   383  C CB  . ASN A 1 73 ? 1.777   -17.823 -14.332 1.00 13.46  ? 73  ASN A CB  1 
ATOM   384  C CG  . ASN A 1 73 ? 0.538   -18.538 -14.856 1.00 20.92  ? 73  ASN A CG  1 
ATOM   385  O OD1 . ASN A 1 73 ? -0.601  -18.122 -14.624 1.00 17.72  ? 73  ASN A OD1 1 
ATOM   386  N ND2 . ASN A 1 73 ? 0.688   -19.639 -15.585 1.00 21.99  ? 73  ASN A ND2 1 
ATOM   387  N N   . GLN A 1 74 ? 0.027   -14.807 -15.279 1.00 12.83  ? 74  GLN A N   1 
ATOM   388  C CA  . GLN A 1 74 ? -0.910  -13.856 -14.792 1.00 18.78  ? 74  GLN A CA  1 
ATOM   389  C C   . GLN A 1 74 ? -2.112  -14.464 -14.108 1.00 26.06  ? 74  GLN A C   1 
ATOM   390  O O   . GLN A 1 74 ? -2.579  -13.880 -13.124 1.00 20.78  ? 74  GLN A O   1 
ATOM   391  C CB  . GLN A 1 74 ? -1.402  -12.986 -15.910 1.00 13.78  ? 74  GLN A CB  1 
ATOM   392  C CG  . GLN A 1 74 ? -0.227  -12.109 -16.281 1.00 20.90  ? 74  GLN A CG  1 
ATOM   393  C CD  . GLN A 1 74 ? -0.507  -11.313 -17.522 1.00 31.14  ? 74  GLN A CD  1 
ATOM   394  O OE1 . GLN A 1 74 ? -1.571  -11.381 -18.155 1.00 29.97  ? 74  GLN A OE1 1 
ATOM   395  N NE2 . GLN A 1 74 ? 0.455   -10.509 -17.917 1.00 49.07  ? 74  GLN A NE2 1 
ATOM   396  N N   . THR A 1 75 ? -2.683  -15.577 -14.576 1.00 21.61  ? 75  THR A N   1 
ATOM   397  C CA  . THR A 1 75 ? -3.797  -16.204 -13.890 1.00 20.57  ? 75  THR A CA  1 
ATOM   398  C C   . THR A 1 75 ? -3.384  -16.573 -12.479 1.00 19.17  ? 75  THR A C   1 
ATOM   399  O O   . THR A 1 75 ? -4.104  -16.277 -11.535 1.00 19.60  ? 75  THR A O   1 
ATOM   400  C CB  . THR A 1 75 ? -4.246  -17.450 -14.692 1.00 18.76  ? 75  THR A CB  1 
ATOM   401  O OG1 . THR A 1 75 ? -4.763  -16.912 -15.908 1.00 22.73  ? 75  THR A OG1 1 
ATOM   402  C CG2 . THR A 1 75 ? -5.311  -18.304 -14.009 1.00 17.13  ? 75  THR A CG2 1 
ATOM   403  N N   . ARG A 1 76 ? -2.231  -17.183 -12.273 1.00 13.73  ? 76  ARG A N   1 
ATOM   404  C CA  . ARG A 1 76 ? -1.781  -17.569 -10.966 1.00 25.39  ? 76  ARG A CA  1 
ATOM   405  C C   . ARG A 1 76 ? -1.609  -16.391 -10.032 1.00 24.70  ? 76  ARG A C   1 
ATOM   406  O O   . ARG A 1 76 ? -2.009  -16.475 -8.867  1.00 18.29  ? 76  ARG A O   1 
ATOM   407  C CB  . ARG A 1 76 ? -0.461  -18.301 -11.084 1.00 34.62  ? 76  ARG A CB  1 
ATOM   408  C CG  . ARG A 1 76 ? -0.585  -19.753 -10.788 1.00 44.21  ? 76  ARG A CG  1 
ATOM   409  C CD  . ARG A 1 76 ? -0.444  -20.077 -9.288  1.00 78.76  ? 76  ARG A CD  1 
ATOM   410  N NE  . ARG A 1 76 ? -1.298  -19.468 -8.240  1.00 86.18  ? 76  ARG A NE  1 
ATOM   411  C CZ  . ARG A 1 76 ? -2.618  -19.691 -8.090  1.00 87.42  ? 76  ARG A CZ  1 
ATOM   412  N NH1 . ARG A 1 76 ? -3.288  -20.401 -9.028  1.00 86.01  ? 76  ARG A NH1 1 
ATOM   413  N NH2 . ARG A 1 76 ? -3.240  -19.093 -7.050  1.00 91.94  ? 76  ARG A NH2 1 
ATOM   414  N N   . ALA A 1 77 ? -0.977  -15.340 -10.553 1.00 21.81  ? 77  ALA A N   1 
ATOM   415  C CA  . ALA A 1 77 ? -0.703  -14.129 -9.794  1.00 24.27  ? 77  ALA A CA  1 
ATOM   416  C C   . ALA A 1 77 ? -2.036  -13.519 -9.385  1.00 19.53  ? 77  ALA A C   1 
ATOM   417  O O   . ALA A 1 77 ? -2.239  -13.223 -8.212  1.00 19.94  ? 77  ALA A O   1 
ATOM   418  C CB  . ALA A 1 77 ? 0.078   -13.080 -10.632 1.00 16.26  ? 77  ALA A CB  1 
ATOM   419  N N   . ALA A 1 78 ? -3.001  -13.375 -10.280 1.00 10.40  ? 78  ALA A N   1 
ATOM   420  C CA  . ALA A 1 78 ? -4.270  -12.777 -9.926  1.00 15.68  ? 78  ALA A CA  1 
ATOM   421  C C   . ALA A 1 78 ? -5.008  -13.621 -8.904  1.00 22.35  ? 78  ALA A C   1 
ATOM   422  O O   . ALA A 1 78 ? -5.579  -13.065 -7.985  1.00 22.78  ? 78  ALA A O   1 
ATOM   423  C CB  . ALA A 1 78 ? -5.156  -12.628 -11.147 1.00 12.87  ? 78  ALA A CB  1 
ATOM   424  N N   . LEU A 1 79 ? -4.952  -14.937 -8.924  1.00 18.95  ? 79  LEU A N   1 
ATOM   425  C CA  . LEU A 1 79 ? -5.619  -15.812 -7.967  1.00 19.41  ? 79  LEU A CA  1 
ATOM   426  C C   . LEU A 1 79 ? -4.997  -15.676 -6.588  1.00 18.40  ? 79  LEU A C   1 
ATOM   427  O O   . LEU A 1 79 ? -5.662  -15.713 -5.548  1.00 21.45  ? 79  LEU A O   1 
ATOM   428  C CB  . LEU A 1 79 ? -5.505  -17.277 -8.442  1.00 14.32  ? 79  LEU A CB  1 
ATOM   429  C CG  . LEU A 1 79 ? -6.575  -18.047 -9.220  1.00 23.75  ? 79  LEU A CG  1 
ATOM   430  C CD1 . LEU A 1 79 ? -7.640  -17.176 -9.821  1.00 20.90  ? 79  LEU A CD1 1 
ATOM   431  C CD2 . LEU A 1 79 ? -5.812  -18.894 -10.221 1.00 24.33  ? 79  LEU A CD2 1 
ATOM   432  N N   . MET A 1 80 ? -3.681  -15.532 -6.562  1.00 15.04  ? 80  MET A N   1 
ATOM   433  C CA  . MET A 1 80 ? -2.989  -15.365 -5.313  1.00 14.91  ? 80  MET A CA  1 
ATOM   434  C C   . MET A 1 80 ? -3.327  -14.001 -4.737  1.00 22.49  ? 80  MET A C   1 
ATOM   435  O O   . MET A 1 80 ? -3.377  -13.817 -3.535  1.00 26.02  ? 80  MET A O   1 
ATOM   436  C CB  . MET A 1 80 ? -1.501  -15.357 -5.420  1.00 19.25  ? 80  MET A CB  1 
ATOM   437  C CG  . MET A 1 80 ? -0.848  -16.592 -5.939  1.00 31.66  ? 80  MET A CG  1 
ATOM   438  S SD  . MET A 1 80 ? 0.915   -16.519 -5.543  1.00 42.59  ? 80  MET A SD  1 
ATOM   439  C CE  . MET A 1 80 ? 1.123   -18.204 -6.065  1.00 49.16  ? 80  MET A CE  1 
ATOM   440  N N   . MET A 1 81 ? -3.526  -12.974 -5.525  1.00 17.66  ? 81  MET A N   1 
ATOM   441  C CA  . MET A 1 81 ? -3.810  -11.656 -5.014  1.00 23.90  ? 81  MET A CA  1 
ATOM   442  C C   . MET A 1 81 ? -5.280  -11.446 -4.708  1.00 25.85  ? 81  MET A C   1 
ATOM   443  O O   . MET A 1 81 ? -5.640  -10.538 -3.974  1.00 20.19  ? 81  MET A O   1 
ATOM   444  C CB  . MET A 1 81 ? -3.332  -10.639 -6.031  1.00 17.07  ? 81  MET A CB  1 
ATOM   445  C CG  . MET A 1 81 ? -1.833  -10.485 -5.924  1.00 21.28  ? 81  MET A CG  1 
ATOM   446  S SD  . MET A 1 81 ? -1.413  -9.460  -7.330  1.00 33.27  ? 81  MET A SD  1 
ATOM   447  C CE  . MET A 1 81 ? -1.724  -7.923  -6.518  1.00 34.51  ? 81  MET A CE  1 
ATOM   448  N N   . GLY A 1 82 ? -6.141  -12.245 -5.296  1.00 19.17  ? 82  GLY A N   1 
ATOM   449  C CA  . GLY A 1 82 ? -7.540  -12.127 -5.046  1.00 21.40  ? 82  GLY A CA  1 
ATOM   450  C C   . GLY A 1 82 ? -8.192  -11.128 -5.921  1.00 26.13  ? 82  GLY A C   1 
ATOM   451  O O   . GLY A 1 82 ? -9.292  -10.709 -5.587  1.00 25.78  ? 82  GLY A O   1 
ATOM   452  N N   . ILE A 1 83 ? -7.554  -10.753 -7.033  1.00 29.97  ? 83  ILE A N   1 
ATOM   453  C CA  . ILE A 1 83 ? -8.103  -9.788  -7.984  1.00 24.92  ? 83  ILE A CA  1 
ATOM   454  C C   . ILE A 1 83 ? -8.372  -10.438 -9.334  1.00 26.30  ? 83  ILE A C   1 
ATOM   455  O O   . ILE A 1 83 ? -7.984  -11.566 -9.642  1.00 30.53  ? 83  ILE A O   1 
ATOM   456  C CB  . ILE A 1 83 ? -7.164  -8.568  -8.225  1.00 20.89  ? 83  ILE A CB  1 
ATOM   457  C CG1 . ILE A 1 83 ? -5.761  -8.935  -8.687  1.00 20.44  ? 83  ILE A CG1 1 
ATOM   458  C CG2 . ILE A 1 83 ? -7.155  -7.814  -6.887  1.00 22.42  ? 83  ILE A CG2 1 
ATOM   459  C CD1 . ILE A 1 83 ? -4.946  -7.680  -8.970  1.00 23.81  ? 83  ILE A CD1 1 
ATOM   460  N N   . ASN A 1 84 ? -9.113  -9.736  -10.135 1.00 23.66  ? 84  ASN A N   1 
ATOM   461  C CA  . ASN A 1 84 ? -9.497  -10.183 -11.453 1.00 30.49  ? 84  ASN A CA  1 
ATOM   462  C C   . ASN A 1 84 ? -8.284  -10.168 -12.377 1.00 30.34  ? 84  ASN A C   1 
ATOM   463  O O   . ASN A 1 84 ? -7.490  -9.230  -12.256 1.00 27.88  ? 84  ASN A O   1 
ATOM   464  C CB  . ASN A 1 84 ? -10.567 -9.227  -11.842 1.00 36.69  ? 84  ASN A CB  1 
ATOM   465  C CG  . ASN A 1 84 ? -11.224 -9.677  -13.085 1.00 57.86  ? 84  ASN A CG  1 
ATOM   466  O OD1 . ASN A 1 84 ? -10.728 -9.513  -14.202 1.00 74.04  ? 84  ASN A OD1 1 
ATOM   467  N ND2 . ASN A 1 84 ? -12.361 -10.286 -12.822 1.00 70.98  ? 84  ASN A ND2 1 
ATOM   468  N N   . ARG A 1 85 ? -8.068  -11.101 -13.315 1.00 30.31  ? 85  ARG A N   1 
ATOM   469  C CA  . ARG A 1 85 ? -6.861  -11.119 -14.177 1.00 32.34  ? 85  ARG A CA  1 
ATOM   470  C C   . ARG A 1 85 ? -6.837  -9.866  -15.042 1.00 24.97  ? 85  ARG A C   1 
ATOM   471  O O   . ARG A 1 85 ? -5.780  -9.335  -15.360 1.00 25.50  ? 85  ARG A O   1 
ATOM   472  C CB  . ARG A 1 85 ? -6.824  -12.371 -15.110 1.00 27.27  ? 85  ARG A CB  1 
ATOM   473  C CG  . ARG A 1 85 ? -5.636  -12.525 -16.080 1.00 26.44  ? 85  ARG A CG  1 
ATOM   474  C CD  . ARG A 1 85 ? -5.852  -13.770 -16.927 1.00 25.86  ? 85  ARG A CD  1 
ATOM   475  N NE  . ARG A 1 85 ? -4.769  -14.109 -17.838 1.00 25.18  ? 85  ARG A NE  1 
ATOM   476  C CZ  . ARG A 1 85 ? -4.647  -13.591 -19.067 1.00 22.00  ? 85  ARG A CZ  1 
ATOM   477  N NH1 . ARG A 1 85 ? -5.514  -12.702 -19.552 1.00 25.36  ? 85  ARG A NH1 1 
ATOM   478  N NH2 . ARG A 1 85 ? -3.726  -14.090 -19.881 1.00 28.54  ? 85  ARG A NH2 1 
ATOM   479  N N   . GLY A 1 86 ? -8.029  -9.365  -15.362 1.00 24.67  ? 86  GLY A N   1 
ATOM   480  C CA  . GLY A 1 86 ? -8.200  -8.126  -16.078 1.00 25.52  ? 86  GLY A CA  1 
ATOM   481  C C   . GLY A 1 86 ? -7.681  -6.969  -15.244 1.00 23.82  ? 86  GLY A C   1 
ATOM   482  O O   . GLY A 1 86 ? -6.996  -6.081  -15.760 1.00 24.07  ? 86  GLY A O   1 
ATOM   483  N N   . THR A 1 87 ? -7.939  -7.005  -13.948 1.00 29.29  ? 87  THR A N   1 
ATOM   484  C CA  . THR A 1 87 ? -7.504  -5.949  -13.073 1.00 28.12  ? 87  THR A CA  1 
ATOM   485  C C   . THR A 1 87 ? -6.005  -5.951  -12.955 1.00 21.04  ? 87  THR A C   1 
ATOM   486  O O   . THR A 1 87 ? -5.365  -4.892  -13.001 1.00 21.49  ? 87  THR A O   1 
ATOM   487  C CB  . THR A 1 87 ? -8.175  -6.164  -11.735 1.00 29.12  ? 87  THR A CB  1 
ATOM   488  O OG1 . THR A 1 87 ? -9.559  -6.316  -11.999 1.00 35.77  ? 87  THR A OG1 1 
ATOM   489  C CG2 . THR A 1 87 ? -7.946  -5.021  -10.789 1.00 30.35  ? 87  THR A CG2 1 
ATOM   490  N N   . LEU A 1 88 ? -5.448  -7.149  -12.764 1.00 20.57  ? 88  LEU A N   1 
ATOM   491  C CA  . LEU A 1 88 ? -4.003  -7.336  -12.746 1.00 25.03  ? 88  LEU A CA  1 
ATOM   492  C C   . LEU A 1 88 ? -3.315  -6.726  -13.961 1.00 22.56  ? 88  LEU A C   1 
ATOM   493  O O   . LEU A 1 88 ? -2.338  -5.992  -13.829 1.00 20.96  ? 88  LEU A O   1 
ATOM   494  C CB  . LEU A 1 88 ? -3.613  -8.810  -12.734 1.00 19.08  ? 88  LEU A CB  1 
ATOM   495  C CG  . LEU A 1 88 ? -2.116  -9.112  -12.663 1.00 19.31  ? 88  LEU A CG  1 
ATOM   496  C CD1 . LEU A 1 88 ? -1.627  -8.870  -11.269 1.00 23.39  ? 88  LEU A CD1 1 
ATOM   497  C CD2 . LEU A 1 88 ? -1.850  -10.562 -12.958 1.00 21.85  ? 88  LEU A CD2 1 
ATOM   498  N N   . ARG A 1 89 ? -3.819  -7.028  -15.149 1.00 19.55  ? 89  ARG A N   1 
ATOM   499  C CA  . ARG A 1 89 ? -3.216  -6.506  -16.355 1.00 26.33  ? 89  ARG A CA  1 
ATOM   500  C C   . ARG A 1 89 ? -3.390  -4.996  -16.463 1.00 22.94  ? 89  ARG A C   1 
ATOM   501  O O   . ARG A 1 89 ? -2.433  -4.358  -16.927 1.00 32.61  ? 89  ARG A O   1 
ATOM   502  C CB  . ARG A 1 89 ? -3.815  -7.242  -17.558 1.00 28.87  ? 89  ARG A CB  1 
ATOM   503  C CG  . ARG A 1 89 ? -3.340  -8.715  -17.600 1.00 29.50  ? 89  ARG A CG  1 
ATOM   504  C CD  . ARG A 1 89 ? -4.134  -9.534  -18.594 1.00 29.59  ? 89  ARG A CD  1 
ATOM   505  N NE  . ARG A 1 89 ? -4.012  -8.935  -19.908 1.00 33.82  ? 89  ARG A NE  1 
ATOM   506  C CZ  . ARG A 1 89 ? -2.996  -9.186  -20.736 1.00 40.43  ? 89  ARG A CZ  1 
ATOM   507  N NH1 . ARG A 1 89 ? -2.016  -10.034 -20.416 1.00 38.80  ? 89  ARG A NH1 1 
ATOM   508  N NH2 . ARG A 1 89 ? -2.957  -8.543  -21.901 1.00 53.20  ? 89  ARG A NH2 1 
ATOM   509  N N   . LYS A 1 90 ? -4.505  -4.376  -16.021 1.00 25.57  ? 90  LYS A N   1 
ATOM   510  C CA  . LYS A 1 90 ? -4.636  -2.911  -15.994 1.00 24.84  ? 90  LYS A CA  1 
ATOM   511  C C   . LYS A 1 90 ? -3.566  -2.326  -15.108 1.00 22.47  ? 90  LYS A C   1 
ATOM   512  O O   . LYS A 1 90 ? -2.868  -1.428  -15.551 1.00 27.94  ? 90  LYS A O   1 
ATOM   513  C CB  . LYS A 1 90 ? -5.922  -2.379  -15.406 1.00 29.35  ? 90  LYS A CB  1 
ATOM   514  C CG  . LYS A 1 90 ? -7.056  -2.113  -16.376 1.00 54.76  ? 90  LYS A CG  1 
ATOM   515  C CD  . LYS A 1 90 ? -8.192  -1.393  -15.632 1.00 66.60  ? 90  LYS A CD  1 
ATOM   516  C CE  . LYS A 1 90 ? -8.126  0.157   -15.649 1.00 83.29  ? 90  LYS A CE  1 
ATOM   517  N NZ  . LYS A 1 90 ? -8.481  0.716   -16.956 1.00 92.71  ? 90  LYS A NZ  1 
ATOM   518  N N   . LYS A 1 91 ? -3.336  -2.878  -13.933 1.00 19.15  ? 91  LYS A N   1 
ATOM   519  C CA  . LYS A 1 91 ? -2.330  -2.363  -13.050 1.00 21.50  ? 91  LYS A CA  1 
ATOM   520  C C   . LYS A 1 91 ? -0.924  -2.539  -13.590 1.00 20.04  ? 91  LYS A C   1 
ATOM   521  O O   . LYS A 1 91 ? -0.077  -1.669  -13.414 1.00 22.35  ? 91  LYS A O   1 
ATOM   522  C CB  . LYS A 1 91 ? -2.492  -3.053  -11.676 1.00 18.33  ? 91  LYS A CB  1 
ATOM   523  C CG  . LYS A 1 91 ? -3.732  -2.626  -10.871 1.00 22.80  ? 91  LYS A CG  1 
ATOM   524  C CD  . LYS A 1 91 ? -3.865  -3.505  -9.624  1.00 34.77  ? 91  LYS A CD  1 
ATOM   525  C CE  . LYS A 1 91 ? -5.037  -3.179  -8.703  1.00 31.48  ? 91  LYS A CE  1 
ATOM   526  N NZ  . LYS A 1 91 ? -4.879  -1.826  -8.213  1.00 46.93  ? 91  LYS A NZ  1 
ATOM   527  N N   . LEU A 1 92 ? -0.630  -3.644  -14.279 1.00 24.94  ? 92  LEU A N   1 
ATOM   528  C CA  . LEU A 1 92 ? 0.679   -3.950  -14.857 1.00 23.65  ? 92  LEU A CA  1 
ATOM   529  C C   . LEU A 1 92 ? 0.977   -2.860  -15.861 1.00 27.03  ? 92  LEU A C   1 
ATOM   530  O O   . LEU A 1 92 ? 2.033   -2.254  -15.830 1.00 27.42  ? 92  LEU A O   1 
ATOM   531  C CB  . LEU A 1 92 ? 0.597   -5.309  -15.531 1.00 21.44  ? 92  LEU A CB  1 
ATOM   532  C CG  . LEU A 1 92 ? 1.462   -6.485  -15.099 1.00 32.52  ? 92  LEU A CG  1 
ATOM   533  C CD1 . LEU A 1 92 ? 1.890   -6.328  -13.677 1.00 18.11  ? 92  LEU A CD1 1 
ATOM   534  C CD2 . LEU A 1 92 ? 0.690   -7.777  -15.354 1.00 27.15  ? 92  LEU A CD2 1 
ATOM   535  N N   . LYS A 1 93 ? -0.007  -2.537  -16.674 1.00 25.69  ? 93  LYS A N   1 
ATOM   536  C CA  . LYS A 1 93 ? 0.138   -1.505  -17.663 1.00 33.24  ? 93  LYS A CA  1 
ATOM   537  C C   . LYS A 1 93 ? 0.175   -0.107  -17.047 1.00 32.53  ? 93  LYS A C   1 
ATOM   538  O O   . LYS A 1 93 ? 0.988   0.709   -17.475 1.00 28.48  ? 93  LYS A O   1 
ATOM   539  C CB  . LYS A 1 93 ? -1.002  -1.700  -18.629 1.00 32.98  ? 93  LYS A CB  1 
ATOM   540  C CG  . LYS A 1 93 ? -1.179  -0.648  -19.698 1.00 39.42  ? 93  LYS A CG  1 
ATOM   541  C CD  . LYS A 1 93 ? -2.623  -0.712  -20.124 1.00 57.65  ? 93  LYS A CD  1 
ATOM   542  C CE  . LYS A 1 93 ? -3.516  -0.597  -18.886 1.00 71.31  ? 93  LYS A CE  1 
ATOM   543  N NZ  . LYS A 1 93 ? -4.916  -0.339  -19.168 1.00 76.95  ? 93  LYS A NZ  1 
ATOM   544  N N   . LYS A 1 94 ? -0.610  0.237   -16.030 1.00 21.54  ? 94  LYS A N   1 
ATOM   545  C CA  . LYS A 1 94 ? -0.532  1.529   -15.356 1.00 27.46  ? 94  LYS A CA  1 
ATOM   546  C C   . LYS A 1 94 ? 0.902   1.881   -14.937 1.00 23.36  ? 94  LYS A C   1 
ATOM   547  O O   . LYS A 1 94 ? 1.331   3.030   -15.008 1.00 28.61  ? 94  LYS A O   1 
ATOM   548  C CB  . LYS A 1 94 ? -1.432  1.536   -14.087 1.00 27.76  ? 94  LYS A CB  1 
ATOM   549  C CG  . LYS A 1 94 ? -1.589  2.851   -13.280 1.00 30.16  ? 94  LYS A CG  1 
ATOM   550  C CD  . LYS A 1 94 ? -2.230  2.604   -11.923 1.00 29.68  ? 94  LYS A CD  1 
ATOM   551  C CE  . LYS A 1 94 ? -2.284  3.854   -11.062 1.00 42.77  ? 94  LYS A CE  1 
ATOM   552  N NZ  . LYS A 1 94 ? -2.074  3.563   -9.657  1.00 55.60  ? 94  LYS A NZ  1 
ATOM   553  N N   . TYR A 1 95 ? 1.656   0.882   -14.495 1.00 23.18  ? 95  TYR A N   1 
ATOM   554  C CA  . TYR A 1 95 ? 2.999   1.080   -13.999 1.00 19.75  ? 95  TYR A CA  1 
ATOM   555  C C   . TYR A 1 95 ? 3.993   0.744   -15.084 1.00 22.03  ? 95  TYR A C   1 
ATOM   556  O O   . TYR A 1 95 ? 5.167   0.647   -14.770 1.00 28.99  ? 95  TYR A O   1 
ATOM   557  C CB  . TYR A 1 95 ? 3.283   0.174   -12.722 1.00 23.47  ? 95  TYR A CB  1 
ATOM   558  C CG  . TYR A 1 95 ? 2.398   0.548   -11.542 1.00 27.59  ? 95  TYR A CG  1 
ATOM   559  C CD1 . TYR A 1 95 ? 2.455   1.855   -11.078 1.00 26.74  ? 95  TYR A CD1 1 
ATOM   560  C CD2 . TYR A 1 95 ? 1.473   -0.332  -11.016 1.00 24.76  ? 95  TYR A CD2 1 
ATOM   561  C CE1 . TYR A 1 95 ? 1.596   2.305   -10.106 1.00 23.13  ? 95  TYR A CE1 1 
ATOM   562  C CE2 . TYR A 1 95 ? 0.586   0.127   -10.061 1.00 20.51  ? 95  TYR A CE2 1 
ATOM   563  C CZ  . TYR A 1 95 ? 0.669   1.432   -9.629  1.00 23.20  ? 95  TYR A CZ  1 
ATOM   564  O OH  . TYR A 1 95 ? -0.200  1.958   -8.735  1.00 30.41  ? 95  TYR A OH  1 
ATOM   565  N N   . GLY A 1 96 ? 3.605   0.517   -16.342 1.00 29.28  ? 96  GLY A N   1 
ATOM   566  C CA  . GLY A 1 96 ? 4.535   0.067   -17.385 1.00 31.93  ? 96  GLY A CA  1 
ATOM   567  C C   . GLY A 1 96 ? 5.282   -1.244  -17.103 1.00 34.93  ? 96  GLY A C   1 
ATOM   568  O O   . GLY A 1 96 ? 6.478   -1.360  -17.357 1.00 37.58  ? 96  GLY A O   1 
ATOM   569  N N   . MET A 1 97 ? 4.626   -2.267  -16.571 1.00 36.53  ? 97  MET A N   1 
ATOM   570  C CA  . MET A 1 97 ? 5.236   -3.562  -16.276 1.00 37.17  ? 97  MET A CA  1 
ATOM   571  C C   . MET A 1 97 ? 4.749   -4.670  -17.233 1.00 38.42  ? 97  MET A C   1 
ATOM   572  O O   . MET A 1 97 ? 5.033   -5.872  -17.080 1.00 46.70  ? 97  MET A O   1 
ATOM   573  C CB  . MET A 1 97 ? 4.912   -3.960  -14.854 1.00 28.11  ? 97  MET A CB  1 
ATOM   574  C CG  . MET A 1 97 ? 5.359   -2.951  -13.837 1.00 41.17  ? 97  MET A CG  1 
ATOM   575  S SD  . MET A 1 97 ? 5.027   -3.537  -12.157 1.00 39.22  ? 97  MET A SD  1 
ATOM   576  C CE  . MET A 1 97 ? 6.447   -2.931  -11.306 1.00 40.30  ? 97  MET A CE  1 
ATOM   577  N N   . ASN A 1 98 ? 3.949   -4.210  -18.193 1.00 43.16  ? 98  ASN A N   1 
ATOM   578  C CA  . ASN A 1 98 ? 3.356   -4.910  -19.343 1.00 63.62  ? 98  ASN A CA  1 
ATOM   579  C C   . ASN A 1 98 ? 2.523   -3.824  -20.058 1.00 68.36  ? 98  ASN A C   1 
ATOM   580  O O   . ASN A 1 98 ? 1.917   -4.102  -21.088 1.00 71.27  ? 98  ASN A O   1 
ATOM   581  C CB  . ASN A 1 98 ? 2.462   -6.134  -18.871 1.00 72.04  ? 98  ASN A CB  1 
ATOM   582  C CG  . ASN A 1 98 ? 0.937   -6.293  -19.153 1.00 82.65  ? 98  ASN A CG  1 
ATOM   583  O OD1 . ASN A 1 98 ? 0.443   -7.429  -19.315 1.00 83.50  ? 98  ASN A OD1 1 
ATOM   584  N ND2 . ASN A 1 98 ? 0.051   -5.295  -19.240 1.00 82.64  ? 98  ASN A ND2 1 
ATOM   585  O OXT . ASN A 1 98 ? 2.459   -2.685  -19.579 1.00 73.67  ? 98  ASN A OXT 1 
ATOM   586  N N   . PRO B 1 26 ? 13.960  2.636   1.391   1.00 41.71  ? 26  PRO B N   1 
ATOM   587  C CA  . PRO B 1 26 ? 12.950  2.949   0.395   1.00 41.26  ? 26  PRO B CA  1 
ATOM   588  C C   . PRO B 1 26 ? 11.869  1.988   0.794   1.00 37.61  ? 26  PRO B C   1 
ATOM   589  O O   . PRO B 1 26 ? 12.094  0.801   1.021   1.00 34.52  ? 26  PRO B O   1 
ATOM   590  C CB  . PRO B 1 26 ? 13.424  2.604   -0.994  1.00 40.53  ? 26  PRO B CB  1 
ATOM   591  C CG  . PRO B 1 26 ? 14.924  2.585   -0.784  1.00 48.45  ? 26  PRO B CG  1 
ATOM   592  C CD  . PRO B 1 26 ? 14.990  1.972   0.614   1.00 45.57  ? 26  PRO B CD  1 
ATOM   593  N N   . LEU B 1 27 ? 10.686  2.533   0.875   1.00 32.50  ? 27  LEU B N   1 
ATOM   594  C CA  . LEU B 1 27 ? 9.570   1.778   1.327   1.00 33.70  ? 27  LEU B CA  1 
ATOM   595  C C   . LEU B 1 27 ? 9.383   0.526   0.488   1.00 32.93  ? 27  LEU B C   1 
ATOM   596  O O   . LEU B 1 27 ? 9.221   -0.565  1.062   1.00 30.21  ? 27  LEU B O   1 
ATOM   597  C CB  . LEU B 1 27 ? 8.349   2.701   1.278   1.00 27.88  ? 27  LEU B CB  1 
ATOM   598  C CG  . LEU B 1 27 ? 7.023   2.198   1.833   1.00 24.89  ? 27  LEU B CG  1 
ATOM   599  C CD1 . LEU B 1 27 ? 7.256   1.674   3.260   1.00 26.69  ? 27  LEU B CD1 1 
ATOM   600  C CD2 . LEU B 1 27 ? 5.973   3.305   1.722   1.00 30.46  ? 27  LEU B CD2 1 
ATOM   601  N N   . ARG B 1 28 ? 9.476   0.622   -0.849  1.00 31.91  ? 28  ARG B N   1 
ATOM   602  C CA  . ARG B 1 28 ? 9.224   -0.580  -1.612  1.00 33.95  ? 28  ARG B CA  1 
ATOM   603  C C   . ARG B 1 28 ? 10.173  -1.739  -1.296  1.00 30.86  ? 28  ARG B C   1 
ATOM   604  O O   . ARG B 1 28 ? 9.782   -2.906  -1.412  1.00 32.62  ? 28  ARG B O   1 
ATOM   605  C CB  . ARG B 1 28 ? 9.235   -0.231  -3.094  1.00 43.86  ? 28  ARG B CB  1 
ATOM   606  C CG  . ARG B 1 28 ? 10.548  0.163   -3.723  1.00 58.00  ? 28  ARG B CG  1 
ATOM   607  C CD  . ARG B 1 28 ? 10.321  0.092   -5.224  1.00 64.90  ? 28  ARG B CD  1 
ATOM   608  N NE  . ARG B 1 28 ? 9.609   1.244   -5.740  1.00 66.06  ? 28  ARG B NE  1 
ATOM   609  C CZ  . ARG B 1 28 ? 9.247   1.357   -7.024  1.00 69.43  ? 28  ARG B CZ  1 
ATOM   610  N NH1 . ARG B 1 28 ? 9.496   0.384   -7.920  1.00 67.04  ? 28  ARG B NH1 1 
ATOM   611  N NH2 . ARG B 1 28 ? 8.668   2.500   -7.396  1.00 70.35  ? 28  ARG B NH2 1 
ATOM   612  N N   . ASP B 1 29 ? 11.358  -1.510  -0.755  1.00 33.41  ? 29  ASP B N   1 
ATOM   613  C CA  . ASP B 1 29 ? 12.158  -2.627  -0.326  1.00 34.73  ? 29  ASP B CA  1 
ATOM   614  C C   . ASP B 1 29 ? 11.588  -3.270  0.893   1.00 38.58  ? 29  ASP B C   1 
ATOM   615  O O   . ASP B 1 29 ? 11.633  -4.495  1.023   1.00 40.90  ? 29  ASP B O   1 
ATOM   616  C CB  . ASP B 1 29 ? 13.579  -2.236  0.020   1.00 42.03  ? 29  ASP B CB  1 
ATOM   617  C CG  . ASP B 1 29 ? 14.422  -1.821  -1.177  1.00 51.93  ? 29  ASP B CG  1 
ATOM   618  O OD1 . ASP B 1 29 ? 14.004  -1.999  -2.335  1.00 59.72  ? 29  ASP B OD1 1 
ATOM   619  O OD2 . ASP B 1 29 ? 15.507  -1.286  -0.934  1.00 68.32  ? 29  ASP B OD2 1 
ATOM   620  N N   . SER B 1 30 ? 11.003  -2.516  1.806   1.00 35.56  ? 30  SER B N   1 
ATOM   621  C CA  . SER B 1 30 ? 10.455  -3.111  3.008   1.00 33.67  ? 30  SER B CA  1 
ATOM   622  C C   . SER B 1 30 ? 9.237   -3.947  2.637   1.00 29.09  ? 30  SER B C   1 
ATOM   623  O O   . SER B 1 30 ? 8.985   -5.001  3.229   1.00 32.23  ? 30  SER B O   1 
ATOM   624  C CB  . SER B 1 30 ? 10.156  -1.937  3.947   1.00 39.93  ? 30  SER B CB  1 
ATOM   625  O OG  . SER B 1 30 ? 11.184  -0.944  3.784   1.00 58.58  ? 30  SER B OG  1 
ATOM   626  N N   . VAL B 1 31 ? 8.503   -3.519  1.592   1.00 23.00  ? 31  VAL B N   1 
ATOM   627  C CA  . VAL B 1 31 ? 7.375   -4.273  1.076   1.00 24.96  ? 31  VAL B CA  1 
ATOM   628  C C   . VAL B 1 31 ? 7.932   -5.531  0.454   1.00 28.22  ? 31  VAL B C   1 
ATOM   629  O O   . VAL B 1 31 ? 7.381   -6.602  0.707   1.00 32.32  ? 31  VAL B O   1 
ATOM   630  C CB  . VAL B 1 31 ? 6.543   -3.566  -0.051  1.00 24.64  ? 31  VAL B CB  1 
ATOM   631  C CG1 . VAL B 1 31 ? 5.377   -4.392  -0.560  1.00 22.50  ? 31  VAL B CG1 1 
ATOM   632  C CG2 . VAL B 1 31 ? 5.827   -2.395  0.557   1.00 25.58  ? 31  VAL B CG2 1 
ATOM   633  N N   . LYS B 1 32 ? 9.020   -5.471  -0.311  1.00 28.32  ? 32  LYS B N   1 
ATOM   634  C CA  . LYS B 1 32 ? 9.526   -6.686  -0.914  1.00 27.86  ? 32  LYS B CA  1 
ATOM   635  C C   . LYS B 1 32 ? 10.059  -7.635  0.139   1.00 30.47  ? 32  LYS B C   1 
ATOM   636  O O   . LYS B 1 32 ? 9.740   -8.819  0.094   1.00 31.61  ? 32  LYS B O   1 
ATOM   637  C CB  . LYS B 1 32 ? 10.632  -6.382  -1.912  1.00 31.35  ? 32  LYS B CB  1 
ATOM   638  C CG  . LYS B 1 32 ? 10.081  -5.768  -3.173  1.00 30.10  ? 32  LYS B CG  1 
ATOM   639  C CD  . LYS B 1 32 ? 11.188  -5.449  -4.136  1.00 38.41  ? 32  LYS B CD  1 
ATOM   640  C CE  . LYS B 1 32 ? 10.624  -4.560  -5.229  1.00 52.51  ? 32  LYS B CE  1 
ATOM   641  N NZ  . LYS B 1 32 ? 11.484  -4.624  -6.387  1.00 60.85  ? 32  LYS B NZ  1 
ATOM   642  N N   . GLN B 1 33 ? 10.773  -7.193  1.157   1.00 34.39  ? 33  GLN B N   1 
ATOM   643  C CA  . GLN B 1 33 ? 11.298  -8.078  2.170   1.00 33.02  ? 33  GLN B CA  1 
ATOM   644  C C   . GLN B 1 33 ? 10.162  -8.732  2.929   1.00 33.07  ? 33  GLN B C   1 
ATOM   645  O O   . GLN B 1 33 ? 10.205  -9.942  3.159   1.00 37.64  ? 33  GLN B O   1 
ATOM   646  C CB  . GLN B 1 33 ? 12.224  -7.262  3.090   1.00 37.92  ? 33  GLN B CB  1 
ATOM   647  C CG  . GLN B 1 33 ? 12.971  -8.063  4.168   1.00 69.69  ? 33  GLN B CG  1 
ATOM   648  C CD  . GLN B 1 33 ? 13.883  -9.162  3.616   1.00 84.38  ? 33  GLN B CD  1 
ATOM   649  O OE1 . GLN B 1 33 ? 13.802  -10.358 3.969   1.00 90.63  ? 33  GLN B OE1 1 
ATOM   650  N NE2 . GLN B 1 33 ? 14.788  -8.818  2.700   1.00 91.19  ? 33  GLN B NE2 1 
ATOM   651  N N   . ALA B 1 34 ? 9.107   -7.984  3.232   1.00 33.01  ? 34  ALA B N   1 
ATOM   652  C CA  . ALA B 1 34 ? 7.934   -8.512  3.890   1.00 31.76  ? 34  ALA B CA  1 
ATOM   653  C C   . ALA B 1 34 ? 7.224   -9.574  3.062   1.00 31.77  ? 34  ALA B C   1 
ATOM   654  O O   . ALA B 1 34 ? 6.697   -10.532 3.638   1.00 28.93  ? 34  ALA B O   1 
ATOM   655  C CB  . ALA B 1 34 ? 6.937   -7.393  4.180   1.00 31.42  ? 34  ALA B CB  1 
ATOM   656  N N   . LEU B 1 35 ? 7.153   -9.440  1.735   1.00 28.68  ? 35  LEU B N   1 
ATOM   657  C CA  . LEU B 1 35 ? 6.505   -10.439 0.891   1.00 31.63  ? 35  LEU B CA  1 
ATOM   658  C C   . LEU B 1 35 ? 7.401   -11.672 0.736   1.00 31.83  ? 35  LEU B C   1 
ATOM   659  O O   . LEU B 1 35 ? 6.927   -12.810 0.752   1.00 33.50  ? 35  LEU B O   1 
ATOM   660  C CB  . LEU B 1 35 ? 6.173   -9.884  -0.527  1.00 27.60  ? 35  LEU B CB  1 
ATOM   661  C CG  . LEU B 1 35 ? 4.748   -9.473  -1.018  1.00 33.92  ? 35  LEU B CG  1 
ATOM   662  C CD1 . LEU B 1 35 ? 3.657   -9.717  0.012   1.00 30.69  ? 35  LEU B CD1 1 
ATOM   663  C CD2 . LEU B 1 35 ? 4.802   -7.992  -1.360  1.00 30.29  ? 35  LEU B CD2 1 
ATOM   664  N N   . LYS B 1 36 ? 8.712   -11.443 0.670   1.00 36.37  ? 36  LYS B N   1 
ATOM   665  C CA  . LYS B 1 36 ? 9.726   -12.479 0.515   1.00 41.76  ? 36  LYS B CA  1 
ATOM   666  C C   . LYS B 1 36 ? 9.644   -13.388 1.724   1.00 40.55  ? 36  LYS B C   1 
ATOM   667  O O   . LYS B 1 36 ? 9.708   -14.608 1.590   1.00 46.79  ? 36  LYS B O   1 
ATOM   668  C CB  . LYS B 1 36 ? 11.076  -11.764 0.394   1.00 41.97  ? 36  LYS B CB  1 
ATOM   669  C CG  . LYS B 1 36 ? 12.350  -12.506 0.076   1.00 51.67  ? 36  LYS B CG  1 
ATOM   670  C CD  . LYS B 1 36 ? 13.396  -12.307 1.187   1.00 65.83  ? 36  LYS B CD  1 
ATOM   671  C CE  . LYS B 1 36 ? 13.256  -13.285 2.388   1.00 72.47  ? 36  LYS B CE  1 
ATOM   672  N NZ  . LYS B 1 36 ? 14.159  -12.999 3.506   1.00 66.89  ? 36  LYS B NZ  1 
ATOM   673  N N   . ASN B 1 37 ? 9.499   -12.826 2.922   1.00 38.68  ? 37  ASN B N   1 
ATOM   674  C CA  . ASN B 1 37 ? 9.348   -13.605 4.152   1.00 41.61  ? 37  ASN B CA  1 
ATOM   675  C C   . ASN B 1 37 ? 8.003   -14.270 4.215   1.00 39.10  ? 37  ASN B C   1 
ATOM   676  O O   . ASN B 1 37 ? 7.916   -15.415 4.627   1.00 43.38  ? 37  ASN B O   1 
ATOM   677  C CB  . ASN B 1 37 ? 9.420   -12.788 5.410   1.00 43.28  ? 37  ASN B CB  1 
ATOM   678  C CG  . ASN B 1 37 ? 10.749  -12.108 5.655   1.00 56.44  ? 37  ASN B CG  1 
ATOM   679  O OD1 . ASN B 1 37 ? 11.035  -11.726 6.774   1.00 66.81  ? 37  ASN B OD1 1 
ATOM   680  N ND2 . ASN B 1 37 ? 11.632  -11.786 4.728   1.00 61.28  ? 37  ASN B ND2 1 
ATOM   681  N N   . TYR B 1 38 ? 6.926   -13.609 3.806   1.00 42.73  ? 38  TYR B N   1 
ATOM   682  C CA  . TYR B 1 38 ? 5.613   -14.229 3.769   1.00 37.74  ? 38  TYR B CA  1 
ATOM   683  C C   . TYR B 1 38 ? 5.619   -15.445 2.806   1.00 51.13  ? 38  TYR B C   1 
ATOM   684  O O   . TYR B 1 38 ? 5.195   -16.540 3.205   1.00 48.61  ? 38  TYR B O   1 
ATOM   685  C CB  . TYR B 1 38 ? 4.615   -13.149 3.346   1.00 32.46  ? 38  TYR B CB  1 
ATOM   686  C CG  . TYR B 1 38 ? 3.200   -13.660 3.242   1.00 30.63  ? 38  TYR B CG  1 
ATOM   687  C CD1 . TYR B 1 38 ? 2.480   -13.966 4.377   1.00 44.04  ? 38  TYR B CD1 1 
ATOM   688  C CD2 . TYR B 1 38 ? 2.654   -13.821 1.992   1.00 39.41  ? 38  TYR B CD2 1 
ATOM   689  C CE1 . TYR B 1 38 ? 1.192   -14.455 4.256   1.00 44.76  ? 38  TYR B CE1 1 
ATOM   690  C CE2 . TYR B 1 38 ? 1.380   -14.307 1.864   1.00 44.31  ? 38  TYR B CE2 1 
ATOM   691  C CZ  . TYR B 1 38 ? 0.661   -14.624 2.995   1.00 45.71  ? 38  TYR B CZ  1 
ATOM   692  O OH  . TYR B 1 38 ? -0.593  -15.148 2.819   1.00 57.40  ? 38  TYR B OH  1 
ATOM   693  N N   . PHE B 1 39 ? 6.118   -15.350 1.557   1.00 41.14  ? 39  PHE B N   1 
ATOM   694  C CA  . PHE B 1 39 ? 6.176   -16.498 0.650   1.00 49.61  ? 39  PHE B CA  1 
ATOM   695  C C   . PHE B 1 39 ? 7.090   -17.610 1.195   1.00 52.71  ? 39  PHE B C   1 
ATOM   696  O O   . PHE B 1 39 ? 6.844   -18.786 0.928   1.00 56.46  ? 39  PHE B O   1 
ATOM   697  C CB  . PHE B 1 39 ? 6.689   -16.080 -0.733  1.00 40.29  ? 39  PHE B CB  1 
ATOM   698  C CG  . PHE B 1 39 ? 5.821   -15.095 -1.504  1.00 43.64  ? 39  PHE B CG  1 
ATOM   699  C CD1 . PHE B 1 39 ? 4.442   -15.092 -1.366  1.00 41.94  ? 39  PHE B CD1 1 
ATOM   700  C CD2 . PHE B 1 39 ? 6.436   -14.237 -2.401  1.00 38.15  ? 39  PHE B CD2 1 
ATOM   701  C CE1 . PHE B 1 39 ? 3.680   -14.181 -2.062  1.00 46.13  ? 39  PHE B CE1 1 
ATOM   702  C CE2 . PHE B 1 39 ? 5.657   -13.332 -3.093  1.00 43.18  ? 39  PHE B CE2 1 
ATOM   703  C CZ  . PHE B 1 39 ? 4.285   -13.332 -2.957  1.00 44.35  ? 39  PHE B CZ  1 
ATOM   704  N N   . ALA B 1 40 ? 8.141   -17.318 1.965   1.00 51.68  ? 40  ALA B N   1 
ATOM   705  C CA  . ALA B 1 40 ? 8.921   -18.360 2.592   1.00 50.34  ? 40  ALA B CA  1 
ATOM   706  C C   . ALA B 1 40 ? 8.048   -19.131 3.590   1.00 53.71  ? 40  ALA B C   1 
ATOM   707  O O   . ALA B 1 40 ? 8.281   -20.314 3.846   1.00 66.26  ? 40  ALA B O   1 
ATOM   708  C CB  . ALA B 1 40 ? 10.096  -17.740 3.309   1.00 55.53  ? 40  ALA B CB  1 
ATOM   709  N N   . GLN B 1 41 ? 6.997   -18.534 4.153   1.00 61.79  ? 41  GLN B N   1 
ATOM   710  C CA  . GLN B 1 41 ? 6.086   -19.250 5.041   1.00 69.83  ? 41  GLN B CA  1 
ATOM   711  C C   . GLN B 1 41 ? 5.048   -20.097 4.317   1.00 71.87  ? 41  GLN B C   1 
ATOM   712  O O   . GLN B 1 41 ? 4.407   -20.969 4.912   1.00 66.18  ? 41  GLN B O   1 
ATOM   713  C CB  . GLN B 1 41 ? 5.367   -18.259 5.943   1.00 71.94  ? 41  GLN B CB  1 
ATOM   714  C CG  . GLN B 1 41 ? 6.224   -17.877 7.161   1.00 88.88  ? 41  GLN B CG  1 
ATOM   715  C CD  . GLN B 1 41 ? 7.617   -17.281 6.883   1.00 93.90  ? 41  GLN B CD  1 
ATOM   716  O OE1 . GLN B 1 41 ? 8.584   -17.937 6.472   1.00 88.60  ? 41  GLN B OE1 1 
ATOM   717  N NE2 . GLN B 1 41 ? 7.786   -15.988 7.132   1.00 101.02 ? 41  GLN B NE2 1 
ATOM   718  N N   . LEU B 1 42 ? 4.909   -19.885 3.009   1.00 70.34  ? 42  LEU B N   1 
ATOM   719  C CA  . LEU B 1 42 ? 3.955   -20.567 2.149   1.00 73.02  ? 42  LEU B CA  1 
ATOM   720  C C   . LEU B 1 42 ? 4.410   -21.936 1.686   1.00 81.08  ? 42  LEU B C   1 
ATOM   721  O O   . LEU B 1 42 ? 4.623   -22.192 0.492   1.00 87.93  ? 42  LEU B O   1 
ATOM   722  C CB  . LEU B 1 42 ? 3.706   -19.696 0.951   1.00 64.88  ? 42  LEU B CB  1 
ATOM   723  C CG  . LEU B 1 42 ? 2.509   -18.817 0.915   1.00 65.43  ? 42  LEU B CG  1 
ATOM   724  C CD1 . LEU B 1 42 ? 2.096   -18.279 2.289   1.00 62.69  ? 42  LEU B CD1 1 
ATOM   725  C CD2 . LEU B 1 42 ? 2.873   -17.775 -0.112  1.00 61.45  ? 42  LEU B CD2 1 
ATOM   726  N N   . ASN B 1 43 ? 4.499   -22.894 2.598   1.00 91.99  ? 43  ASN B N   1 
ATOM   727  C CA  . ASN B 1 43 ? 4.957   -24.245 2.229   1.00 98.90  ? 43  ASN B CA  1 
ATOM   728  C C   . ASN B 1 43 ? 3.745   -25.148 1.891   1.00 102.73 ? 43  ASN B C   1 
ATOM   729  O O   . ASN B 1 43 ? 3.223   -25.850 2.773   1.00 104.94 ? 43  ASN B O   1 
ATOM   730  C CB  . ASN B 1 43 ? 5.798   -24.801 3.417   1.00 94.51  ? 43  ASN B CB  1 
ATOM   731  C CG  . ASN B 1 43 ? 7.048   -23.945 3.632   1.00 98.27  ? 43  ASN B CG  1 
ATOM   732  O OD1 . ASN B 1 43 ? 7.795   -23.703 2.685   1.00 103.82 ? 43  ASN B OD1 1 
ATOM   733  N ND2 . ASN B 1 43 ? 7.364   -23.408 4.808   1.00 96.77  ? 43  ASN B ND2 1 
ATOM   734  N N   . GLY B 1 44 ? 3.192   -25.073 0.652   1.00 103.09 ? 44  GLY B N   1 
ATOM   735  C CA  . GLY B 1 44 ? 1.998   -25.853 0.257   1.00 102.49 ? 44  GLY B CA  1 
ATOM   736  C C   . GLY B 1 44 ? 0.617   -25.196 0.543   1.00 101.48 ? 44  GLY B C   1 
ATOM   737  O O   . GLY B 1 44 ? -0.420  -25.645 -0.014  1.00 103.43 ? 44  GLY B O   1 
ATOM   738  N N   . GLN B 1 45 ? 0.561   -24.166 1.430   1.00 96.88  ? 45  GLN B N   1 
ATOM   739  C CA  . GLN B 1 45 ? -0.638  -23.388 1.758   1.00 86.78  ? 45  GLN B CA  1 
ATOM   740  C C   . GLN B 1 45 ? -0.895  -22.444 0.581   1.00 80.63  ? 45  GLN B C   1 
ATOM   741  O O   . GLN B 1 45 ? 0.034   -21.958 -0.084  1.00 76.58  ? 45  GLN B O   1 
ATOM   742  C CB  . GLN B 1 45 ? -0.411  -22.560 3.038   1.00 88.95  ? 45  GLN B CB  1 
ATOM   743  C CG  . GLN B 1 45 ? -1.623  -21.751 3.576   1.00 96.38  ? 45  GLN B CG  1 
ATOM   744  C CD  . GLN B 1 45 ? -1.329  -20.477 4.426   1.00 101.53 ? 45  GLN B CD  1 
ATOM   745  O OE1 . GLN B 1 45 ? -0.202  -20.143 4.837   1.00 100.17 ? 45  GLN B OE1 1 
ATOM   746  N NE2 . GLN B 1 45 ? -2.362  -19.678 4.707   1.00 100.35 ? 45  GLN B NE2 1 
ATOM   747  N N   . ASP B 1 46 ? -2.182  -22.207 0.341   1.00 73.22  ? 46  ASP B N   1 
ATOM   748  C CA  . ASP B 1 46 ? -2.545  -21.328 -0.760  1.00 74.08  ? 46  ASP B CA  1 
ATOM   749  C C   . ASP B 1 46 ? -2.780  -19.973 -0.132  1.00 61.13  ? 46  ASP B C   1 
ATOM   750  O O   . ASP B 1 46 ? -2.997  -19.904 1.079   1.00 54.78  ? 46  ASP B O   1 
ATOM   751  C CB  . ASP B 1 46 ? -3.858  -21.728 -1.481  1.00 85.84  ? 46  ASP B CB  1 
ATOM   752  C CG  . ASP B 1 46 ? -3.812  -22.977 -2.379  1.00 96.42  ? 46  ASP B CG  1 
ATOM   753  O OD1 . ASP B 1 46 ? -3.997  -24.092 -1.840  1.00 103.04 ? 46  ASP B OD1 1 
ATOM   754  O OD2 . ASP B 1 46 ? -3.619  -22.840 -3.593  1.00 94.04  ? 46  ASP B OD2 1 
ATOM   755  N N   . VAL B 1 47 ? -2.761  -18.935 -0.955  1.00 46.33  ? 47  VAL B N   1 
ATOM   756  C CA  . VAL B 1 47 ? -3.044  -17.559 -0.581  1.00 37.29  ? 47  VAL B CA  1 
ATOM   757  C C   . VAL B 1 47 ? -4.121  -17.143 -1.567  1.00 32.98  ? 47  VAL B C   1 
ATOM   758  O O   . VAL B 1 47 ? -4.028  -17.552 -2.728  1.00 33.12  ? 47  VAL B O   1 
ATOM   759  C CB  . VAL B 1 47 ? -1.830  -16.678 -0.774  1.00 38.33  ? 47  VAL B CB  1 
ATOM   760  C CG1 . VAL B 1 47 ? -2.153  -15.241 -0.419  1.00 47.63  ? 47  VAL B CG1 1 
ATOM   761  C CG2 . VAL B 1 47 ? -0.733  -17.150 0.156   1.00 45.80  ? 47  VAL B CG2 1 
ATOM   762  N N   . ASN B 1 48 ? -5.166  -16.396 -1.229  1.00 23.91  ? 48  ASN B N   1 
ATOM   763  C CA  . ASN B 1 48 ? -6.086  -15.956 -2.250  1.00 19.61  ? 48  ASN B CA  1 
ATOM   764  C C   . ASN B 1 48 ? -6.544  -14.522 -2.010  1.00 22.44  ? 48  ASN B C   1 
ATOM   765  O O   . ASN B 1 48 ? -7.510  -14.087 -2.658  1.00 27.07  ? 48  ASN B O   1 
ATOM   766  C CB  . ASN B 1 48 ? -7.328  -16.881 -2.333  1.00 26.85  ? 48  ASN B CB  1 
ATOM   767  C CG  . ASN B 1 48 ? -8.120  -16.956 -1.032  1.00 36.18  ? 48  ASN B CG  1 
ATOM   768  O OD1 . ASN B 1 48 ? -7.725  -16.495 0.038   1.00 42.53  ? 48  ASN B OD1 1 
ATOM   769  N ND2 . ASN B 1 48 ? -9.293  -17.532 -1.035  1.00 40.01  ? 48  ASN B ND2 1 
ATOM   770  N N   . ASP B 1 49 ? -5.847  -13.759 -1.157  1.00 22.10  ? 49  ASP B N   1 
ATOM   771  C CA  . ASP B 1 49 ? -6.276  -12.404 -0.824  1.00 30.48  ? 49  ASP B CA  1 
ATOM   772  C C   . ASP B 1 49 ? -5.067  -11.533 -0.561  1.00 29.30  ? 49  ASP B C   1 
ATOM   773  O O   . ASP B 1 49 ? -5.146  -10.544 0.180   1.00 31.64  ? 49  ASP B O   1 
ATOM   774  C CB  . ASP B 1 49 ? -7.137  -12.416 0.452   1.00 27.15  ? 49  ASP B CB  1 
ATOM   775  C CG  . ASP B 1 49 ? -6.372  -12.917 1.690   1.00 41.43  ? 49  ASP B CG  1 
ATOM   776  O OD1 . ASP B 1 49 ? -5.329  -13.597 1.574   1.00 48.84  ? 49  ASP B OD1 1 
ATOM   777  O OD2 . ASP B 1 49 ? -6.829  -12.625 2.795   1.00 55.18  ? 49  ASP B OD2 1 
ATOM   778  N N   . LEU B 1 50 ? -3.918  -11.864 -1.129  1.00 18.92  ? 50  LEU B N   1 
ATOM   779  C CA  . LEU B 1 50 ? -2.745  -11.066 -0.851  1.00 18.95  ? 50  LEU B CA  1 
ATOM   780  C C   . LEU B 1 50 ? -2.904  -9.566  -1.126  1.00 19.15  ? 50  LEU B C   1 
ATOM   781  O O   . LEU B 1 50 ? -2.386  -8.803  -0.314  1.00 17.83  ? 50  LEU B O   1 
ATOM   782  C CB  . LEU B 1 50 ? -1.577  -11.622 -1.652  1.00 19.15  ? 50  LEU B CB  1 
ATOM   783  C CG  . LEU B 1 50 ? -0.163  -11.253 -1.291  1.00 21.57  ? 50  LEU B CG  1 
ATOM   784  C CD1 . LEU B 1 50 ? 0.160   -11.389 0.191   1.00 25.56  ? 50  LEU B CD1 1 
ATOM   785  C CD2 . LEU B 1 50 ? 0.701   -12.165 -2.102  1.00 30.99  ? 50  LEU B CD2 1 
ATOM   786  N N   . TYR B 1 51 ? -3.633  -9.067  -2.139  1.00 17.28  ? 51  TYR B N   1 
ATOM   787  C CA  . TYR B 1 51 ? -3.742  -7.630  -2.352  1.00 19.45  ? 51  TYR B CA  1 
ATOM   788  C C   . TYR B 1 51 ? -4.400  -6.981  -1.131  1.00 26.20  ? 51  TYR B C   1 
ATOM   789  O O   . TYR B 1 51 ? -3.879  -5.983  -0.611  1.00 21.54  ? 51  TYR B O   1 
ATOM   790  C CB  . TYR B 1 51 ? -4.563  -7.378  -3.612  1.00 17.89  ? 51  TYR B CB  1 
ATOM   791  C CG  . TYR B 1 51 ? -4.676  -5.919  -4.025  1.00 19.64  ? 51  TYR B CG  1 
ATOM   792  C CD1 . TYR B 1 51 ? -3.578  -5.228  -4.487  1.00 25.20  ? 51  TYR B CD1 1 
ATOM   793  C CD2 . TYR B 1 51 ? -5.868  -5.264  -3.848  1.00 24.09  ? 51  TYR B CD2 1 
ATOM   794  C CE1 . TYR B 1 51 ? -3.668  -3.883  -4.796  1.00 34.35  ? 51  TYR B CE1 1 
ATOM   795  C CE2 . TYR B 1 51 ? -5.975  -3.927  -4.154  1.00 29.91  ? 51  TYR B CE2 1 
ATOM   796  C CZ  . TYR B 1 51 ? -4.872  -3.233  -4.614  1.00 32.58  ? 51  TYR B CZ  1 
ATOM   797  O OH  . TYR B 1 51 ? -4.998  -1.892  -4.922  1.00 27.05  ? 51  TYR B OH  1 
ATOM   798  N N   . GLU B 1 52 ? -5.491  -7.584  -0.623  1.00 27.01  ? 52  GLU B N   1 
ATOM   799  C CA  . GLU B 1 52 ? -6.245  -7.112  0.532   1.00 25.90  ? 52  GLU B CA  1 
ATOM   800  C C   . GLU B 1 52 ? -5.350  -7.122  1.732   1.00 18.15  ? 52  GLU B C   1 
ATOM   801  O O   . GLU B 1 52 ? -5.371  -6.165  2.490   1.00 25.25  ? 52  GLU B O   1 
ATOM   802  C CB  . GLU B 1 52 ? -7.444  -8.019  0.818   1.00 45.50  ? 52  GLU B CB  1 
ATOM   803  C CG  . GLU B 1 52 ? -8.601  -7.512  1.689   1.00 67.84  ? 52  GLU B CG  1 
ATOM   804  C CD  . GLU B 1 52 ? -9.777  -8.508  1.816   1.00 79.91  ? 52  GLU B CD  1 
ATOM   805  O OE1 . GLU B 1 52 ? -10.450 -8.797  0.819   1.00 78.30  ? 52  GLU B OE1 1 
ATOM   806  O OE2 . GLU B 1 52 ? -10.035 -9.001  2.922   1.00 83.43  ? 52  GLU B OE2 1 
ATOM   807  N N   . LEU B 1 53 ? -4.548  -8.131  1.962   1.00 18.14  ? 53  LEU B N   1 
ATOM   808  C CA  . LEU B 1 53 ? -3.689  -8.106  3.118   1.00 23.52  ? 53  LEU B CA  1 
ATOM   809  C C   . LEU B 1 53 ? -2.722  -6.948  3.123   1.00 30.13  ? 53  LEU B C   1 
ATOM   810  O O   . LEU B 1 53 ? -2.513  -6.393  4.206   1.00 28.36  ? 53  LEU B O   1 
ATOM   811  C CB  . LEU B 1 53 ? -2.768  -9.322  3.293   1.00 30.60  ? 53  LEU B CB  1 
ATOM   812  C CG  . LEU B 1 53 ? -3.213  -10.730 3.566   1.00 41.29  ? 53  LEU B CG  1 
ATOM   813  C CD1 . LEU B 1 53 ? -1.954  -11.565 3.759   1.00 41.87  ? 53  LEU B CD1 1 
ATOM   814  C CD2 . LEU B 1 53 ? -4.079  -10.810 4.805   1.00 44.67  ? 53  LEU B CD2 1 
ATOM   815  N N   . VAL B 1 54 ? -2.099  -6.597  1.978   1.00 28.49  ? 54  VAL B N   1 
ATOM   816  C CA  . VAL B 1 54 ? -1.080  -5.551  1.948   1.00 26.09  ? 54  VAL B CA  1 
ATOM   817  C C   . VAL B 1 54 ? -1.746  -4.171  2.035   1.00 15.62  ? 54  VAL B C   1 
ATOM   818  O O   . VAL B 1 54 ? -1.355  -3.316  2.838   1.00 21.21  ? 54  VAL B O   1 
ATOM   819  C CB  . VAL B 1 54 ? -0.196  -5.701  0.636   1.00 25.78  ? 54  VAL B CB  1 
ATOM   820  C CG1 . VAL B 1 54 ? 0.869   -4.623  0.501   1.00 25.65  ? 54  VAL B CG1 1 
ATOM   821  C CG2 . VAL B 1 54 ? 0.657   -6.952  0.765   1.00 22.16  ? 54  VAL B CG2 1 
ATOM   822  N N   . LEU B 1 55 ? -2.793  -3.967  1.258   1.00 14.04  ? 55  LEU B N   1 
ATOM   823  C CA  . LEU B 1 55 ? -3.529  -2.747  1.305   1.00 18.02  ? 55  LEU B CA  1 
ATOM   824  C C   . LEU B 1 55 ? -4.044  -2.419  2.686   1.00 24.24  ? 55  LEU B C   1 
ATOM   825  O O   . LEU B 1 55 ? -3.786  -1.320  3.139   1.00 26.52  ? 55  LEU B O   1 
ATOM   826  C CB  . LEU B 1 55 ? -4.693  -2.819  0.380   1.00 17.52  ? 55  LEU B CB  1 
ATOM   827  C CG  . LEU B 1 55 ? -4.793  -1.816  -0.761  1.00 38.42  ? 55  LEU B CG  1 
ATOM   828  C CD1 . LEU B 1 55 ? -5.984  -0.943  -0.473  1.00 33.51  ? 55  LEU B CD1 1 
ATOM   829  C CD2 . LEU B 1 55 ? -3.450  -1.114  -0.993  1.00 41.53  ? 55  LEU B CD2 1 
ATOM   830  N N   . ALA B 1 56 ? -4.669  -3.358  3.404   1.00 31.06  ? 56  ALA B N   1 
ATOM   831  C CA  . ALA B 1 56 ? -5.189  -3.114  4.736   1.00 23.63  ? 56  ALA B CA  1 
ATOM   832  C C   . ALA B 1 56 ? -4.101  -2.658  5.687   1.00 22.23  ? 56  ALA B C   1 
ATOM   833  O O   . ALA B 1 56 ? -4.259  -1.675  6.421   1.00 28.91  ? 56  ALA B O   1 
ATOM   834  C CB  . ALA B 1 56 ? -5.829  -4.372  5.307   1.00 18.96  ? 56  ALA B CB  1 
ATOM   835  N N   . GLU B 1 57 ? -2.963  -3.308  5.593   1.00 18.86  ? 57  GLU B N   1 
ATOM   836  C CA  . GLU B 1 57 ? -1.807  -3.008  6.407   1.00 18.10  ? 57  GLU B CA  1 
ATOM   837  C C   . GLU B 1 57 ? -1.247  -1.609  6.091   1.00 28.20  ? 57  GLU B C   1 
ATOM   838  O O   . GLU B 1 57 ? -0.901  -0.804  6.964   1.00 25.43  ? 57  GLU B O   1 
ATOM   839  C CB  . GLU B 1 57 ? -0.843  -4.125  6.117   1.00 21.29  ? 57  GLU B CB  1 
ATOM   840  C CG  . GLU B 1 57 ? 0.433   -4.217  6.908   1.00 36.19  ? 57  GLU B CG  1 
ATOM   841  C CD  . GLU B 1 57 ? 0.335   -4.730  8.347   1.00 47.25  ? 57  GLU B CD  1 
ATOM   842  O OE1 . GLU B 1 57 ? -0.775  -5.079  8.786   1.00 41.12  ? 57  GLU B OE1 1 
ATOM   843  O OE2 . GLU B 1 57 ? 1.398   -4.780  9.016   1.00 42.84  ? 57  GLU B OE2 1 
ATOM   844  N N   . VAL B 1 58 ? -1.267  -1.213  4.825   1.00 26.51  ? 58  VAL B N   1 
ATOM   845  C CA  . VAL B 1 58 ? -0.703  0.066   4.436   1.00 29.38  ? 58  VAL B CA  1 
ATOM   846  C C   . VAL B 1 58 ? -1.671  1.237   4.657   1.00 23.53  ? 58  VAL B C   1 
ATOM   847  O O   . VAL B 1 58 ? -1.259  2.299   5.152   1.00 19.54  ? 58  VAL B O   1 
ATOM   848  C CB  . VAL B 1 58 ? -0.238  -0.111  2.944   1.00 27.72  ? 58  VAL B CB  1 
ATOM   849  C CG1 . VAL B 1 58 ? -0.086  1.191   2.165   1.00 28.30  ? 58  VAL B CG1 1 
ATOM   850  C CG2 . VAL B 1 58 ? 1.107   -0.823  3.020   1.00 24.21  ? 58  VAL B CG2 1 
ATOM   851  N N   . GLU B 1 59 ? -2.943  1.073   4.274   1.00 22.17  ? 59  GLU B N   1 
ATOM   852  C CA  . GLU B 1 59 ? -3.962  2.088   4.423   1.00 23.03  ? 59  GLU B CA  1 
ATOM   853  C C   . GLU B 1 59 ? -4.162  2.425   5.877   1.00 24.33  ? 59  GLU B C   1 
ATOM   854  O O   . GLU B 1 59 ? -4.420  3.576   6.210   1.00 24.15  ? 59  GLU B O   1 
ATOM   855  C CB  . GLU B 1 59 ? -5.264  1.640   3.906   1.00 20.34  ? 59  GLU B CB  1 
ATOM   856  C CG  . GLU B 1 59 ? -5.325  1.787   2.409   1.00 24.13  ? 59  GLU B CG  1 
ATOM   857  C CD  . GLU B 1 59 ? -6.743  1.723   1.891   1.00 28.13  ? 59  GLU B CD  1 
ATOM   858  O OE1 . GLU B 1 59 ? -7.675  1.293   2.580   1.00 32.01  ? 59  GLU B OE1 1 
ATOM   859  O OE2 . GLU B 1 59 ? -6.970  2.156   0.768   1.00 31.94  ? 59  GLU B OE2 1 
ATOM   860  N N   . GLN B 1 60 ? -4.025  1.467   6.792   1.00 23.50  ? 60  GLN B N   1 
ATOM   861  C CA  . GLN B 1 60 ? -4.112  1.788   8.195   1.00 23.91  ? 60  GLN B CA  1 
ATOM   862  C C   . GLN B 1 60 ? -2.966  2.626   8.664   1.00 24.43  ? 60  GLN B C   1 
ATOM   863  O O   . GLN B 1 60 ? -3.196  3.556   9.443   1.00 23.68  ? 60  GLN B O   1 
ATOM   864  C CB  . GLN B 1 60 ? -4.111  0.567   9.072   1.00 24.13  ? 60  GLN B CB  1 
ATOM   865  C CG  . GLN B 1 60 ? -5.511  0.057   9.050   1.00 38.69  ? 60  GLN B CG  1 
ATOM   866  C CD  . GLN B 1 60 ? -5.650  -1.163  9.928   1.00 53.52  ? 60  GLN B CD  1 
ATOM   867  O OE1 . GLN B 1 60 ? -6.129  -1.091  11.052  1.00 60.36  ? 60  GLN B OE1 1 
ATOM   868  N NE2 . GLN B 1 60 ? -5.221  -2.324  9.460   1.00 52.89  ? 60  GLN B NE2 1 
ATOM   869  N N   . ALA B 1 61 ? -1.732  2.352   8.254   1.00 20.54  ? 61  ALA B N   1 
ATOM   870  C CA  . ALA B 1 61 ? -0.628  3.150   8.737   1.00 24.01  ? 61  ALA B CA  1 
ATOM   871  C C   . ALA B 1 61 ? -0.613  4.565   8.167   1.00 27.92  ? 61  ALA B C   1 
ATOM   872  O O   . ALA B 1 61 ? -0.265  5.532   8.846   1.00 27.46  ? 61  ALA B O   1 
ATOM   873  C CB  . ALA B 1 61 ? 0.632   2.435   8.384   1.00 25.50  ? 61  ALA B CB  1 
ATOM   874  N N   . LEU B 1 62 ? -1.034  4.712   6.911   1.00 22.39  ? 62  LEU B N   1 
ATOM   875  C CA  . LEU B 1 62 ? -1.171  5.992   6.253   1.00 20.72  ? 62  LEU B CA  1 
ATOM   876  C C   . LEU B 1 62 ? -2.316  6.831   6.862   1.00 25.05  ? 62  LEU B C   1 
ATOM   877  O O   . LEU B 1 62 ? -2.138  8.011   7.118   1.00 22.95  ? 62  LEU B O   1 
ATOM   878  C CB  . LEU B 1 62 ? -1.412  5.689   4.772   1.00 21.97  ? 62  LEU B CB  1 
ATOM   879  C CG  . LEU B 1 62 ? -1.763  6.812   3.816   1.00 22.54  ? 62  LEU B CG  1 
ATOM   880  C CD1 . LEU B 1 62 ? -0.523  7.647   3.664   1.00 23.96  ? 62  LEU B CD1 1 
ATOM   881  C CD2 . LEU B 1 62 ? -2.187  6.296   2.449   1.00 24.27  ? 62  LEU B CD2 1 
ATOM   882  N N   . LEU B 1 63 ? -3.531  6.316   7.113   1.00 20.74  ? 63  LEU B N   1 
ATOM   883  C CA  . LEU B 1 63 ? -4.639  7.030   7.719   1.00 20.75  ? 63  LEU B CA  1 
ATOM   884  C C   . LEU B 1 63 ? -4.263  7.425   9.138   1.00 20.90  ? 63  LEU B C   1 
ATOM   885  O O   . LEU B 1 63 ? -4.595  8.516   9.570   1.00 24.17  ? 63  LEU B O   1 
ATOM   886  C CB  . LEU B 1 63 ? -5.830  6.123   7.717   1.00 17.45  ? 63  LEU B CB  1 
ATOM   887  C CG  . LEU B 1 63 ? -7.024  6.270   6.836   1.00 20.61  ? 63  LEU B CG  1 
ATOM   888  C CD1 . LEU B 1 63 ? -6.751  7.051   5.599   1.00 22.42  ? 63  LEU B CD1 1 
ATOM   889  C CD2 . LEU B 1 63 ? -7.494  4.858   6.574   1.00 24.81  ? 63  LEU B CD2 1 
ATOM   890  N N   . ASP B 1 64 ? -3.549  6.613   9.885   1.00 18.36  ? 64  ASP B N   1 
ATOM   891  C CA  . ASP B 1 64 ? -3.094  7.006   11.204  1.00 20.85  ? 64  ASP B CA  1 
ATOM   892  C C   . ASP B 1 64 ? -2.127  8.164   11.077  1.00 24.81  ? 64  ASP B C   1 
ATOM   893  O O   . ASP B 1 64 ? -2.417  9.230   11.592  1.00 24.40  ? 64  ASP B O   1 
ATOM   894  C CB  . ASP B 1 64 ? -2.410  5.828   11.878  1.00 31.75  ? 64  ASP B CB  1 
ATOM   895  C CG  . ASP B 1 64 ? -1.816  6.106   13.255  1.00 45.96  ? 64  ASP B CG  1 
ATOM   896  O OD1 . ASP B 1 64 ? -2.571  6.393   14.175  1.00 62.87  ? 64  ASP B OD1 1 
ATOM   897  O OD2 . ASP B 1 64 ? -0.597  5.961   13.408  1.00 53.13  ? 64  ASP B OD2 1 
ATOM   898  N N   . MET B 1 65 ? -1.067  8.071   10.280  1.00 25.41  ? 65  MET B N   1 
ATOM   899  C CA  . MET B 1 65 ? -0.093  9.135   10.170  1.00 16.80  ? 65  MET B CA  1 
ATOM   900  C C   . MET B 1 65 ? -0.651  10.412  9.615   1.00 18.92  ? 65  MET B C   1 
ATOM   901  O O   . MET B 1 65 ? -0.289  11.477  10.108  1.00 18.55  ? 65  MET B O   1 
ATOM   902  C CB  . MET B 1 65 ? 1.081   8.684   9.316   1.00 19.42  ? 65  MET B CB  1 
ATOM   903  C CG  . MET B 1 65 ? 1.901   7.619   10.038  1.00 21.58  ? 65  MET B CG  1 
ATOM   904  S SD  . MET B 1 65 ? 2.580   8.109   11.647  1.00 34.62  ? 65  MET B SD  1 
ATOM   905  C CE  . MET B 1 65 ? 3.541   9.470   11.057  1.00 31.08  ? 65  MET B CE  1 
ATOM   906  N N   . VAL B 1 66 ? -1.547  10.390  8.636   1.00 21.41  ? 66  VAL B N   1 
ATOM   907  C CA  . VAL B 1 66 ? -2.144  11.614  8.091   1.00 25.75  ? 66  VAL B CA  1 
ATOM   908  C C   . VAL B 1 66 ? -3.071  12.302  9.101   1.00 25.43  ? 66  VAL B C   1 
ATOM   909  O O   . VAL B 1 66 ? -2.974  13.531  9.211   1.00 22.62  ? 66  VAL B O   1 
ATOM   910  C CB  . VAL B 1 66 ? -2.939  11.316  6.779   1.00 22.11  ? 66  VAL B CB  1 
ATOM   911  C CG1 . VAL B 1 66 ? -3.581  12.520  6.127   1.00 20.29  ? 66  VAL B CG1 1 
ATOM   912  C CG2 . VAL B 1 66 ? -1.924  10.976  5.751   1.00 25.28  ? 66  VAL B CG2 1 
ATOM   913  N N   . MET B 1 67 ? -3.911  11.581  9.868   1.00 26.87  ? 67  MET B N   1 
ATOM   914  C CA  . MET B 1 67 ? -4.792  12.175  10.883  1.00 28.47  ? 67  MET B CA  1 
ATOM   915  C C   . MET B 1 67 ? -4.017  12.816  12.035  1.00 20.78  ? 67  MET B C   1 
ATOM   916  O O   . MET B 1 67 ? -4.395  13.864  12.583  1.00 22.50  ? 67  MET B O   1 
ATOM   917  C CB  . MET B 1 67 ? -5.763  11.121  11.459  1.00 16.02  ? 67  MET B CB  1 
ATOM   918  C CG  . MET B 1 67 ? -6.797  10.656  10.435  1.00 16.84  ? 67  MET B CG  1 
ATOM   919  S SD  . MET B 1 67 ? -7.645  11.948  9.494   1.00 30.97  ? 67  MET B SD  1 
ATOM   920  C CE  . MET B 1 67 ? -9.073  11.997  10.513  1.00 39.03  ? 67  MET B CE  1 
ATOM   921  N N   . GLN B 1 68 ? -2.894  12.241  12.422  1.00 17.22  ? 68  GLN B N   1 
ATOM   922  C CA  . GLN B 1 68 ? -2.034  12.855  13.402  1.00 18.75  ? 68  GLN B CA  1 
ATOM   923  C C   . GLN B 1 68 ? -1.442  14.113  12.790  1.00 24.91  ? 68  GLN B C   1 
ATOM   924  O O   . GLN B 1 68 ? -1.441  15.153  13.423  1.00 22.36  ? 68  GLN B O   1 
ATOM   925  C CB  . GLN B 1 68 ? -0.881  11.947  13.804  1.00 20.90  ? 68  GLN B CB  1 
ATOM   926  C CG  . GLN B 1 68 ? -1.178  10.648  14.562  1.00 36.57  ? 68  GLN B CG  1 
ATOM   927  C CD  . GLN B 1 68 ? 0.127   9.967   14.955  1.00 53.15  ? 68  GLN B CD  1 
ATOM   928  O OE1 . GLN B 1 68 ? 0.219   8.756   15.109  1.00 58.94  ? 68  GLN B OE1 1 
ATOM   929  N NE2 . GLN B 1 68 ? 1.216   10.696  15.197  1.00 54.23  ? 68  GLN B NE2 1 
ATOM   930  N N   . TYR B 1 69 ? -0.980  14.137  11.547  1.00 22.70  ? 69  TYR B N   1 
ATOM   931  C CA  . TYR B 1 69 ? -0.349  15.299  10.969  1.00 20.89  ? 69  TYR B CA  1 
ATOM   932  C C   . TYR B 1 69 ? -1.331  16.445  10.828  1.00 18.71  ? 69  TYR B C   1 
ATOM   933  O O   . TYR B 1 69 ? -0.981  17.609  11.051  1.00 20.04  ? 69  TYR B O   1 
ATOM   934  C CB  . TYR B 1 69 ? 0.195   14.920  9.628   1.00 21.43  ? 69  TYR B CB  1 
ATOM   935  C CG  . TYR B 1 69 ? 1.035   16.044  9.059   1.00 24.20  ? 69  TYR B CG  1 
ATOM   936  C CD1 . TYR B 1 69 ? 2.313   16.222  9.531   1.00 24.80  ? 69  TYR B CD1 1 
ATOM   937  C CD2 . TYR B 1 69 ? 0.528   16.867  8.084   1.00 22.99  ? 69  TYR B CD2 1 
ATOM   938  C CE1 . TYR B 1 69 ? 3.097   17.236  9.023   1.00 31.68  ? 69  TYR B CE1 1 
ATOM   939  C CE2 . TYR B 1 69 ? 1.310   17.886  7.576   1.00 30.29  ? 69  TYR B CE2 1 
ATOM   940  C CZ  . TYR B 1 69 ? 2.592   18.067  8.050   1.00 31.12  ? 69  TYR B CZ  1 
ATOM   941  O OH  . TYR B 1 69 ? 3.383   19.104  7.565   1.00 44.13  ? 69  TYR B OH  1 
ATOM   942  N N   . THR B 1 70 ? -2.551  16.168  10.438  1.00 15.62  ? 70  THR B N   1 
ATOM   943  C CA  . THR B 1 70 ? -3.565  17.169  10.291  1.00 20.65  ? 70  THR B CA  1 
ATOM   944  C C   . THR B 1 70 ? -4.288  17.411  11.639  1.00 24.69  ? 70  THR B C   1 
ATOM   945  O O   . THR B 1 70 ? -5.332  18.086  11.668  1.00 24.71  ? 70  THR B O   1 
ATOM   946  C CB  . THR B 1 70 ? -4.588  16.729  9.155   1.00 22.72  ? 70  THR B CB  1 
ATOM   947  O OG1 . THR B 1 70 ? -5.250  15.508  9.517   1.00 23.50  ? 70  THR B OG1 1 
ATOM   948  C CG2 . THR B 1 70 ? -3.855  16.544  7.830   1.00 17.17  ? 70  THR B CG2 1 
ATOM   949  N N   . ARG B 1 71 ? -3.809  16.885  12.768  1.00 25.43  ? 71  ARG B N   1 
ATOM   950  C CA  . ARG B 1 71 ? -4.472  17.026  14.058  1.00 26.26  ? 71  ARG B CA  1 
ATOM   951  C C   . ARG B 1 71 ? -5.960  16.660  14.054  1.00 24.70  ? 71  ARG B C   1 
ATOM   952  O O   . ARG B 1 71 ? -6.779  17.348  14.662  1.00 29.27  ? 71  ARG B O   1 
ATOM   953  C CB  . ARG B 1 71 ? -4.313  18.446  14.537  1.00 23.71  ? 71  ARG B CB  1 
ATOM   954  C CG  . ARG B 1 71 ? -2.911  18.957  14.477  1.00 29.59  ? 71  ARG B CG  1 
ATOM   955  C CD  . ARG B 1 71 ? -3.233  20.380  14.745  1.00 47.51  ? 71  ARG B CD  1 
ATOM   956  N NE  . ARG B 1 71 ? -2.024  20.970  15.226  1.00 59.09  ? 71  ARG B NE  1 
ATOM   957  C CZ  . ARG B 1 71 ? -1.132  21.569  14.440  1.00 71.46  ? 71  ARG B CZ  1 
ATOM   958  N NH1 . ARG B 1 71 ? -1.322  21.658  13.101  1.00 76.53  ? 71  ARG B NH1 1 
ATOM   959  N NH2 . ARG B 1 71 ? 0.003   21.953  15.050  1.00 80.60  ? 71  ARG B NH2 1 
ATOM   960  N N   . GLY B 1 72 ? -6.368  15.632  13.318  1.00 20.95  ? 72  GLY B N   1 
ATOM   961  C CA  . GLY B 1 72 ? -7.745  15.163  13.311  1.00 21.20  ? 72  GLY B CA  1 
ATOM   962  C C   . GLY B 1 72 ? -8.657  15.871  12.330  1.00 24.04  ? 72  GLY B C   1 
ATOM   963  O O   . GLY B 1 72 ? -9.840  15.548  12.191  1.00 25.19  ? 72  GLY B O   1 
ATOM   964  N N   . ASN B 1 73 ? -8.128  16.810  11.554  1.00 21.91  ? 73  ASN B N   1 
ATOM   965  C CA  . ASN B 1 73 ? -8.969  17.540  10.644  1.00 18.64  ? 73  ASN B CA  1 
ATOM   966  C C   . ASN B 1 73 ? -9.186  16.698  9.404   1.00 25.03  ? 73  ASN B C   1 
ATOM   967  O O   . ASN B 1 73 ? -8.260  16.511  8.619   1.00 25.13  ? 73  ASN B O   1 
ATOM   968  C CB  . ASN B 1 73 ? -8.289  18.873  10.308  1.00 27.15  ? 73  ASN B CB  1 
ATOM   969  C CG  . ASN B 1 73 ? -9.064  19.802  9.378   1.00 29.02  ? 73  ASN B CG  1 
ATOM   970  O OD1 . ASN B 1 73 ? -9.761  19.436  8.421   1.00 26.90  ? 73  ASN B OD1 1 
ATOM   971  N ND2 . ASN B 1 73 ? -8.928  21.088  9.600   1.00 42.03  ? 73  ASN B ND2 1 
ATOM   972  N N   . GLN B 1 74 ? -10.384 16.168  9.177   1.00 25.91  ? 74  GLN B N   1 
ATOM   973  C CA  . GLN B 1 74 ? -10.634 15.335  8.026   1.00 26.11  ? 74  GLN B CA  1 
ATOM   974  C C   . GLN B 1 74 ? -10.592 16.041  6.684   1.00 29.68  ? 74  GLN B C   1 
ATOM   975  O O   . GLN B 1 74 ? -10.183 15.386  5.735   1.00 27.06  ? 74  GLN B O   1 
ATOM   976  C CB  . GLN B 1 74 ? -11.989 14.647  8.127   1.00 28.73  ? 74  GLN B CB  1 
ATOM   977  C CG  . GLN B 1 74 ? -12.063 13.562  9.190   1.00 29.42  ? 74  GLN B CG  1 
ATOM   978  C CD  . GLN B 1 74 ? -13.425 12.870  9.247   1.00 39.01  ? 74  GLN B CD  1 
ATOM   979  O OE1 . GLN B 1 74 ? -14.421 13.313  8.668   1.00 35.12  ? 74  GLN B OE1 1 
ATOM   980  N NE2 . GLN B 1 74 ? -13.574 11.793  10.007  1.00 40.98  ? 74  GLN B NE2 1 
ATOM   981  N N   . THR B 1 75 ? -10.943 17.318  6.514   1.00 24.51  ? 75  THR B N   1 
ATOM   982  C CA  . THR B 1 75 ? -10.861 17.992  5.224   1.00 25.26  ? 75  THR B CA  1 
ATOM   983  C C   . THR B 1 75 ? -9.413  18.253  4.832   1.00 22.22  ? 75  THR B C   1 
ATOM   984  O O   . THR B 1 75 ? -9.103  18.053  3.667   1.00 18.96  ? 75  THR B O   1 
ATOM   985  C CB  . THR B 1 75 ? -11.637 19.341  5.240   1.00 28.96  ? 75  THR B CB  1 
ATOM   986  O OG1 . THR B 1 75 ? -13.003 19.059  5.602   1.00 31.39  ? 75  THR B OG1 1 
ATOM   987  C CG2 . THR B 1 75 ? -11.617 20.032  3.870   1.00 19.02  ? 75  THR B CG2 1 
ATOM   988  N N   . ARG B 1 76 ? -8.503  18.672  5.714   1.00 19.77  ? 76  ARG B N   1 
ATOM   989  C CA  . ARG B 1 76 ? -7.105  18.852  5.388   1.00 24.07  ? 76  ARG B CA  1 
ATOM   990  C C   . ARG B 1 76 ? -6.485  17.516  5.061   1.00 24.74  ? 76  ARG B C   1 
ATOM   991  O O   . ARG B 1 76 ? -5.641  17.499  4.170   1.00 18.27  ? 76  ARG B O   1 
ATOM   992  C CB  . ARG B 1 76 ? -6.288  19.371  6.525   1.00 23.04  ? 76  ARG B CB  1 
ATOM   993  C CG  . ARG B 1 76 ? -6.716  20.727  6.897   1.00 44.22  ? 76  ARG B CG  1 
ATOM   994  C CD  . ARG B 1 76 ? -5.788  21.801  6.343   1.00 68.68  ? 76  ARG B CD  1 
ATOM   995  N NE  . ARG B 1 76 ? -5.591  21.902  4.894   1.00 78.78  ? 76  ARG B NE  1 
ATOM   996  C CZ  . ARG B 1 76 ? -6.422  22.479  3.999   1.00 77.91  ? 76  ARG B CZ  1 
ATOM   997  N NH1 . ARG B 1 76 ? -7.685  22.884  4.289   1.00 67.19  ? 76  ARG B NH1 1 
ATOM   998  N NH2 . ARG B 1 76 ? -5.988  22.478  2.736   1.00 79.47  ? 76  ARG B NH2 1 
ATOM   999  N N   . ALA B 1 77 ? -6.831  16.437  5.783   1.00 18.53  ? 77  ALA B N   1 
ATOM   1000 C CA  . ALA B 1 77 ? -6.310  15.113  5.488   1.00 19.48  ? 77  ALA B CA  1 
ATOM   1001 C C   . ALA B 1 77 ? -6.759  14.623  4.124   1.00 21.23  ? 77  ALA B C   1 
ATOM   1002 O O   . ALA B 1 77 ? -5.935  14.130  3.367   1.00 22.07  ? 77  ALA B O   1 
ATOM   1003 C CB  . ALA B 1 77 ? -6.780  14.090  6.498   1.00 17.98  ? 77  ALA B CB  1 
ATOM   1004 N N   . ALA B 1 78 ? -8.011  14.744  3.733   1.00 17.15  ? 78  ALA B N   1 
ATOM   1005 C CA  . ALA B 1 78 ? -8.453  14.336  2.415   1.00 17.25  ? 78  ALA B CA  1 
ATOM   1006 C C   . ALA B 1 78 ? -7.784  15.151  1.311   1.00 23.45  ? 78  ALA B C   1 
ATOM   1007 O O   . ALA B 1 78 ? -7.404  14.622  0.270   1.00 20.70  ? 78  ALA B O   1 
ATOM   1008 C CB  . ALA B 1 78 ? -9.933  14.513  2.274   1.00 14.64  ? 78  ALA B CB  1 
ATOM   1009 N N   . LEU B 1 79 ? -7.531  16.432  1.497   1.00 20.03  ? 79  LEU B N   1 
ATOM   1010 C CA  . LEU B 1 79 ? -6.876  17.245  0.487   1.00 19.69  ? 79  LEU B CA  1 
ATOM   1011 C C   . LEU B 1 79 ? -5.415  16.858  0.313   1.00 19.75  ? 79  LEU B C   1 
ATOM   1012 O O   . LEU B 1 79 ? -4.914  16.791  -0.788  1.00 23.92  ? 79  LEU B O   1 
ATOM   1013 C CB  . LEU B 1 79 ? -7.001  18.746  0.865   1.00 19.93  ? 79  LEU B CB  1 
ATOM   1014 C CG  . LEU B 1 79 ? -8.405  19.396  0.791   1.00 20.96  ? 79  LEU B CG  1 
ATOM   1015 C CD1 . LEU B 1 79 ? -8.300  20.769  1.399   1.00 20.84  ? 79  LEU B CD1 1 
ATOM   1016 C CD2 . LEU B 1 79 ? -8.921  19.540  -0.628  1.00 19.01  ? 79  LEU B CD2 1 
ATOM   1017 N N   . MET B 1 80 ? -4.723  16.504  1.377   1.00 16.39  ? 80  MET B N   1 
ATOM   1018 C CA  . MET B 1 80 ? -3.340  16.060  1.319   1.00 17.42  ? 80  MET B CA  1 
ATOM   1019 C C   . MET B 1 80 ? -3.192  14.703  0.645   1.00 19.22  ? 80  MET B C   1 
ATOM   1020 O O   . MET B 1 80 ? -2.172  14.357  0.049   1.00 17.26  ? 80  MET B O   1 
ATOM   1021 C CB  . MET B 1 80 ? -2.836  16.052  2.748   1.00 15.41  ? 80  MET B CB  1 
ATOM   1022 C CG  . MET B 1 80 ? -1.527  15.472  3.046   1.00 29.97  ? 80  MET B CG  1 
ATOM   1023 S SD  . MET B 1 80 ? -1.178  15.954  4.744   1.00 37.59  ? 80  MET B SD  1 
ATOM   1024 C CE  . MET B 1 80 ? 0.541   15.608  4.641   1.00 22.88  ? 80  MET B CE  1 
ATOM   1025 N N   . MET B 1 81 ? -4.215  13.892  0.811   1.00 17.32  ? 81  MET B N   1 
ATOM   1026 C CA  . MET B 1 81 ? -4.236  12.580  0.258   1.00 20.53  ? 81  MET B CA  1 
ATOM   1027 C C   . MET B 1 81 ? -4.710  12.594  -1.180  1.00 20.68  ? 81  MET B C   1 
ATOM   1028 O O   . MET B 1 81 ? -4.435  11.658  -1.932  1.00 21.45  ? 81  MET B O   1 
ATOM   1029 C CB  . MET B 1 81 ? -5.139  11.698  1.128   1.00 14.29  ? 81  MET B CB  1 
ATOM   1030 C CG  . MET B 1 81 ? -4.396  11.183  2.357   1.00 22.16  ? 81  MET B CG  1 
ATOM   1031 S SD  . MET B 1 81 ? -5.551  10.126  3.263   1.00 36.02  ? 81  MET B SD  1 
ATOM   1032 C CE  . MET B 1 81 ? -4.640  8.634   3.219   1.00 37.51  ? 81  MET B CE  1 
ATOM   1033 N N   . GLY B 1 82 ? -5.430  13.609  -1.595  1.00 15.15  ? 82  GLY B N   1 
ATOM   1034 C CA  . GLY B 1 82 ? -5.945  13.668  -2.913  1.00 16.39  ? 82  GLY B CA  1 
ATOM   1035 C C   . GLY B 1 82 ? -7.222  12.894  -2.967  1.00 22.92  ? 82  GLY B C   1 
ATOM   1036 O O   . GLY B 1 82 ? -7.607  12.519  -4.073  1.00 23.68  ? 82  GLY B O   1 
ATOM   1037 N N   . ILE B 1 83 ? -7.887  12.545  -1.866  1.00 24.71  ? 83  ILE B N   1 
ATOM   1038 C CA  . ILE B 1 83 ? -9.182  11.883  -2.017  1.00 21.40  ? 83  ILE B CA  1 
ATOM   1039 C C   . ILE B 1 83 ? -10.276 12.823  -1.509  1.00 27.18  ? 83  ILE B C   1 
ATOM   1040 O O   . ILE B 1 83 ? -9.997  13.910  -0.961  1.00 27.23  ? 83  ILE B O   1 
ATOM   1041 C CB  . ILE B 1 83 ? -9.244  10.525  -1.238  1.00 24.43  ? 83  ILE B CB  1 
ATOM   1042 C CG1 . ILE B 1 83 ? -8.899  10.742  0.196   1.00 20.89  ? 83  ILE B CG1 1 
ATOM   1043 C CG2 . ILE B 1 83 ? -8.288  9.500   -1.862  1.00 20.47  ? 83  ILE B CG2 1 
ATOM   1044 C CD1 . ILE B 1 83 ? -9.162  9.416   0.889   1.00 18.98  ? 83  ILE B CD1 1 
ATOM   1045 N N   . ASN B 1 84 ? -11.558 12.513  -1.727  1.00 28.67  ? 84  ASN B N   1 
ATOM   1046 C CA  . ASN B 1 84 ? -12.568 13.397  -1.167  1.00 27.92  ? 84  ASN B CA  1 
ATOM   1047 C C   . ASN B 1 84 ? -12.922 12.879  0.235   1.00 34.22  ? 84  ASN B C   1 
ATOM   1048 O O   . ASN B 1 84 ? -12.520 11.777  0.672   1.00 29.54  ? 84  ASN B O   1 
ATOM   1049 C CB  . ASN B 1 84 ? -13.776 13.476  -2.156  1.00 30.33  ? 84  ASN B CB  1 
ATOM   1050 C CG  . ASN B 1 84 ? -14.526 12.203  -2.419  1.00 35.92  ? 84  ASN B CG  1 
ATOM   1051 O OD1 . ASN B 1 84 ? -14.657 11.343  -1.550  1.00 39.90  ? 84  ASN B OD1 1 
ATOM   1052 N ND2 . ASN B 1 84 ? -15.043 12.067  -3.629  1.00 42.91  ? 84  ASN B ND2 1 
ATOM   1053 N N   . ARG B 1 85 ? -13.561 13.753  1.008   1.00 28.78  ? 85  ARG B N   1 
ATOM   1054 C CA  . ARG B 1 85 ? -13.905 13.536  2.405   1.00 32.17  ? 85  ARG B CA  1 
ATOM   1055 C C   . ARG B 1 85 ? -14.634 12.244  2.687   1.00 28.32  ? 85  ARG B C   1 
ATOM   1056 O O   . ARG B 1 85 ? -14.285 11.566  3.648   1.00 33.43  ? 85  ARG B O   1 
ATOM   1057 C CB  . ARG B 1 85 ? -14.750 14.682  2.902   1.00 33.56  ? 85  ARG B CB  1 
ATOM   1058 C CG  . ARG B 1 85 ? -13.988 15.406  3.929   1.00 42.09  ? 85  ARG B CG  1 
ATOM   1059 C CD  . ARG B 1 85 ? -14.320 14.725  5.227   1.00 47.34  ? 85  ARG B CD  1 
ATOM   1060 N NE  . ARG B 1 85 ? -14.621 15.753  6.200   1.00 52.86  ? 85  ARG B NE  1 
ATOM   1061 C CZ  . ARG B 1 85 ? -15.791 16.373  6.214   1.00 55.96  ? 85  ARG B CZ  1 
ATOM   1062 N NH1 . ARG B 1 85 ? -16.763 16.062  5.344   1.00 58.65  ? 85  ARG B NH1 1 
ATOM   1063 N NH2 . ARG B 1 85 ? -15.936 17.363  7.080   1.00 60.08  ? 85  ARG B NH2 1 
ATOM   1064 N N   . GLY B 1 86 ? -15.633 11.861  1.895   1.00 29.37  ? 86  GLY B N   1 
ATOM   1065 C CA  . GLY B 1 86 ? -16.378 10.641  2.171   1.00 38.24  ? 86  GLY B CA  1 
ATOM   1066 C C   . GLY B 1 86 ? -15.587 9.377   1.858   1.00 37.85  ? 86  GLY B C   1 
ATOM   1067 O O   . GLY B 1 86 ? -15.735 8.370   2.552   1.00 36.57  ? 86  GLY B O   1 
ATOM   1068 N N   . THR B 1 87 ? -14.754 9.342   0.835   1.00 32.25  ? 87  THR B N   1 
ATOM   1069 C CA  . THR B 1 87 ? -13.850 8.237   0.658   1.00 23.47  ? 87  THR B CA  1 
ATOM   1070 C C   . THR B 1 87 ? -12.988 8.030   1.894   1.00 24.83  ? 87  THR B C   1 
ATOM   1071 O O   . THR B 1 87 ? -12.798 6.874   2.319   1.00 30.79  ? 87  THR B O   1 
ATOM   1072 C CB  . THR B 1 87 ? -13.022 8.560   -0.542  1.00 23.24  ? 87  THR B CB  1 
ATOM   1073 O OG1 . THR B 1 87 ? -13.929 8.601   -1.633  1.00 26.33  ? 87  THR B OG1 1 
ATOM   1074 C CG2 . THR B 1 87 ? -11.874 7.596   -0.722  1.00 25.43  ? 87  THR B CG2 1 
ATOM   1075 N N   . LEU B 1 88 ? -12.442 9.136   2.418   1.00 28.19  ? 88  LEU B N   1 
ATOM   1076 C CA  . LEU B 1 88 ? -11.608 9.066   3.608   1.00 23.92  ? 88  LEU B CA  1 
ATOM   1077 C C   . LEU B 1 88 ? -12.381 8.555   4.800   1.00 27.85  ? 88  LEU B C   1 
ATOM   1078 O O   . LEU B 1 88 ? -11.813 7.840   5.630   1.00 24.87  ? 88  LEU B O   1 
ATOM   1079 C CB  . LEU B 1 88 ? -11.045 10.419  4.017   1.00 26.22  ? 88  LEU B CB  1 
ATOM   1080 C CG  . LEU B 1 88 ? -10.290 10.512  5.365   1.00 27.09  ? 88  LEU B CG  1 
ATOM   1081 C CD1 . LEU B 1 88 ? -8.970  9.832   5.292   1.00 25.32  ? 88  LEU B CD1 1 
ATOM   1082 C CD2 . LEU B 1 88 ? -9.987  11.959  5.676   1.00 27.01  ? 88  LEU B CD2 1 
ATOM   1083 N N   . ARG B 1 89 ? -13.650 8.966   4.923   1.00 30.36  ? 89  ARG B N   1 
ATOM   1084 C CA  . ARG B 1 89 ? -14.519 8.484   5.998   1.00 34.47  ? 89  ARG B CA  1 
ATOM   1085 C C   . ARG B 1 89 ? -14.857 7.009   5.879   1.00 30.23  ? 89  ARG B C   1 
ATOM   1086 O O   . ARG B 1 89 ? -14.780 6.330   6.904   1.00 35.49  ? 89  ARG B O   1 
ATOM   1087 C CB  . ARG B 1 89 ? -15.841 9.202   6.050   1.00 38.93  ? 89  ARG B CB  1 
ATOM   1088 C CG  . ARG B 1 89 ? -15.700 10.421  6.899   1.00 52.84  ? 89  ARG B CG  1 
ATOM   1089 C CD  . ARG B 1 89 ? -17.014 11.184  6.947   1.00 58.34  ? 89  ARG B CD  1 
ATOM   1090 N NE  . ARG B 1 89 ? -16.725 12.264  7.864   1.00 72.45  ? 89  ARG B NE  1 
ATOM   1091 C CZ  . ARG B 1 89 ? -17.357 13.439  7.879   1.00 79.49  ? 89  ARG B CZ  1 
ATOM   1092 N NH1 . ARG B 1 89 ? -18.300 13.744  6.946   1.00 75.15  ? 89  ARG B NH1 1 
ATOM   1093 N NH2 . ARG B 1 89 ? -16.933 14.301  8.829   1.00 84.22  ? 89  ARG B NH2 1 
ATOM   1094 N N   . LYS B 1 90 ? -15.190 6.500   4.690   1.00 30.22  ? 90  LYS B N   1 
ATOM   1095 C CA  . LYS B 1 90 ? -15.417 5.084   4.472   1.00 34.97  ? 90  LYS B CA  1 
ATOM   1096 C C   . LYS B 1 90 ? -14.221 4.252   4.914   1.00 34.34  ? 90  LYS B C   1 
ATOM   1097 O O   . LYS B 1 90 ? -14.384 3.130   5.429   1.00 44.29  ? 90  LYS B O   1 
ATOM   1098 C CB  . LYS B 1 90 ? -15.714 4.848   2.981   1.00 37.46  ? 90  LYS B CB  1 
ATOM   1099 C CG  . LYS B 1 90 ? -15.176 3.545   2.335   1.00 58.75  ? 90  LYS B CG  1 
ATOM   1100 C CD  . LYS B 1 90 ? -15.755 3.199   0.960   1.00 75.29  ? 90  LYS B CD  1 
ATOM   1101 C CE  . LYS B 1 90 ? -15.554 4.220   -0.192  1.00 87.55  ? 90  LYS B CE  1 
ATOM   1102 N NZ  . LYS B 1 90 ? -14.242 4.163   -0.822  1.00 95.70  ? 90  LYS B NZ  1 
ATOM   1103 N N   . LYS B 1 91 ? -13.002 4.744   4.670   1.00 32.14  ? 91  LYS B N   1 
ATOM   1104 C CA  . LYS B 1 91 ? -11.800 4.012   5.036   1.00 25.77  ? 91  LYS B CA  1 
ATOM   1105 C C   . LYS B 1 91 ? -11.518 4.084   6.531   1.00 24.44  ? 91  LYS B C   1 
ATOM   1106 O O   . LYS B 1 91 ? -11.097 3.086   7.125   1.00 29.11  ? 91  LYS B O   1 
ATOM   1107 C CB  . LYS B 1 91 ? -10.604 4.558   4.247   1.00 27.84  ? 91  LYS B CB  1 
ATOM   1108 C CG  . LYS B 1 91 ? -10.757 4.363   2.747   1.00 33.02  ? 91  LYS B CG  1 
ATOM   1109 C CD  . LYS B 1 91 ? -9.595  4.968   1.956   1.00 38.35  ? 91  LYS B CD  1 
ATOM   1110 C CE  . LYS B 1 91 ? -9.675  4.625   0.463   1.00 42.49  ? 91  LYS B CE  1 
ATOM   1111 N NZ  . LYS B 1 91 ? -9.427  3.212   0.178   1.00 42.48  ? 91  LYS B NZ  1 
ATOM   1112 N N   . LEU B 1 92 ? -11.772 5.212   7.190   1.00 28.57  ? 92  LEU B N   1 
ATOM   1113 C CA  . LEU B 1 92 ? -11.586 5.332   8.628   1.00 29.32  ? 92  LEU B CA  1 
ATOM   1114 C C   . LEU B 1 92 ? -12.494 4.331   9.362   1.00 32.71  ? 92  LEU B C   1 
ATOM   1115 O O   . LEU B 1 92 ? -12.079 3.622   10.275  1.00 33.02  ? 92  LEU B O   1 
ATOM   1116 C CB  . LEU B 1 92 ? -11.915 6.758   9.051   1.00 22.29  ? 92  LEU B CB  1 
ATOM   1117 C CG  . LEU B 1 92 ? -10.956 7.882   8.722   1.00 30.96  ? 92  LEU B CG  1 
ATOM   1118 C CD1 . LEU B 1 92 ? -11.708 9.181   8.941   1.00 30.98  ? 92  LEU B CD1 1 
ATOM   1119 C CD2 . LEU B 1 92 ? -9.680  7.804   9.557   1.00 25.51  ? 92  LEU B CD2 1 
ATOM   1120 N N   . LYS B 1 93 ? -13.744 4.235   8.911   1.00 35.42  ? 93  LYS B N   1 
ATOM   1121 C CA  . LYS B 1 93 ? -14.730 3.319   9.451   1.00 43.32  ? 93  LYS B CA  1 
ATOM   1122 C C   . LYS B 1 93 ? -14.267 1.884   9.270   1.00 47.67  ? 93  LYS B C   1 
ATOM   1123 O O   . LYS B 1 93 ? -14.348 1.077   10.194  1.00 54.48  ? 93  LYS B O   1 
ATOM   1124 C CB  . LYS B 1 93 ? -16.075 3.463   8.742   1.00 40.20  ? 93  LYS B CB  1 
ATOM   1125 C CG  . LYS B 1 93 ? -16.997 4.593   9.168   1.00 62.27  ? 93  LYS B CG  1 
ATOM   1126 C CD  . LYS B 1 93 ? -16.282 5.922   9.341   1.00 71.29  ? 93  LYS B CD  1 
ATOM   1127 C CE  . LYS B 1 93 ? -17.190 7.136   9.367   1.00 78.69  ? 93  LYS B CE  1 
ATOM   1128 N NZ  . LYS B 1 93 ? -16.453 8.116   10.127  1.00 81.42  ? 93  LYS B NZ  1 
ATOM   1129 N N   . LYS B 1 94 ? -13.729 1.530   8.100   1.00 47.54  ? 94  LYS B N   1 
ATOM   1130 C CA  . LYS B 1 94 ? -13.277 0.168   7.813   1.00 45.86  ? 94  LYS B CA  1 
ATOM   1131 C C   . LYS B 1 94 ? -12.277 -0.379  8.829   1.00 38.20  ? 94  LYS B C   1 
ATOM   1132 O O   . LYS B 1 94 ? -12.223 -1.560  9.164   1.00 39.19  ? 94  LYS B O   1 
ATOM   1133 C CB  . LYS B 1 94 ? -12.653 0.178   6.427   1.00 43.93  ? 94  LYS B CB  1 
ATOM   1134 C CG  . LYS B 1 94 ? -12.461 -1.189  5.790   1.00 51.68  ? 94  LYS B CG  1 
ATOM   1135 C CD  . LYS B 1 94 ? -12.040 -1.124  4.311   1.00 46.48  ? 94  LYS B CD  1 
ATOM   1136 C CE  . LYS B 1 94 ? -12.838 -0.099  3.455   1.00 67.78  ? 94  LYS B CE  1 
ATOM   1137 N NZ  . LYS B 1 94 ? -14.275 -0.026  3.725   1.00 73.44  ? 94  LYS B NZ  1 
ATOM   1138 N N   . TYR B 1 95 ? -11.430 0.527   9.279   1.00 34.94  ? 95  TYR B N   1 
ATOM   1139 C CA  . TYR B 1 95 ? -10.369 0.183   10.189  1.00 39.55  ? 95  TYR B CA  1 
ATOM   1140 C C   . TYR B 1 95 ? -10.679 0.658   11.612  1.00 46.59  ? 95  TYR B C   1 
ATOM   1141 O O   . TYR B 1 95 ? -9.798  0.676   12.481  1.00 45.55  ? 95  TYR B O   1 
ATOM   1142 C CB  . TYR B 1 95 ? -9.074  0.815   9.645   1.00 36.73  ? 95  TYR B CB  1 
ATOM   1143 C CG  . TYR B 1 95 ? -8.784  0.368   8.233   1.00 34.16  ? 95  TYR B CG  1 
ATOM   1144 C CD1 . TYR B 1 95 ? -8.566  -0.964  7.995   1.00 36.83  ? 95  TYR B CD1 1 
ATOM   1145 C CD2 . TYR B 1 95 ? -8.740  1.290   7.216   1.00 36.42  ? 95  TYR B CD2 1 
ATOM   1146 C CE1 . TYR B 1 95 ? -8.304  -1.392  6.718   1.00 32.39  ? 95  TYR B CE1 1 
ATOM   1147 C CE2 . TYR B 1 95 ? -8.471  0.872   5.933   1.00 31.67  ? 95  TYR B CE2 1 
ATOM   1148 C CZ  . TYR B 1 95 ? -8.257  -0.469  5.705   1.00 38.38  ? 95  TYR B CZ  1 
ATOM   1149 O OH  . TYR B 1 95 ? -7.955  -0.940  4.456   1.00 36.67  ? 95  TYR B OH  1 
ATOM   1150 N N   . GLY B 1 96 ? -11.942 1.051   11.852  1.00 47.36  ? 96  GLY B N   1 
ATOM   1151 C CA  . GLY B 1 96 ? -12.420 1.540   13.137  1.00 52.07  ? 96  GLY B CA  1 
ATOM   1152 C C   . GLY B 1 96 ? -11.710 2.783   13.651  1.00 59.24  ? 96  GLY B C   1 
ATOM   1153 O O   . GLY B 1 96 ? -11.198 2.806   14.777  1.00 66.57  ? 96  GLY B O   1 
ATOM   1154 N N   . MET B 1 97 ? -11.747 3.866   12.877  1.00 60.36  ? 97  MET B N   1 
ATOM   1155 C CA  . MET B 1 97 ? -10.995 5.059   13.224  1.00 63.07  ? 97  MET B CA  1 
ATOM   1156 C C   . MET B 1 97 ? -11.801 6.357   13.293  1.00 68.03  ? 97  MET B C   1 
ATOM   1157 O O   . MET B 1 97 ? -11.269 7.483   13.364  1.00 74.59  ? 97  MET B O   1 
ATOM   1158 C CB  . MET B 1 97 ? -9.860  5.168   12.215  1.00 59.39  ? 97  MET B CB  1 
ATOM   1159 C CG  . MET B 1 97 ? -8.886  4.011   12.305  1.00 56.83  ? 97  MET B CG  1 
ATOM   1160 S SD  . MET B 1 97 ? -7.543  4.197   11.125  1.00 53.94  ? 97  MET B SD  1 
ATOM   1161 C CE  . MET B 1 97 ? -6.146  4.270   12.214  1.00 59.45  ? 97  MET B CE  1 
ATOM   1162 N N   . ASN B 1 98 ? -13.113 6.160   13.334  1.00 76.46  ? 98  ASN B N   1 
ATOM   1163 C CA  . ASN B 1 98 ? -14.198 7.155   13.342  1.00 83.27  ? 98  ASN B CA  1 
ATOM   1164 C C   . ASN B 1 98 ? -15.376 6.315   12.808  1.00 84.65  ? 98  ASN B C   1 
ATOM   1165 O O   . ASN B 1 98 ? -16.457 6.877   12.632  1.00 92.61  ? 98  ASN B O   1 
ATOM   1166 C CB  . ASN B 1 98 ? -13.953 8.400   12.357  1.00 84.78  ? 98  ASN B CB  1 
ATOM   1167 C CG  . ASN B 1 98 ? -14.895 9.642   12.355  1.00 83.78  ? 98  ASN B CG  1 
ATOM   1168 O OD1 . ASN B 1 98 ? -15.521 10.015  11.328  1.00 71.96  ? 98  ASN B OD1 1 
ATOM   1169 N ND2 . ASN B 1 98 ? -15.020 10.392  13.445  1.00 82.15  ? 98  ASN B ND2 1 
ATOM   1170 O OXT . ASN B 1 98 ? -15.225 5.123   12.501  1.00 80.19  ? 98  ASN B OXT 1 
ATOM   1171 N N   . UNK C 2 1  ? 2.403   -9.403  3.171   1.00 75.76  ? 20  UNK C N   1 
ATOM   1172 C CA  . UNK C 2 1  ? 1.554   -9.278  4.335   1.00 65.30  ? 20  UNK C CA  1 
ATOM   1173 C C   . UNK C 2 1  ? 2.486   -8.668  5.358   1.00 69.40  ? 20  UNK C C   1 
ATOM   1174 O O   . UNK C 2 1  ? 3.479   -8.106  4.911   1.00 77.63  ? 20  UNK C O   1 
ATOM   1175 C CB  . UNK C 2 1  ? 1.121   -10.619 4.819   1.00 72.87  ? 20  UNK C CB  1 
ATOM   1176 N N   . UNK C 2 2  ? 2.300   -8.856  6.657   1.00 67.37  ? 21  UNK C N   1 
ATOM   1177 C CA  . UNK C 2 2  ? 3.046   -8.128  7.681   1.00 68.92  ? 21  UNK C CA  1 
ATOM   1178 C C   . UNK C 2 2  ? 4.545   -8.292  8.020   1.00 64.26  ? 21  UNK C C   1 
ATOM   1179 O O   . UNK C 2 2  ? 5.036   -7.415  8.699   1.00 69.19  ? 21  UNK C O   1 
ATOM   1180 C CB  . UNK C 2 2  ? 2.280   -8.304  8.977   1.00 69.88  ? 21  UNK C CB  1 
ATOM   1181 N N   . UNK C 2 3  ? 5.299   -9.306  7.608   1.00 62.99  ? 22  UNK C N   1 
ATOM   1182 C CA  . UNK C 2 3  ? 6.687   -9.563  7.982   1.00 71.21  ? 22  UNK C CA  1 
ATOM   1183 C C   . UNK C 2 3  ? 7.646   -8.457  8.472   1.00 74.66  ? 22  UNK C C   1 
ATOM   1184 O O   . UNK C 2 3  ? 7.385   -8.116  9.637   1.00 76.60  ? 22  UNK C O   1 
ATOM   1185 C CB  . UNK C 2 3  ? 7.394   -10.365 6.898   1.00 75.82  ? 22  UNK C CB  1 
ATOM   1186 N N   . UNK C 2 4  ? 8.621   -7.870  7.699   1.00 76.64  ? 23  UNK C N   1 
ATOM   1187 C CA  . UNK C 2 4  ? 9.685   -7.201  8.398   1.00 83.57  ? 23  UNK C CA  1 
ATOM   1188 C C   . UNK C 2 4  ? 9.434   -5.785  7.889   1.00 91.32  ? 23  UNK C C   1 
ATOM   1189 O O   . UNK C 2 4  ? 8.528   -5.144  8.363   1.00 99.48  ? 23  UNK C O   1 
ATOM   1190 C CB  . UNK C 2 4  ? 11.103  -7.655  8.012   1.00 69.47  ? 23  UNK C CB  1 
ATOM   1191 O OXT . UNK C 2 4  ? 10.215  -5.215  7.153   1.00 96.99  ? 23  UNK C OXT 1 
ATOM   1192 N N   . UNK D 2 1  ? 5.744   8.559   1.659   1.00 66.77  ? 20  UNK D N   1 
ATOM   1193 C CA  . UNK D 2 1  ? 6.201   8.245   0.320   1.00 65.96  ? 20  UNK D CA  1 
ATOM   1194 C C   . UNK D 2 1  ? 7.464   7.447   0.551   1.00 69.82  ? 20  UNK D C   1 
ATOM   1195 O O   . UNK D 2 1  ? 7.645   7.001   1.684   1.00 77.24  ? 20  UNK D O   1 
ATOM   1196 C CB  . UNK D 2 1  ? 6.558   9.492   -0.447  1.00 73.03  ? 20  UNK D CB  1 
ATOM   1197 N N   . UNK D 2 2  ? 8.376   7.382   -0.414  1.00 73.85  ? 21  UNK D N   1 
ATOM   1198 C CA  . UNK D 2 2  ? 9.522   6.494   -0.352  1.00 75.54  ? 21  UNK D CA  1 
ATOM   1199 C C   . UNK D 2 2  ? 10.529  6.430   0.796   1.00 75.15  ? 21  UNK D C   1 
ATOM   1200 O O   . UNK D 2 2  ? 11.093  5.358   1.046   1.00 72.20  ? 21  UNK D O   1 
ATOM   1201 C CB  . UNK D 2 2  ? 10.324  6.704   -1.634  1.00 77.41  ? 21  UNK D CB  1 
ATOM   1202 N N   . UNK D 2 3  ? 10.721  7.546   1.486   1.00 78.49  ? 22  UNK D N   1 
ATOM   1203 C CA  . UNK D 2 3  ? 11.758  7.749   2.504   1.00 79.47  ? 22  UNK D CA  1 
ATOM   1204 C C   . UNK D 2 3  ? 12.639  6.608   3.044   1.00 76.15  ? 22  UNK D C   1 
ATOM   1205 O O   . UNK D 2 3  ? 13.784  6.480   2.576   1.00 68.53  ? 22  UNK D O   1 
ATOM   1206 C CB  . UNK D 2 3  ? 11.071  8.476   3.667   1.00 77.09  ? 22  UNK D CB  1 
ATOM   1207 N N   . UNK D 2 4  ? 12.096  5.757   3.948   1.00 72.78  ? 23  UNK D N   1 
ATOM   1208 C CA  . UNK D 2 4  ? 12.843  4.709   4.633   1.00 84.43  ? 23  UNK D CA  1 
ATOM   1209 C C   . UNK D 2 4  ? 12.217  3.311   4.661   1.00 90.86  ? 23  UNK D C   1 
ATOM   1210 O O   . UNK D 2 4  ? 12.579  2.557   3.740   1.00 96.08  ? 23  UNK D O   1 
ATOM   1211 C CB  . UNK D 2 4  ? 13.134  5.104   6.089   1.00 87.83  ? 23  UNK D CB  1 
ATOM   1212 O OXT . UNK D 2 4  ? 11.350  3.007   5.516   1.00 87.03  ? 23  UNK D OXT 1 
HETATM 1213 O O   . HOH E 3 .  ? 10.338  -15.131 -11.951 1.00 24.79  ? 99  HOH A O   1 
HETATM 1214 O O   . HOH E 3 .  ? -8.358  -16.266 -5.458  1.00 31.33  ? 100 HOH A O   1 
HETATM 1215 O O   . HOH E 3 .  ? -7.736  -11.303 -18.675 1.00 34.82  ? 101 HOH A O   1 
HETATM 1216 O O   . HOH E 3 .  ? 7.109   13.929  10.811  1.00 29.19  ? 102 HOH A O   1 
HETATM 1217 O O   . HOH E 3 .  ? -10.825 -7.685  -9.030  1.00 42.30  ? 103 HOH A O   1 
HETATM 1218 O O   . HOH E 3 .  ? 1.948   16.740  -4.346  1.00 32.67  ? 104 HOH A O   1 
HETATM 1219 O O   . HOH E 3 .  ? -1.161  5.079   -7.817  1.00 35.63  ? 105 HOH A O   1 
HETATM 1220 O O   . HOH E 3 .  ? -7.436  -9.299  -2.221  1.00 26.17  ? 106 HOH A O   1 
HETATM 1221 O O   . HOH E 3 .  ? -5.123  -18.829 -5.157  1.00 28.55  ? 107 HOH A O   1 
HETATM 1222 O O   . HOH E 3 .  ? 0.787   -14.742 -17.923 1.00 34.14  ? 108 HOH A O   1 
HETATM 1223 O O   . HOH E 3 .  ? 6.195   19.120  8.549   1.00 67.94  ? 109 HOH A O   1 
HETATM 1224 O O   . HOH E 3 .  ? 11.114  -9.505  -9.443  1.00 65.07  ? 110 HOH A O   1 
HETATM 1225 O O   . HOH E 3 .  ? 5.700   -18.339 -17.692 1.00 61.27  ? 111 HOH A O   1 
HETATM 1226 O O   . HOH E 3 .  ? 3.041   -9.822  -17.919 1.00 53.23  ? 112 HOH A O   1 
HETATM 1227 O O   . HOH E 3 .  ? -3.669  1.464   -9.286  1.00 51.35  ? 113 HOH A O   1 
HETATM 1228 O O   . HOH E 3 .  ? 12.094  11.590  2.664   1.00 58.10  ? 114 HOH A O   1 
HETATM 1229 O O   . HOH E 3 .  ? 7.440   15.667  -2.244  1.00 67.62  ? 115 HOH A O   1 
HETATM 1230 O O   . HOH E 3 .  ? -9.870  -13.492 -13.648 1.00 51.98  ? 116 HOH A O   1 
HETATM 1231 O O   . HOH E 3 .  ? 2.456   20.241  -4.858  1.00 58.72  ? 117 HOH A O   1 
HETATM 1232 O O   . HOH E 3 .  ? 15.673  -10.999 -7.498  1.00 65.92  ? 118 HOH A O   1 
HETATM 1233 O O   . HOH E 3 .  ? -5.473  14.253  -6.355  1.00 46.88  ? 119 HOH A O   1 
HETATM 1234 O O   . HOH E 3 .  ? -2.110  1.840   12.237  1.00 51.01  ? 120 HOH A O   1 
HETATM 1235 O O   . HOH E 3 .  ? -6.459  -7.911  -20.094 1.00 71.81  ? 121 HOH A O   1 
HETATM 1236 O O   . HOH E 3 .  ? -9.771  -5.428  -6.615  1.00 56.66  ? 122 HOH A O   1 
HETATM 1237 O O   . HOH E 3 .  ? -8.332  2.763   -3.672  1.00 65.97  ? 123 HOH A O   1 
HETATM 1238 O O   . HOH E 3 .  ? 4.305   -12.108 -17.716 1.00 59.22  ? 124 HOH A O   1 
HETATM 1239 O O   . HOH E 3 .  ? -6.602  1.126   -7.979  1.00 75.26  ? 125 HOH A O   1 
HETATM 1240 O O   . HOH E 3 .  ? 5.529   21.871  6.423   1.00 58.18  ? 126 HOH A O   1 
HETATM 1241 O O   . HOH E 3 .  ? -2.738  -12.793 -22.330 1.00 56.21  ? 127 HOH A O   1 
HETATM 1242 O O   . HOH E 3 .  ? -6.790  3.367   -5.768  1.00 75.43  ? 128 HOH A O   1 
HETATM 1243 O O   . HOH E 3 .  ? 5.412   7.275   -6.154  1.00 79.33  ? 129 HOH A O   1 
HETATM 1244 O O   . HOH E 3 .  ? 5.138   21.096  -3.885  1.00 68.43  ? 130 HOH A O   1 
HETATM 1245 O O   . HOH E 3 .  ? 8.992   -6.729  13.564  1.00 61.97  ? 131 HOH A O   1 
HETATM 1246 O O   . HOH E 3 .  ? 16.849  -10.258 -11.133 1.00 69.41  ? 132 HOH A O   1 
HETATM 1247 O O   . HOH E 3 .  ? 9.644   -2.090  10.853  1.00 71.13  ? 133 HOH A O   1 
HETATM 1248 O O   . HOH F 3 .  ? -6.546  16.941  -3.180  1.00 30.79  ? 99  HOH B O   1 
HETATM 1249 O O   . HOH F 3 .  ? -12.916 17.005  10.811  1.00 39.25  ? 100 HOH B O   1 
HETATM 1250 O O   . HOH F 3 .  ? -3.905  10.626  -4.356  1.00 16.76  ? 101 HOH B O   1 
HETATM 1251 O O   . HOH F 3 .  ? -9.212  16.121  -2.589  1.00 54.07  ? 102 HOH B O   1 
HETATM 1252 O O   . HOH F 3 .  ? 9.045   -2.277  -7.513  1.00 49.79  ? 103 HOH B O   1 
HETATM 1253 O O   . HOH F 3 .  ? -4.381  20.043  3.353   1.00 58.68  ? 104 HOH B O   1 
HETATM 1254 O O   . HOH F 3 .  ? -13.715 18.011  8.400   1.00 44.90  ? 105 HOH B O   1 
HETATM 1255 O O   . HOH F 3 .  ? -3.541  -7.058  7.199   1.00 67.82  ? 106 HOH B O   1 
HETATM 1256 O O   . HOH F 3 .  ? -9.732  -11.942 2.750   1.00 72.41  ? 107 HOH B O   1 
HETATM 1257 O O   . HOH F 3 .  ? -15.875 14.131  0.025   1.00 71.68  ? 108 HOH B O   1 
HETATM 1258 O O   . HOH F 3 .  ? -10.135 17.833  16.055  1.00 64.21  ? 109 HOH B O   1 
HETATM 1259 O O   . HOH F 3 .  ? -9.542  19.213  13.718  1.00 58.31  ? 110 HOH B O   1 
HETATM 1260 O O   . HOH F 3 .  ? -11.775 19.763  12.343  1.00 50.51  ? 111 HOH B O   1 
HETATM 1261 O O   . HOH F 3 .  ? -10.399 -14.402 -4.554  1.00 45.18  ? 112 HOH B O   1 
HETATM 1262 O O   . HOH F 3 .  ? -4.570  20.772  10.857  1.00 59.28  ? 113 HOH B O   1 
HETATM 1263 O O   . HOH F 3 .  ? 11.847  3.761   -8.650  1.00 63.35  ? 114 HOH B O   1 
HETATM 1264 O O   . HOH F 3 .  ? -3.144  -14.779 2.979   1.00 65.64  ? 115 HOH B O   1 
HETATM 1265 O O   . HOH F 3 .  ? -5.607  -16.385 1.627   1.00 48.72  ? 116 HOH B O   1 
HETATM 1266 O O   . HOH F 3 .  ? -6.864  22.259  15.530  1.00 61.97  ? 117 HOH B O   1 
HETATM 1267 O O   . HOH F 3 .  ? -3.087  11.863  17.825  1.00 55.59  ? 118 HOH B O   1 
HETATM 1268 O O   . HOH F 3 .  ? -4.496  9.027   14.378  1.00 53.08  ? 119 HOH B O   1 
HETATM 1269 O O   . HOH F 3 .  ? -8.828  23.060  6.744   1.00 60.52  ? 120 HOH B O   1 
HETATM 1270 O O   . HOH F 3 .  ? 12.136  2.927   -5.563  1.00 63.91  ? 121 HOH B O   1 
HETATM 1271 O O   . HOH F 3 .  ? 10.445  -16.495 -0.482  1.00 64.21  ? 122 HOH B O   1 
HETATM 1272 O O   . HOH F 3 .  ? -8.158  26.272  5.669   1.00 79.24  ? 123 HOH B O   1 
HETATM 1273 O O   . HOH F 3 .  ? -9.145  -17.712 2.373   1.00 77.52  ? 124 HOH B O   1 
HETATM 1274 O O   . HOH F 3 .  ? -1.668  20.353  10.543  1.00 73.45  ? 125 HOH B O   1 
HETATM 1275 O O   . HOH F 3 .  ? -12.030 10.890  12.308  1.00 54.27  ? 126 HOH B O   1 
HETATM 1276 O O   . HOH F 3 .  ? -10.556 3.955   -2.703  1.00 55.72  ? 127 HOH B O   1 
HETATM 1277 O O   . HOH F 3 .  ? -9.644  21.708  12.780  1.00 60.54  ? 128 HOH B O   1 
HETATM 1278 O O   . HOH F 3 .  ? -4.813  12.037  15.720  1.00 54.42  ? 129 HOH B O   1 
HETATM 1279 O O   . HOH F 3 .  ? -16.773 9.059   -2.848  1.00 75.62  ? 130 HOH B O   1 
HETATM 1280 O O   . HOH F 3 .  ? -6.747  0.382   -4.164  1.00 56.71  ? 131 HOH B O   1 
HETATM 1281 O O   . HOH F 3 .  ? -9.294  -10.827 -0.952  1.00 63.63  ? 132 HOH B O   1 
HETATM 1282 O O   . HOH F 3 .  ? -12.395 9.280   -4.208  1.00 75.70  ? 133 HOH B O   1 
HETATM 1283 O O   . HOH F 3 .  ? 15.938  1.890   3.315   1.00 51.58  ? 134 HOH B O   1 
HETATM 1284 O O   . HOH F 3 .  ? 2.509   6.779   15.453  1.00 52.86  ? 135 HOH B O   1 
HETATM 1285 O O   . HOH F 3 .  ? -6.981  21.795  11.811  1.00 55.44  ? 136 HOH B O   1 
HETATM 1286 O O   . HOH F 3 .  ? -1.150  -9.052  8.133   1.00 77.71  ? 137 HOH B O   1 
# 
